data_9IFH
#
_entry.id   9IFH
#
_cell.length_a   102.244
_cell.length_b   63.976
_cell.length_c   170.385
_cell.angle_alpha   90.000
_cell.angle_beta   97.901
_cell.angle_gamma   90.000
#
_symmetry.space_group_name_H-M   'P 1 21 1'
#
loop_
_entity.id
_entity.type
_entity.pdbx_description
1 polymer 'Trypanothione reductase'
2 non-polymer 'FLAVIN-ADENINE DINUCLEOTIDE'
3 non-polymer IMIDAZOLE
4 non-polymer DI(HYDROXYETHYL)ETHER
5 non-polymer 4-methyl-N-phenylpiperazine-1-carboxamide
6 non-polymer 'BROMIDE ION'
7 water water
#
_entity_poly.entity_id   1
_entity_poly.type   'polypeptide(L)'
_entity_poly.pdbx_seq_one_letter_code
;GSHMSKAFDLVVIGAGSGGLEAGWNAATLYGKRVAVVDVQTSHGPPFYAALGGTCVNVGCVPKKLMVTGAQYMDHLRESA
GFGWEFDGSSVKANWKKLIAAKNEAVLDINKSYEGMFNDTEGLDFFLGWGSLESKNVVVVRETADPKSAVKERLQADHIL
LATGSWPQMPAIPGIEHCISSNEAFYLPEPPRRVLTVGGGFISVEFAGIFNAYKPPGGKVTLCYRNNLILRGFDETIREE
VTKQLTANGIEIMTNENPAKVSLNTDGSKHVTFESGKTLDVDVVMMAIGRIPRTNDLQLGNVGVKLTPKGGVQVDEFSRT
NVPNIYAIGDITDRLMLTPVAINEGAALVDTVFGNKPRKTDHTRVASAVFSIPPIGTCGLIEEVAAKEFEKVAVYMSSFT
PLMHNISGSKYKKFVAKIVTNHSDGTVLGVHLLGDGAPEIIQAVGVCLRLNAKISDFYNTIGVHPTSAEELCSMRTPSYY
YVKGEKMEKLPDSNL
;
_entity_poly.pdbx_strand_id   A,B,C,D
#
loop_
_chem_comp.id
_chem_comp.type
_chem_comp.name
_chem_comp.formula
BR non-polymer 'BROMIDE ION' 'Br -1'
FAD non-polymer 'FLAVIN-ADENINE DINUCLEOTIDE' 'C27 H33 N9 O15 P2'
IMD non-polymer IMIDAZOLE 'C3 H5 N2 1'
NZD non-polymer 4-methyl-N-phenylpiperazine-1-carboxamide 'C12 H17 N3 O'
PEG non-polymer DI(HYDROXYETHYL)ETHER 'C4 H10 O3'
#
# COMPACT_ATOMS: atom_id res chain seq x y z
N HIS A 3 -5.77 -45.32 15.03
CA HIS A 3 -5.90 -45.04 13.60
C HIS A 3 -4.52 -44.95 12.95
N MET A 4 -4.32 -45.63 11.83
CA MET A 4 -3.01 -45.71 11.18
C MET A 4 -2.95 -44.84 9.93
N SER A 5 -1.76 -44.36 9.63
CA SER A 5 -1.51 -43.69 8.36
C SER A 5 -1.67 -44.70 7.21
N LYS A 6 -1.96 -44.18 6.04
CA LYS A 6 -2.10 -44.97 4.82
C LYS A 6 -0.92 -44.64 3.91
N ALA A 7 -0.52 -45.60 3.06
CA ALA A 7 0.67 -45.46 2.23
C ALA A 7 0.33 -45.54 0.74
N PHE A 8 1.05 -44.77 -0.08
CA PHE A 8 0.73 -44.68 -1.51
C PHE A 8 2.00 -44.57 -2.33
N ASP A 9 1.89 -44.97 -3.61
CA ASP A 9 2.95 -44.68 -4.57
C ASP A 9 3.00 -43.18 -4.87
N LEU A 10 1.84 -42.55 -4.98
CA LEU A 10 1.72 -41.16 -5.41
C LEU A 10 0.65 -40.48 -4.57
N VAL A 11 0.96 -39.32 -4.00
CA VAL A 11 -0.02 -38.48 -3.35
C VAL A 11 -0.09 -37.16 -4.11
N VAL A 12 -1.30 -36.79 -4.53
CA VAL A 12 -1.54 -35.55 -5.28
C VAL A 12 -2.25 -34.56 -4.36
N ILE A 13 -1.69 -33.36 -4.22
CA ILE A 13 -2.34 -32.33 -3.41
C ILE A 13 -3.06 -31.39 -4.38
N GLY A 14 -4.38 -31.47 -4.41
CA GLY A 14 -5.15 -30.67 -5.35
C GLY A 14 -5.83 -31.53 -6.40
N ALA A 15 -7.15 -31.69 -6.28
CA ALA A 15 -7.89 -32.59 -7.15
C ALA A 15 -8.50 -31.81 -8.32
N GLY A 16 -7.63 -31.14 -9.08
CA GLY A 16 -8.02 -30.25 -10.15
C GLY A 16 -7.67 -30.78 -11.52
N SER A 17 -7.57 -29.85 -12.48
CA SER A 17 -7.38 -30.26 -13.88
C SER A 17 -6.18 -31.17 -14.03
N GLY A 18 -5.01 -30.70 -13.59
CA GLY A 18 -3.80 -31.51 -13.67
C GLY A 18 -3.74 -32.65 -12.67
N GLY A 19 -4.13 -32.40 -11.42
CA GLY A 19 -4.02 -33.44 -10.39
C GLY A 19 -4.88 -34.66 -10.68
N LEU A 20 -6.09 -34.44 -11.19
CA LEU A 20 -6.96 -35.58 -11.50
C LEU A 20 -6.43 -36.36 -12.70
N GLU A 21 -5.90 -35.66 -13.72
CA GLU A 21 -5.33 -36.38 -14.85
C GLU A 21 -4.19 -37.27 -14.41
N ALA A 22 -3.23 -36.71 -13.66
CA ALA A 22 -2.12 -37.51 -13.15
C ALA A 22 -2.62 -38.67 -12.29
N GLY A 23 -3.53 -38.40 -11.35
CA GLY A 23 -3.98 -39.45 -10.44
C GLY A 23 -4.68 -40.60 -11.16
N TRP A 24 -5.65 -40.27 -12.01
CA TRP A 24 -6.35 -41.30 -12.76
C TRP A 24 -5.40 -42.10 -13.65
N ASN A 25 -4.50 -41.41 -14.35
CA ASN A 25 -3.60 -42.13 -15.24
C ASN A 25 -2.67 -43.06 -14.47
N ALA A 26 -2.12 -42.58 -13.34
CA ALA A 26 -1.24 -43.43 -12.53
C ALA A 26 -1.97 -44.69 -12.05
N ALA A 27 -3.22 -44.57 -11.61
CA ALA A 27 -3.92 -45.73 -11.07
C ALA A 27 -4.42 -46.67 -12.17
N THR A 28 -5.08 -46.14 -13.20
CA THR A 28 -5.71 -47.01 -14.19
C THR A 28 -4.76 -47.48 -15.29
N LEU A 29 -3.77 -46.67 -15.66
CA LEU A 29 -2.85 -47.09 -16.72
C LEU A 29 -1.69 -47.92 -16.17
N TYR A 30 -1.20 -47.59 -14.97
CA TYR A 30 0.05 -48.18 -14.49
C TYR A 30 -0.11 -48.94 -13.18
N GLY A 31 -1.33 -49.09 -12.67
CA GLY A 31 -1.57 -49.88 -11.49
C GLY A 31 -0.97 -49.35 -10.20
N LYS A 32 -0.70 -48.04 -10.12
CA LYS A 32 -0.14 -47.52 -8.88
C LYS A 32 -1.25 -47.17 -7.89
N ARG A 33 -0.87 -47.11 -6.62
CA ARG A 33 -1.78 -46.71 -5.55
C ARG A 33 -1.68 -45.21 -5.39
N VAL A 34 -2.82 -44.51 -5.49
CA VAL A 34 -2.84 -43.05 -5.56
C VAL A 34 -3.80 -42.51 -4.51
N ALA A 35 -3.41 -41.41 -3.86
CA ALA A 35 -4.31 -40.62 -3.03
C ALA A 35 -4.37 -39.20 -3.60
N VAL A 36 -5.55 -38.60 -3.59
CA VAL A 36 -5.75 -37.22 -4.05
C VAL A 36 -6.45 -36.44 -2.96
N VAL A 37 -5.96 -35.23 -2.68
CA VAL A 37 -6.44 -34.39 -1.58
C VAL A 37 -7.09 -33.14 -2.16
N ASP A 38 -8.29 -32.80 -1.69
CA ASP A 38 -8.87 -31.48 -1.98
C ASP A 38 -9.70 -31.02 -0.79
N VAL A 39 -10.03 -29.72 -0.78
CA VAL A 39 -10.54 -29.09 0.43
C VAL A 39 -12.06 -29.11 0.52
N GLN A 40 -12.74 -29.50 -0.55
CA GLN A 40 -14.19 -29.37 -0.62
C GLN A 40 -14.68 -30.35 -1.67
N THR A 41 -15.86 -30.93 -1.46
CA THR A 41 -16.36 -31.96 -2.37
C THR A 41 -17.26 -31.41 -3.48
N SER A 42 -17.75 -30.18 -3.36
CA SER A 42 -18.57 -29.58 -4.42
C SER A 42 -18.40 -28.07 -4.37
N HIS A 43 -18.94 -27.41 -5.41
CA HIS A 43 -18.57 -26.04 -5.75
C HIS A 43 -19.08 -25.03 -4.72
N GLY A 44 -18.38 -23.90 -4.61
CA GLY A 44 -18.92 -22.71 -4.01
C GLY A 44 -18.29 -22.31 -2.69
N PRO A 45 -18.88 -21.29 -2.05
CA PRO A 45 -18.37 -20.87 -0.75
C PRO A 45 -18.39 -22.06 0.22
N PRO A 46 -17.43 -22.12 1.14
CA PRO A 46 -16.45 -21.05 1.44
C PRO A 46 -15.18 -21.07 0.60
N PHE A 47 -14.81 -22.18 -0.04
CA PHE A 47 -13.49 -22.29 -0.63
C PHE A 47 -13.52 -22.22 -2.16
N TYR A 48 -14.72 -22.17 -2.75
CA TYR A 48 -15.05 -21.92 -4.16
C TYR A 48 -14.61 -23.06 -5.07
N ALA A 49 -13.30 -23.22 -5.26
CA ALA A 49 -12.77 -24.41 -5.92
C ALA A 49 -12.93 -25.61 -5.00
N ALA A 50 -12.91 -26.80 -5.60
CA ALA A 50 -13.29 -28.03 -4.92
C ALA A 50 -12.88 -29.19 -5.82
N LEU A 51 -13.25 -30.40 -5.43
CA LEU A 51 -13.05 -31.58 -6.28
C LEU A 51 -13.44 -31.28 -7.73
N GLY A 52 -12.50 -31.50 -8.65
CA GLY A 52 -12.65 -31.14 -10.05
C GLY A 52 -11.77 -29.98 -10.47
N GLY A 53 -11.43 -29.09 -9.55
CA GLY A 53 -10.52 -28.00 -9.80
C GLY A 53 -11.20 -26.67 -10.05
N THR A 54 -10.38 -25.70 -10.41
CA THR A 54 -10.89 -24.33 -10.61
C THR A 54 -11.71 -24.23 -11.90
N CYS A 55 -11.31 -24.95 -12.95
CA CYS A 55 -12.02 -24.88 -14.22
C CYS A 55 -13.45 -25.37 -14.07
N VAL A 56 -13.62 -26.53 -13.42
CA VAL A 56 -14.92 -27.16 -13.24
C VAL A 56 -15.81 -26.29 -12.35
N ASN A 57 -15.27 -25.78 -11.24
CA ASN A 57 -16.12 -25.18 -10.20
C ASN A 57 -16.34 -23.68 -10.35
N VAL A 58 -15.29 -22.91 -10.64
CA VAL A 58 -15.40 -21.46 -10.71
C VAL A 58 -14.50 -20.95 -11.83
N GLY A 59 -14.58 -21.59 -12.99
CA GLY A 59 -13.63 -21.34 -14.07
C GLY A 59 -14.24 -21.58 -15.45
N CYS A 60 -13.51 -22.31 -16.32
CA CYS A 60 -13.92 -22.44 -17.72
C CYS A 60 -15.35 -22.95 -17.86
N VAL A 61 -15.75 -23.93 -17.06
CA VAL A 61 -17.02 -24.62 -17.34
C VAL A 61 -18.17 -23.69 -17.00
N PRO A 62 -18.29 -23.15 -15.78
CA PRO A 62 -19.41 -22.23 -15.54
C PRO A 62 -19.32 -20.94 -16.34
N LYS A 63 -18.14 -20.38 -16.53
CA LYS A 63 -18.10 -19.11 -17.24
C LYS A 63 -18.54 -19.28 -18.69
N LYS A 64 -18.24 -20.42 -19.32
CA LYS A 64 -18.68 -20.64 -20.69
C LYS A 64 -20.21 -20.72 -20.77
N LEU A 65 -20.83 -21.39 -19.79
CA LEU A 65 -22.29 -21.42 -19.78
C LEU A 65 -22.87 -20.02 -19.63
N MET A 66 -22.21 -19.19 -18.83
CA MET A 66 -22.72 -17.85 -18.59
C MET A 66 -22.51 -16.95 -19.80
N VAL A 67 -21.37 -17.09 -20.49
CA VAL A 67 -21.18 -16.36 -21.75
C VAL A 67 -22.20 -16.81 -22.80
N THR A 68 -22.47 -18.12 -22.86
CA THR A 68 -23.49 -18.59 -23.78
C THR A 68 -24.84 -17.94 -23.47
N GLY A 69 -25.19 -17.85 -22.18
CA GLY A 69 -26.41 -17.14 -21.80
C GLY A 69 -26.38 -15.68 -22.20
N ALA A 70 -25.22 -15.03 -22.03
CA ALA A 70 -25.11 -13.62 -22.40
C ALA A 70 -25.23 -13.41 -23.91
N GLN A 71 -24.82 -14.40 -24.70
CA GLN A 71 -24.90 -14.27 -26.16
C GLN A 71 -26.33 -14.10 -26.65
N TYR A 72 -27.33 -14.56 -25.88
CA TYR A 72 -28.70 -14.44 -26.34
C TYR A 72 -29.18 -13.00 -26.42
N MET A 73 -28.58 -12.07 -25.68
CA MET A 73 -28.94 -10.67 -25.88
C MET A 73 -28.68 -10.25 -27.32
N ASP A 74 -27.52 -10.64 -27.85
CA ASP A 74 -27.22 -10.38 -29.25
C ASP A 74 -28.16 -11.15 -30.18
N HIS A 75 -28.41 -12.44 -29.90
CA HIS A 75 -29.25 -13.23 -30.80
C HIS A 75 -30.64 -12.64 -30.92
N LEU A 76 -31.26 -12.31 -29.78
CA LEU A 76 -32.61 -11.74 -29.79
C LEU A 76 -32.69 -10.48 -30.64
N ARG A 77 -31.71 -9.58 -30.48
CA ARG A 77 -31.70 -8.37 -31.28
C ARG A 77 -31.42 -8.66 -32.76
N GLU A 78 -30.44 -9.53 -33.03
CA GLU A 78 -30.00 -9.76 -34.40
C GLU A 78 -31.05 -10.52 -35.20
N SER A 79 -31.95 -11.24 -34.53
CA SER A 79 -32.95 -12.02 -35.24
C SER A 79 -33.90 -11.15 -36.04
N ALA A 80 -34.05 -9.86 -35.70
CA ALA A 80 -35.04 -9.04 -36.38
C ALA A 80 -34.68 -8.79 -37.84
N GLY A 81 -33.38 -8.66 -38.14
CA GLY A 81 -32.98 -8.51 -39.52
C GLY A 81 -33.34 -9.69 -40.39
N PHE A 82 -33.53 -10.86 -39.80
CA PHE A 82 -33.90 -12.05 -40.56
C PHE A 82 -35.40 -12.30 -40.53
N GLY A 83 -36.17 -11.34 -40.06
CA GLY A 83 -37.61 -11.42 -40.12
C GLY A 83 -38.31 -11.80 -38.83
N TRP A 84 -37.55 -12.06 -37.77
CA TRP A 84 -38.18 -12.45 -36.51
C TRP A 84 -38.79 -11.23 -35.82
N GLU A 85 -40.04 -11.37 -35.41
CA GLU A 85 -40.77 -10.31 -34.73
C GLU A 85 -41.25 -10.87 -33.39
N PHE A 86 -41.18 -10.03 -32.35
CA PHE A 86 -41.76 -10.38 -31.05
C PHE A 86 -41.77 -9.11 -30.21
N ASP A 87 -42.46 -9.20 -29.07
CA ASP A 87 -42.65 -8.06 -28.18
C ASP A 87 -41.34 -7.71 -27.47
N GLY A 88 -40.58 -6.76 -28.02
CA GLY A 88 -39.29 -6.40 -27.43
C GLY A 88 -39.40 -5.89 -26.01
N SER A 89 -40.49 -5.18 -25.69
CA SER A 89 -40.65 -4.62 -24.35
C SER A 89 -40.86 -5.70 -23.28
N SER A 90 -41.16 -6.94 -23.69
CA SER A 90 -41.37 -8.03 -22.75
C SER A 90 -40.08 -8.76 -22.38
N VAL A 91 -38.95 -8.43 -22.99
CA VAL A 91 -37.73 -9.21 -22.80
C VAL A 91 -37.13 -8.93 -21.43
N LYS A 92 -36.83 -10.00 -20.68
CA LYS A 92 -36.12 -9.87 -19.42
C LYS A 92 -35.04 -10.94 -19.32
N ALA A 93 -33.90 -10.58 -18.75
CA ALA A 93 -32.80 -11.50 -18.51
C ALA A 93 -32.79 -11.89 -17.04
N ASN A 94 -33.17 -13.13 -16.75
CA ASN A 94 -33.33 -13.59 -15.38
C ASN A 94 -32.02 -14.22 -14.90
N TRP A 95 -31.23 -13.43 -14.18
CA TRP A 95 -29.92 -13.88 -13.71
C TRP A 95 -30.02 -15.03 -12.71
N LYS A 96 -31.05 -15.00 -11.85
CA LYS A 96 -31.19 -16.07 -10.87
C LYS A 96 -31.39 -17.42 -11.54
N LYS A 97 -32.15 -17.46 -12.64
CA LYS A 97 -32.33 -18.73 -13.35
C LYS A 97 -31.03 -19.21 -13.98
N LEU A 98 -30.25 -18.28 -14.57
CA LEU A 98 -28.93 -18.62 -15.10
C LEU A 98 -28.03 -19.23 -14.05
N ILE A 99 -27.96 -18.60 -12.88
CA ILE A 99 -27.06 -19.06 -11.82
C ILE A 99 -27.53 -20.40 -11.29
N ALA A 100 -28.85 -20.59 -11.16
CA ALA A 100 -29.35 -21.88 -10.69
C ALA A 100 -29.07 -23.00 -11.70
N ALA A 101 -29.18 -22.72 -12.99
CA ALA A 101 -28.89 -23.75 -13.99
C ALA A 101 -27.41 -24.10 -14.01
N LYS A 102 -26.56 -23.08 -13.94
CA LYS A 102 -25.11 -23.27 -13.81
C LYS A 102 -24.77 -24.09 -12.57
N ASN A 103 -25.36 -23.75 -11.42
CA ASN A 103 -25.04 -24.49 -10.20
C ASN A 103 -25.37 -25.96 -10.35
N GLU A 104 -26.51 -26.27 -10.97
CA GLU A 104 -26.92 -27.66 -11.10
C GLU A 104 -25.99 -28.42 -12.04
N ALA A 105 -25.54 -27.78 -13.11
CA ALA A 105 -24.59 -28.43 -14.02
C ALA A 105 -23.26 -28.72 -13.32
N VAL A 106 -22.74 -27.77 -12.54
CA VAL A 106 -21.45 -27.97 -11.88
C VAL A 106 -21.57 -29.05 -10.82
N LEU A 107 -22.66 -29.04 -10.05
CA LEU A 107 -22.85 -30.04 -9.02
C LEU A 107 -22.94 -31.45 -9.60
N ASP A 108 -23.59 -31.60 -10.76
CA ASP A 108 -23.62 -32.89 -11.43
C ASP A 108 -22.21 -33.40 -11.72
N ILE A 109 -21.31 -32.51 -12.15
CA ILE A 109 -19.92 -32.92 -12.37
C ILE A 109 -19.25 -33.30 -11.05
N ASN A 110 -19.44 -32.48 -10.01
CA ASN A 110 -18.93 -32.81 -8.67
C ASN A 110 -19.32 -34.24 -8.29
N LYS A 111 -20.61 -34.56 -8.42
CA LYS A 111 -21.09 -35.87 -8.00
C LYS A 111 -20.46 -36.97 -8.82
N SER A 112 -20.26 -36.74 -10.12
CA SER A 112 -19.67 -37.80 -10.94
C SER A 112 -18.23 -38.08 -10.54
N TYR A 113 -17.47 -37.03 -10.18
CA TYR A 113 -16.10 -37.22 -9.69
C TYR A 113 -16.10 -38.01 -8.40
N GLU A 114 -17.05 -37.70 -7.51
CA GLU A 114 -17.15 -38.43 -6.25
C GLU A 114 -17.36 -39.92 -6.49
N GLY A 115 -18.13 -40.27 -7.53
CA GLY A 115 -18.37 -41.69 -7.80
C GLY A 115 -17.21 -42.39 -8.45
N MET A 116 -16.40 -41.66 -9.20
CA MET A 116 -15.18 -42.23 -9.78
C MET A 116 -14.26 -42.77 -8.69
N PHE A 117 -14.16 -42.06 -7.58
CA PHE A 117 -13.27 -42.48 -6.50
C PHE A 117 -13.81 -43.72 -5.79
N ASN A 118 -15.12 -43.78 -5.55
CA ASN A 118 -15.70 -44.97 -4.92
C ASN A 118 -15.41 -46.23 -5.71
N ASP A 119 -15.36 -46.12 -7.04
CA ASP A 119 -15.34 -47.30 -7.89
C ASP A 119 -13.94 -47.73 -8.33
N THR A 120 -12.95 -46.84 -8.29
CA THR A 120 -11.69 -47.08 -8.97
C THR A 120 -10.65 -47.63 -8.01
N GLU A 121 -10.14 -48.81 -8.35
CA GLU A 121 -9.09 -49.46 -7.57
C GLU A 121 -7.82 -48.62 -7.57
N GLY A 122 -7.28 -48.38 -6.37
CA GLY A 122 -6.03 -47.64 -6.23
C GLY A 122 -6.13 -46.14 -6.41
N LEU A 123 -7.33 -45.57 -6.39
CA LEU A 123 -7.51 -44.13 -6.55
C LEU A 123 -8.44 -43.67 -5.42
N ASP A 124 -7.87 -43.07 -4.38
CA ASP A 124 -8.59 -42.70 -3.17
C ASP A 124 -8.61 -41.17 -3.02
N PHE A 125 -9.72 -40.65 -2.51
CA PHE A 125 -9.89 -39.22 -2.26
C PHE A 125 -9.89 -38.93 -0.76
N PHE A 126 -9.15 -37.90 -0.34
CA PHE A 126 -9.11 -37.45 1.04
C PHE A 126 -9.49 -35.98 1.13
N LEU A 127 -10.40 -35.67 2.04
CA LEU A 127 -10.93 -34.31 2.21
C LEU A 127 -10.16 -33.57 3.29
N GLY A 128 -9.56 -32.44 2.93
CA GLY A 128 -8.88 -31.58 3.89
C GLY A 128 -7.82 -30.76 3.20
N TRP A 129 -6.96 -30.13 4.01
CA TRP A 129 -5.88 -29.27 3.51
C TRP A 129 -4.57 -30.04 3.58
N GLY A 130 -3.95 -30.23 2.41
CA GLY A 130 -2.72 -31.00 2.34
C GLY A 130 -1.52 -30.10 2.50
N SER A 131 -0.50 -30.61 3.19
CA SER A 131 0.77 -29.88 3.28
C SER A 131 1.90 -30.89 3.42
N LEU A 132 3.13 -30.42 3.21
CA LEU A 132 4.30 -31.28 3.23
C LEU A 132 4.94 -31.29 4.62
N GLU A 133 4.98 -32.47 5.24
CA GLU A 133 5.65 -32.61 6.52
C GLU A 133 7.11 -33.00 6.33
N SER A 134 7.35 -34.00 5.47
CA SER A 134 8.68 -34.44 5.13
C SER A 134 8.65 -34.95 3.70
N LYS A 135 9.83 -35.34 3.20
CA LYS A 135 9.99 -35.77 1.82
C LYS A 135 9.00 -36.86 1.43
N ASN A 136 8.54 -37.68 2.39
CA ASN A 136 7.65 -38.79 2.06
C ASN A 136 6.37 -38.80 2.90
N VAL A 137 5.98 -37.66 3.48
CA VAL A 137 4.74 -37.66 4.27
C VAL A 137 3.95 -36.40 3.95
N VAL A 138 2.70 -36.57 3.52
CA VAL A 138 1.75 -35.47 3.35
C VAL A 138 0.78 -35.53 4.51
N VAL A 139 0.58 -34.39 5.18
CA VAL A 139 -0.39 -34.30 6.26
C VAL A 139 -1.64 -33.62 5.74
N VAL A 140 -2.80 -34.12 6.17
CA VAL A 140 -4.09 -33.55 5.80
C VAL A 140 -4.71 -32.98 7.07
N ARG A 141 -4.93 -31.68 7.11
CA ARG A 141 -5.45 -30.99 8.28
C ARG A 141 -6.85 -30.45 8.02
N GLU A 142 -7.52 -30.02 9.10
CA GLU A 142 -8.89 -29.54 8.98
C GLU A 142 -8.98 -28.17 8.31
N THR A 143 -7.96 -27.32 8.44
CA THR A 143 -7.95 -26.01 7.77
C THR A 143 -6.57 -25.72 7.22
N ALA A 144 -6.47 -24.58 6.54
CA ALA A 144 -5.18 -24.11 6.01
C ALA A 144 -4.18 -23.71 7.09
N ASP A 145 -4.65 -23.48 8.31
CA ASP A 145 -3.78 -23.20 9.46
C ASP A 145 -2.97 -24.44 9.82
N PRO A 146 -1.63 -24.39 9.83
CA PRO A 146 -0.85 -25.58 10.17
C PRO A 146 -0.99 -26.01 11.62
N LYS A 147 -1.68 -25.24 12.47
CA LYS A 147 -1.96 -25.68 13.83
C LYS A 147 -3.31 -26.39 13.93
N SER A 148 -4.05 -26.52 12.83
CA SER A 148 -5.35 -27.17 12.92
C SER A 148 -5.16 -28.68 13.02
N ALA A 149 -6.25 -29.38 13.36
CA ALA A 149 -6.18 -30.80 13.70
C ALA A 149 -5.83 -31.65 12.48
N VAL A 150 -5.08 -32.73 12.74
CA VAL A 150 -4.65 -33.66 11.70
C VAL A 150 -5.74 -34.68 11.42
N LYS A 151 -6.19 -34.77 10.15
CA LYS A 151 -7.15 -35.80 9.79
C LYS A 151 -6.49 -37.08 9.31
N GLU A 152 -5.41 -36.98 8.55
CA GLU A 152 -4.70 -38.14 8.03
C GLU A 152 -3.24 -37.78 7.86
N ARG A 153 -2.40 -38.80 7.86
CA ARG A 153 -1.04 -38.71 7.33
C ARG A 153 -0.93 -39.71 6.19
N LEU A 154 -0.47 -39.24 5.04
CA LEU A 154 -0.37 -40.04 3.82
C LEU A 154 1.10 -40.23 3.48
N GLN A 155 1.60 -41.46 3.63
CA GLN A 155 2.95 -41.77 3.18
C GLN A 155 2.96 -41.88 1.67
N ALA A 156 4.00 -41.34 1.04
CA ALA A 156 4.07 -41.22 -0.41
C ALA A 156 5.50 -41.44 -0.88
N ASP A 157 5.67 -42.32 -1.88
CA ASP A 157 6.96 -42.39 -2.57
C ASP A 157 7.19 -41.18 -3.46
N HIS A 158 6.13 -40.70 -4.10
CA HIS A 158 6.17 -39.56 -5.00
C HIS A 158 5.05 -38.61 -4.62
N ILE A 159 5.32 -37.30 -4.68
CA ILE A 159 4.35 -36.27 -4.29
C ILE A 159 4.18 -35.28 -5.43
N LEU A 160 2.93 -35.01 -5.81
CA LEU A 160 2.59 -34.06 -6.86
C LEU A 160 1.90 -32.83 -6.25
N LEU A 161 2.51 -31.64 -6.42
CA LEU A 161 1.88 -30.38 -6.03
C LEU A 161 1.07 -29.83 -7.21
N ALA A 162 -0.25 -29.72 -7.04
CA ALA A 162 -1.13 -29.27 -8.12
C ALA A 162 -2.28 -28.45 -7.54
N THR A 163 -1.96 -27.46 -6.71
CA THR A 163 -2.94 -26.70 -5.96
C THR A 163 -3.49 -25.47 -6.71
N GLY A 164 -2.99 -25.19 -7.92
CA GLY A 164 -3.58 -24.14 -8.74
C GLY A 164 -3.18 -22.73 -8.34
N SER A 165 -4.11 -21.78 -8.56
CA SER A 165 -3.88 -20.38 -8.27
C SER A 165 -5.10 -19.75 -7.58
N TRP A 166 -5.03 -18.45 -7.35
CA TRP A 166 -5.97 -17.69 -6.53
C TRP A 166 -5.97 -16.23 -6.99
N PRO A 167 -7.10 -15.53 -6.92
CA PRO A 167 -7.12 -14.13 -7.38
C PRO A 167 -6.24 -13.26 -6.51
N GLN A 168 -5.58 -12.32 -7.16
CA GLN A 168 -4.76 -11.33 -6.48
C GLN A 168 -5.60 -10.09 -6.21
N MET A 169 -5.47 -9.52 -5.02
CA MET A 169 -6.24 -8.35 -4.66
C MET A 169 -5.29 -7.21 -4.31
N PRO A 170 -5.45 -6.03 -4.90
CA PRO A 170 -4.50 -4.94 -4.63
C PRO A 170 -4.71 -4.37 -3.24
N ALA A 171 -3.64 -3.84 -2.66
CA ALA A 171 -3.68 -3.30 -1.31
C ALA A 171 -4.04 -1.82 -1.39
N ILE A 172 -5.32 -1.56 -1.60
CA ILE A 172 -5.84 -0.19 -1.65
C ILE A 172 -6.83 -0.03 -0.49
N PRO A 173 -6.99 1.17 0.05
CA PRO A 173 -8.03 1.39 1.06
C PRO A 173 -9.40 1.02 0.51
N GLY A 174 -10.18 0.31 1.31
CA GLY A 174 -11.49 -0.14 0.88
C GLY A 174 -11.52 -1.41 0.06
N ILE A 175 -10.39 -2.12 -0.05
CA ILE A 175 -10.38 -3.36 -0.82
C ILE A 175 -11.40 -4.37 -0.30
N GLU A 176 -11.82 -4.24 0.96
CA GLU A 176 -12.81 -5.15 1.52
C GLU A 176 -14.19 -4.98 0.91
N HIS A 177 -14.45 -3.87 0.21
CA HIS A 177 -15.73 -3.65 -0.46
C HIS A 177 -15.78 -4.27 -1.85
N CYS A 178 -14.72 -4.96 -2.27
CA CYS A 178 -14.57 -5.49 -3.61
C CYS A 178 -14.67 -7.01 -3.57
N ILE A 179 -14.91 -7.62 -4.73
CA ILE A 179 -14.99 -9.07 -4.88
C ILE A 179 -14.03 -9.51 -5.98
N SER A 180 -13.91 -10.83 -6.17
CA SER A 180 -13.14 -11.42 -7.25
C SER A 180 -14.09 -12.23 -8.14
N SER A 181 -13.55 -12.94 -9.14
CA SER A 181 -14.41 -13.80 -9.95
C SER A 181 -15.10 -14.89 -9.13
N ASN A 182 -14.49 -15.34 -8.01
CA ASN A 182 -15.11 -16.38 -7.19
C ASN A 182 -16.49 -15.97 -6.75
N GLU A 183 -16.59 -14.75 -6.19
CA GLU A 183 -17.87 -14.26 -5.68
C GLU A 183 -18.83 -13.92 -6.81
N ALA A 184 -18.30 -13.53 -7.97
CA ALA A 184 -19.16 -13.14 -9.08
C ALA A 184 -20.07 -14.30 -9.52
N PHE A 185 -19.60 -15.54 -9.42
CA PHE A 185 -20.35 -16.72 -9.80
C PHE A 185 -21.55 -16.97 -8.89
N TYR A 186 -21.66 -16.23 -7.79
CA TYR A 186 -22.71 -16.48 -6.82
C TYR A 186 -23.50 -15.22 -6.43
N LEU A 187 -23.38 -14.14 -7.18
CA LEU A 187 -24.12 -12.93 -6.84
C LEU A 187 -25.62 -13.21 -6.81
N PRO A 188 -26.33 -12.85 -5.74
CA PRO A 188 -27.77 -13.15 -5.69
C PRO A 188 -28.57 -12.45 -6.78
N GLU A 189 -28.15 -11.26 -7.19
CA GLU A 189 -28.84 -10.48 -8.20
C GLU A 189 -27.81 -9.89 -9.14
N PRO A 190 -28.16 -9.62 -10.39
CA PRO A 190 -27.20 -9.03 -11.32
C PRO A 190 -27.02 -7.55 -11.02
N PRO A 191 -25.77 -7.07 -11.00
CA PRO A 191 -25.53 -5.66 -10.62
C PRO A 191 -26.04 -4.68 -11.67
N ARG A 192 -26.69 -3.61 -11.19
CA ARG A 192 -27.11 -2.54 -12.09
C ARG A 192 -25.90 -1.80 -12.64
N ARG A 193 -24.97 -1.42 -11.79
CA ARG A 193 -23.72 -0.79 -12.19
C ARG A 193 -22.57 -1.62 -11.65
N VAL A 194 -21.64 -2.00 -12.52
CA VAL A 194 -20.49 -2.81 -12.10
C VAL A 194 -19.24 -2.27 -12.77
N LEU A 195 -18.13 -2.25 -12.01
CA LEU A 195 -16.80 -1.99 -12.53
C LEU A 195 -16.00 -3.28 -12.50
N THR A 196 -15.52 -3.76 -13.65
CA THR A 196 -14.55 -4.84 -13.67
C THR A 196 -13.16 -4.24 -13.88
N VAL A 197 -12.23 -4.57 -12.98
CA VAL A 197 -10.90 -3.98 -12.92
C VAL A 197 -9.90 -4.99 -13.48
N GLY A 198 -9.26 -4.63 -14.59
CA GLY A 198 -8.24 -5.49 -15.18
C GLY A 198 -8.48 -5.52 -16.67
N GLY A 199 -7.40 -5.74 -17.42
CA GLY A 199 -7.46 -5.82 -18.87
C GLY A 199 -7.35 -7.21 -19.45
N GLY A 200 -7.32 -8.25 -18.62
CA GLY A 200 -7.15 -9.61 -19.08
C GLY A 200 -8.46 -10.32 -19.39
N PHE A 201 -8.35 -11.61 -19.71
CA PHE A 201 -9.50 -12.32 -20.25
C PHE A 201 -10.64 -12.45 -19.23
N ILE A 202 -10.31 -12.58 -17.94
CA ILE A 202 -11.39 -12.73 -16.96
C ILE A 202 -12.18 -11.43 -16.83
N SER A 203 -11.50 -10.28 -16.79
CA SER A 203 -12.21 -9.01 -16.73
C SER A 203 -13.10 -8.82 -17.96
N VAL A 204 -12.57 -9.15 -19.14
CA VAL A 204 -13.28 -8.93 -20.39
C VAL A 204 -14.48 -9.85 -20.51
N GLU A 205 -14.28 -11.13 -20.17
CA GLU A 205 -15.38 -12.09 -20.25
C GLU A 205 -16.50 -11.74 -19.29
N PHE A 206 -16.16 -11.32 -18.07
CA PHE A 206 -17.22 -10.99 -17.12
C PHE A 206 -17.91 -9.68 -17.49
N ALA A 207 -17.18 -8.74 -18.08
CA ALA A 207 -17.83 -7.54 -18.58
C ALA A 207 -18.94 -7.89 -19.57
N GLY A 208 -18.69 -8.88 -20.43
CA GLY A 208 -19.72 -9.29 -21.37
C GLY A 208 -20.91 -9.94 -20.70
N ILE A 209 -20.67 -10.75 -19.68
CA ILE A 209 -21.76 -11.43 -18.99
C ILE A 209 -22.64 -10.42 -18.26
N PHE A 210 -22.04 -9.56 -17.43
CA PHE A 210 -22.81 -8.54 -16.71
C PHE A 210 -23.58 -7.64 -17.66
N ASN A 211 -22.99 -7.35 -18.83
CA ASN A 211 -23.64 -6.42 -19.78
C ASN A 211 -24.95 -6.98 -20.31
N ALA A 212 -25.04 -8.30 -20.45
CA ALA A 212 -26.26 -8.90 -20.97
C ALA A 212 -27.34 -9.05 -19.92
N TYR A 213 -26.97 -9.28 -18.66
CA TYR A 213 -27.93 -9.54 -17.60
C TYR A 213 -28.22 -8.32 -16.74
N LYS A 214 -27.64 -7.15 -17.05
CA LYS A 214 -27.85 -5.98 -16.21
C LYS A 214 -29.33 -5.60 -16.21
N PRO A 215 -29.88 -5.15 -15.08
CA PRO A 215 -31.28 -4.69 -15.05
C PRO A 215 -31.45 -3.40 -15.82
N PRO A 216 -32.69 -2.97 -16.04
CA PRO A 216 -32.93 -1.73 -16.79
C PRO A 216 -32.17 -0.53 -16.23
N GLY A 217 -31.57 0.24 -17.14
CA GLY A 217 -30.80 1.39 -16.75
C GLY A 217 -29.43 1.07 -16.19
N GLY A 218 -28.93 -0.13 -16.45
CA GLY A 218 -27.63 -0.51 -15.95
C GLY A 218 -26.49 -0.08 -16.85
N LYS A 219 -25.28 -0.29 -16.36
CA LYS A 219 -24.08 0.08 -17.10
C LYS A 219 -22.91 -0.73 -16.57
N VAL A 220 -22.13 -1.28 -17.50
CA VAL A 220 -20.91 -2.01 -17.18
C VAL A 220 -19.74 -1.14 -17.58
N THR A 221 -18.79 -0.98 -16.66
CA THR A 221 -17.53 -0.28 -16.91
C THR A 221 -16.37 -1.22 -16.65
N LEU A 222 -15.41 -1.25 -17.59
CA LEU A 222 -14.16 -1.98 -17.43
C LEU A 222 -13.04 -0.95 -17.38
N CYS A 223 -12.16 -1.05 -16.38
CA CYS A 223 -11.00 -0.16 -16.32
C CYS A 223 -9.72 -0.98 -16.39
N TYR A 224 -8.68 -0.37 -16.96
CA TYR A 224 -7.39 -1.02 -17.10
C TYR A 224 -6.30 0.05 -16.97
N ARG A 225 -5.23 -0.28 -16.26
CA ARG A 225 -4.25 0.74 -15.89
C ARG A 225 -3.34 1.15 -17.04
N ASN A 226 -3.22 0.33 -18.07
CA ASN A 226 -2.38 0.65 -19.22
C ASN A 226 -3.26 1.08 -20.40
N ASN A 227 -2.65 1.24 -21.58
CA ASN A 227 -3.32 1.94 -22.68
C ASN A 227 -4.30 1.06 -23.46
N LEU A 228 -4.10 -0.25 -23.48
CA LEU A 228 -4.86 -1.10 -24.40
C LEU A 228 -5.05 -2.47 -23.75
N ILE A 229 -6.31 -2.94 -23.66
CA ILE A 229 -6.58 -4.19 -22.96
C ILE A 229 -5.97 -5.38 -23.69
N LEU A 230 -5.94 -6.52 -22.98
CA LEU A 230 -5.63 -7.84 -23.53
C LEU A 230 -4.18 -7.97 -23.99
N ARG A 231 -3.24 -7.49 -23.17
N ARG A 231 -3.24 -7.48 -23.17
N ARG A 231 -3.24 -7.49 -23.17
N ARG A 231 -3.24 -7.48 -23.17
CA ARG A 231 -1.82 -7.63 -23.48
CA ARG A 231 -1.82 -7.67 -23.44
CA ARG A 231 -1.82 -7.63 -23.48
CA ARG A 231 -1.82 -7.67 -23.44
C ARG A 231 -1.47 -9.11 -23.66
C ARG A 231 -1.53 -9.14 -23.71
C ARG A 231 -1.47 -9.11 -23.66
C ARG A 231 -1.53 -9.14 -23.71
N GLY A 232 -0.64 -9.38 -24.67
CA GLY A 232 -0.26 -10.72 -25.05
C GLY A 232 -0.96 -11.25 -26.28
N PHE A 233 -2.10 -10.65 -26.66
CA PHE A 233 -2.86 -11.03 -27.85
C PHE A 233 -2.50 -10.11 -29.00
N ASP A 234 -2.93 -10.52 -30.20
CA ASP A 234 -2.66 -9.76 -31.42
C ASP A 234 -3.18 -8.34 -31.28
N GLU A 235 -2.37 -7.37 -31.72
CA GLU A 235 -2.68 -5.97 -31.43
C GLU A 235 -3.89 -5.49 -32.24
N THR A 236 -3.99 -5.91 -33.52
CA THR A 236 -5.20 -5.62 -34.29
C THR A 236 -6.43 -6.14 -33.56
N ILE A 237 -6.35 -7.36 -33.03
CA ILE A 237 -7.48 -7.93 -32.31
C ILE A 237 -7.74 -7.18 -31.01
N ARG A 238 -6.68 -6.80 -30.29
CA ARG A 238 -6.86 -6.01 -29.07
C ARG A 238 -7.65 -4.74 -29.35
N GLU A 239 -7.28 -4.01 -30.41
CA GLU A 239 -7.98 -2.78 -30.77
C GLU A 239 -9.42 -3.06 -31.19
N GLU A 240 -9.65 -4.13 -31.94
CA GLU A 240 -11.00 -4.42 -32.43
C GLU A 240 -11.94 -4.87 -31.32
N VAL A 241 -11.46 -5.72 -30.41
CA VAL A 241 -12.30 -6.14 -29.28
C VAL A 241 -12.75 -4.93 -28.48
N THR A 242 -11.84 -3.97 -28.28
CA THR A 242 -12.18 -2.74 -27.56
C THR A 242 -13.35 -2.02 -28.22
N LYS A 243 -13.28 -1.87 -29.54
CA LYS A 243 -14.34 -1.20 -30.30
C LYS A 243 -15.65 -1.97 -30.23
N GLN A 244 -15.58 -3.31 -30.22
CA GLN A 244 -16.83 -4.07 -30.29
C GLN A 244 -17.46 -4.19 -28.92
N LEU A 245 -16.65 -4.20 -27.87
CA LEU A 245 -17.19 -4.05 -26.53
C LEU A 245 -17.87 -2.70 -26.39
N THR A 246 -17.18 -1.64 -26.83
CA THR A 246 -17.76 -0.31 -26.78
C THR A 246 -19.08 -0.25 -27.53
N ALA A 247 -19.13 -0.87 -28.71
CA ALA A 247 -20.34 -0.82 -29.54
C ALA A 247 -21.52 -1.51 -28.87
N ASN A 248 -21.27 -2.50 -27.99
CA ASN A 248 -22.35 -3.18 -27.27
C ASN A 248 -22.66 -2.54 -25.92
N GLY A 249 -22.16 -1.33 -25.66
CA GLY A 249 -22.56 -0.57 -24.50
C GLY A 249 -21.64 -0.62 -23.30
N ILE A 250 -20.47 -1.26 -23.42
CA ILE A 250 -19.51 -1.32 -22.31
C ILE A 250 -18.56 -0.13 -22.40
N GLU A 251 -18.43 0.60 -21.30
CA GLU A 251 -17.50 1.72 -21.20
C GLU A 251 -16.13 1.20 -20.79
N ILE A 252 -15.12 1.45 -21.62
CA ILE A 252 -13.76 0.97 -21.35
C ILE A 252 -12.91 2.17 -20.95
N MET A 253 -12.44 2.17 -19.70
CA MET A 253 -11.57 3.20 -19.13
C MET A 253 -10.13 2.72 -19.14
N THR A 254 -9.37 3.09 -20.17
CA THR A 254 -7.95 2.73 -20.15
C THR A 254 -7.14 3.83 -19.47
N ASN A 255 -5.93 3.47 -19.05
CA ASN A 255 -5.02 4.36 -18.33
C ASN A 255 -5.66 4.87 -17.03
N GLU A 256 -6.44 4.01 -16.37
CA GLU A 256 -7.11 4.35 -15.13
C GLU A 256 -6.97 3.19 -14.16
N ASN A 257 -6.88 3.52 -12.87
CA ASN A 257 -6.64 2.49 -11.86
C ASN A 257 -7.24 2.94 -10.53
N PRO A 258 -8.03 2.09 -9.87
CA PRO A 258 -8.65 2.49 -8.61
C PRO A 258 -7.60 2.78 -7.54
N ALA A 259 -7.81 3.87 -6.81
CA ALA A 259 -6.95 4.24 -5.69
C ALA A 259 -7.57 3.90 -4.34
N LYS A 260 -8.89 3.94 -4.23
CA LYS A 260 -9.55 3.62 -2.98
C LYS A 260 -11.02 3.39 -3.28
N VAL A 261 -11.70 2.74 -2.34
CA VAL A 261 -13.14 2.50 -2.44
C VAL A 261 -13.77 2.77 -1.09
N SER A 262 -14.89 3.50 -1.09
CA SER A 262 -15.64 3.76 0.13
C SER A 262 -17.11 3.52 -0.16
N LEU A 263 -17.92 3.47 0.89
CA LEU A 263 -19.35 3.27 0.75
C LEU A 263 -20.04 4.61 0.81
N ASN A 264 -20.91 4.87 -0.17
CA ASN A 264 -21.84 5.97 -0.06
C ASN A 264 -22.87 5.67 1.03
N THR A 265 -23.64 6.70 1.38
CA THR A 265 -24.62 6.53 2.45
C THR A 265 -25.71 5.54 2.06
N ASP A 266 -25.95 5.35 0.78
CA ASP A 266 -26.93 4.35 0.36
C ASP A 266 -26.34 2.96 0.21
N GLY A 267 -25.06 2.77 0.56
CA GLY A 267 -24.45 1.45 0.48
C GLY A 267 -23.78 1.11 -0.84
N SER A 268 -23.94 1.93 -1.88
CA SER A 268 -23.20 1.70 -3.11
C SER A 268 -21.72 2.02 -2.92
N LYS A 269 -20.90 1.59 -3.88
CA LYS A 269 -19.45 1.78 -3.82
C LYS A 269 -19.06 3.06 -4.55
N HIS A 270 -18.27 3.89 -3.90
CA HIS A 270 -17.71 5.11 -4.46
C HIS A 270 -16.24 4.83 -4.75
N VAL A 271 -15.90 4.71 -6.04
CA VAL A 271 -14.53 4.43 -6.49
C VAL A 271 -13.87 5.75 -6.84
N THR A 272 -12.70 6.01 -6.27
CA THR A 272 -11.85 7.11 -6.70
C THR A 272 -10.61 6.53 -7.38
N PHE A 273 -10.36 6.99 -8.60
CA PHE A 273 -9.19 6.56 -9.36
C PHE A 273 -7.99 7.43 -9.02
N GLU A 274 -6.79 6.92 -9.36
CA GLU A 274 -5.58 7.69 -9.15
C GLU A 274 -5.63 9.04 -9.85
N SER A 275 -6.36 9.14 -10.96
CA SER A 275 -6.48 10.39 -11.69
C SER A 275 -7.39 11.39 -11.00
N GLY A 276 -8.23 10.95 -10.07
CA GLY A 276 -9.20 11.81 -9.43
C GLY A 276 -10.61 11.66 -9.97
N LYS A 277 -10.78 11.01 -11.12
CA LYS A 277 -12.11 10.61 -11.56
C LYS A 277 -12.78 9.77 -10.48
N THR A 278 -14.11 9.76 -10.50
CA THR A 278 -14.92 8.99 -9.56
C THR A 278 -15.99 8.22 -10.30
N LEU A 279 -16.40 7.10 -9.73
CA LEU A 279 -17.46 6.27 -10.31
C LEU A 279 -18.23 5.62 -9.18
N ASP A 280 -19.56 5.70 -9.25
CA ASP A 280 -20.44 5.02 -8.30
C ASP A 280 -20.95 3.74 -8.94
N VAL A 281 -20.72 2.60 -8.30
CA VAL A 281 -21.17 1.31 -8.80
C VAL A 281 -21.73 0.48 -7.65
N ASP A 282 -22.42 -0.60 -8.02
CA ASP A 282 -22.94 -1.53 -7.02
C ASP A 282 -22.00 -2.70 -6.73
N VAL A 283 -21.10 -3.03 -7.65
CA VAL A 283 -20.13 -4.11 -7.48
C VAL A 283 -18.81 -3.67 -8.11
N VAL A 284 -17.71 -3.90 -7.38
CA VAL A 284 -16.36 -3.79 -7.91
C VAL A 284 -15.79 -5.19 -7.96
N MET A 285 -15.50 -5.69 -9.16
CA MET A 285 -14.88 -7.00 -9.34
C MET A 285 -13.44 -6.83 -9.80
N MET A 286 -12.51 -7.24 -8.95
CA MET A 286 -11.07 -7.19 -9.24
C MET A 286 -10.68 -8.43 -10.01
N ALA A 287 -10.00 -8.24 -11.16
CA ALA A 287 -9.52 -9.33 -12.01
C ALA A 287 -8.17 -8.90 -12.59
N ILE A 288 -7.25 -8.59 -11.69
CA ILE A 288 -5.95 -8.05 -12.09
C ILE A 288 -4.87 -9.09 -12.14
N GLY A 289 -5.18 -10.35 -11.90
CA GLY A 289 -4.21 -11.41 -12.00
C GLY A 289 -4.51 -12.51 -11.02
N ARG A 290 -3.85 -13.65 -11.25
CA ARG A 290 -3.98 -14.80 -10.35
C ARG A 290 -2.59 -15.26 -9.95
N ILE A 291 -2.42 -15.64 -8.69
CA ILE A 291 -1.09 -16.00 -8.18
C ILE A 291 -1.08 -17.46 -7.74
N PRO A 292 0.04 -18.16 -7.85
CA PRO A 292 0.07 -19.58 -7.48
C PRO A 292 -0.14 -19.77 -5.98
N ARG A 293 -0.80 -20.89 -5.66
CA ARG A 293 -1.24 -21.19 -4.29
C ARG A 293 -0.19 -22.05 -3.59
N THR A 294 0.82 -21.40 -3.01
CA THR A 294 1.89 -22.12 -2.36
C THR A 294 1.93 -21.93 -0.85
N ASN A 295 1.35 -20.85 -0.33
CA ASN A 295 1.50 -20.49 1.07
C ASN A 295 1.14 -21.64 2.01
N ASP A 296 0.06 -22.38 1.70
CA ASP A 296 -0.44 -23.34 2.67
C ASP A 296 0.25 -24.69 2.61
N LEU A 297 1.15 -24.91 1.64
CA LEU A 297 1.80 -26.20 1.46
C LEU A 297 2.94 -26.45 2.43
N GLN A 298 3.43 -25.41 3.12
CA GLN A 298 4.55 -25.51 4.06
C GLN A 298 5.79 -26.05 3.36
N LEU A 299 6.08 -25.48 2.18
CA LEU A 299 7.19 -26.02 1.39
C LEU A 299 8.52 -25.90 2.09
N GLY A 300 8.63 -24.96 3.04
CA GLY A 300 9.86 -24.84 3.81
C GLY A 300 10.24 -26.10 4.55
N ASN A 301 9.26 -26.94 4.90
CA ASN A 301 9.56 -28.14 5.65
C ASN A 301 10.48 -29.07 4.90
N VAL A 302 10.46 -29.02 3.58
CA VAL A 302 11.25 -29.92 2.75
C VAL A 302 12.22 -29.19 1.84
N GLY A 303 12.11 -27.87 1.72
CA GLY A 303 13.05 -27.09 0.94
C GLY A 303 12.74 -26.94 -0.53
N VAL A 304 11.47 -27.05 -0.93
CA VAL A 304 11.11 -26.85 -2.34
C VAL A 304 11.29 -25.40 -2.72
N LYS A 305 12.06 -25.16 -3.79
CA LYS A 305 12.41 -23.79 -4.17
C LYS A 305 11.30 -23.15 -4.99
N LEU A 306 10.96 -21.92 -4.64
CA LEU A 306 10.08 -21.08 -5.44
C LEU A 306 10.91 -20.20 -6.38
N THR A 307 10.27 -19.76 -7.47
CA THR A 307 10.88 -18.79 -8.36
C THR A 307 10.72 -17.40 -7.76
N PRO A 308 11.49 -16.40 -8.25
CA PRO A 308 11.24 -15.03 -7.81
C PRO A 308 9.79 -14.60 -7.97
N LYS A 309 9.14 -15.03 -9.05
CA LYS A 309 7.74 -14.66 -9.25
C LYS A 309 6.84 -15.22 -8.15
N GLY A 310 7.14 -16.42 -7.63
CA GLY A 310 6.37 -16.97 -6.52
C GLY A 310 5.81 -18.37 -6.72
N GLY A 311 6.01 -18.93 -7.91
CA GLY A 311 5.54 -20.26 -8.22
C GLY A 311 6.64 -21.29 -7.97
N VAL A 312 6.22 -22.55 -7.95
CA VAL A 312 7.18 -23.64 -7.73
C VAL A 312 8.11 -23.75 -8.92
N GLN A 313 9.40 -23.72 -8.67
CA GLN A 313 10.36 -23.92 -9.74
C GLN A 313 10.35 -25.36 -10.22
N VAL A 314 10.31 -25.57 -11.54
CA VAL A 314 10.34 -26.91 -12.12
C VAL A 314 11.23 -26.94 -13.35
N ASP A 315 11.76 -28.12 -13.67
CA ASP A 315 12.46 -28.32 -14.93
C ASP A 315 11.45 -28.72 -16.00
N GLU A 316 11.91 -29.06 -17.20
CA GLU A 316 11.03 -29.40 -18.31
C GLU A 316 10.20 -30.65 -18.04
N PHE A 317 10.61 -31.48 -17.07
CA PHE A 317 9.88 -32.68 -16.71
C PHE A 317 9.06 -32.51 -15.43
N SER A 318 8.81 -31.27 -15.02
CA SER A 318 7.99 -30.93 -13.85
C SER A 318 8.62 -31.32 -12.52
N ARG A 319 9.94 -31.49 -12.46
CA ARG A 319 10.61 -31.89 -11.21
C ARG A 319 11.03 -30.65 -10.43
N THR A 320 10.75 -30.65 -9.13
CA THR A 320 11.29 -29.61 -8.25
C THR A 320 12.75 -29.93 -7.92
N ASN A 321 13.37 -29.14 -7.04
CA ASN A 321 14.74 -29.45 -6.59
C ASN A 321 14.79 -30.60 -5.61
N VAL A 322 13.65 -31.07 -5.12
CA VAL A 322 13.58 -32.25 -4.25
C VAL A 322 13.23 -33.45 -5.11
N PRO A 323 14.05 -34.51 -5.13
CA PRO A 323 13.95 -35.54 -6.20
C PRO A 323 12.57 -36.10 -6.51
N ASN A 324 11.80 -36.46 -5.48
CA ASN A 324 10.53 -37.17 -5.66
C ASN A 324 9.31 -36.27 -5.53
N ILE A 325 9.48 -34.96 -5.65
CA ILE A 325 8.37 -34.01 -5.51
C ILE A 325 8.26 -33.24 -6.82
N TYR A 326 7.06 -33.21 -7.39
CA TYR A 326 6.81 -32.64 -8.71
C TYR A 326 5.74 -31.55 -8.58
N ALA A 327 5.60 -30.74 -9.63
CA ALA A 327 4.60 -29.68 -9.66
C ALA A 327 4.15 -29.41 -11.10
N ILE A 328 2.84 -29.26 -11.29
CA ILE A 328 2.23 -28.99 -12.59
C ILE A 328 1.12 -27.96 -12.41
N GLY A 329 0.67 -27.39 -13.52
CA GLY A 329 -0.51 -26.52 -13.49
C GLY A 329 -0.18 -25.09 -13.10
N ASP A 330 -1.21 -24.35 -12.67
CA ASP A 330 -1.04 -22.94 -12.36
C ASP A 330 0.00 -22.70 -11.27
N ILE A 331 0.25 -23.69 -10.42
CA ILE A 331 1.21 -23.47 -9.32
C ILE A 331 2.61 -23.19 -9.86
N THR A 332 2.90 -23.62 -11.09
CA THR A 332 4.19 -23.31 -11.70
C THR A 332 4.21 -21.94 -12.36
N ASP A 333 3.08 -21.22 -12.36
CA ASP A 333 3.02 -19.81 -12.76
C ASP A 333 3.59 -19.58 -14.15
N ARG A 334 3.14 -20.40 -15.11
N ARG A 334 3.11 -20.37 -15.12
N ARG A 334 3.14 -20.40 -15.11
N ARG A 334 3.10 -20.37 -15.11
CA ARG A 334 3.50 -20.26 -16.50
CA ARG A 334 3.50 -20.22 -16.50
CA ARG A 334 3.50 -20.26 -16.50
CA ARG A 334 3.50 -20.21 -16.50
C ARG A 334 2.26 -19.99 -17.33
C ARG A 334 2.26 -19.97 -17.35
C ARG A 334 2.26 -19.99 -17.33
C ARG A 334 2.25 -19.98 -17.35
N LEU A 335 1.85 -20.96 -18.15
CA LEU A 335 0.61 -20.88 -18.91
C LEU A 335 -0.51 -21.41 -18.03
N MET A 336 -1.45 -20.54 -17.66
CA MET A 336 -2.52 -20.92 -16.74
C MET A 336 -3.76 -21.32 -17.55
N LEU A 337 -3.70 -22.54 -18.11
CA LEU A 337 -4.78 -23.12 -18.92
C LEU A 337 -5.03 -24.56 -18.50
N THR A 338 -6.29 -24.95 -18.46
CA THR A 338 -6.65 -26.31 -18.06
C THR A 338 -6.01 -27.39 -18.95
N PRO A 339 -6.05 -27.31 -20.28
CA PRO A 339 -5.45 -28.39 -21.08
C PRO A 339 -3.92 -28.45 -20.98
N VAL A 340 -3.25 -27.36 -20.60
CA VAL A 340 -1.82 -27.47 -20.35
C VAL A 340 -1.54 -28.25 -19.06
N ALA A 341 -2.30 -27.94 -17.98
CA ALA A 341 -2.14 -28.70 -16.74
C ALA A 341 -2.42 -30.20 -16.95
N ILE A 342 -3.48 -30.53 -17.70
CA ILE A 342 -3.79 -31.92 -18.01
C ILE A 342 -2.64 -32.57 -18.75
N ASN A 343 -2.11 -31.90 -19.78
CA ASN A 343 -0.98 -32.44 -20.55
C ASN A 343 0.23 -32.69 -19.66
N GLU A 344 0.59 -31.70 -18.83
CA GLU A 344 1.72 -31.87 -17.91
C GLU A 344 1.52 -33.07 -16.99
N GLY A 345 0.30 -33.24 -16.50
CA GLY A 345 0.01 -34.35 -15.61
C GLY A 345 0.18 -35.70 -16.28
N ALA A 346 -0.35 -35.85 -17.50
CA ALA A 346 -0.18 -37.11 -18.22
C ALA A 346 1.29 -37.37 -18.54
N ALA A 347 2.02 -36.33 -18.96
CA ALA A 347 3.44 -36.51 -19.29
C ALA A 347 4.25 -36.92 -18.06
N LEU A 348 4.00 -36.27 -16.93
CA LEU A 348 4.68 -36.62 -15.69
C LEU A 348 4.48 -38.10 -15.36
N VAL A 349 3.25 -38.58 -15.43
CA VAL A 349 2.94 -39.95 -15.02
C VAL A 349 3.52 -40.96 -16.01
N ASP A 350 3.50 -40.63 -17.30
CA ASP A 350 4.15 -41.49 -18.28
C ASP A 350 5.66 -41.59 -18.01
N THR A 351 6.26 -40.48 -17.59
CA THR A 351 7.71 -40.47 -17.35
C THR A 351 8.05 -41.27 -16.10
N VAL A 352 7.34 -41.01 -15.00
CA VAL A 352 7.71 -41.57 -13.70
C VAL A 352 7.34 -43.04 -13.60
N PHE A 353 6.11 -43.39 -13.98
CA PHE A 353 5.62 -44.73 -13.81
C PHE A 353 5.56 -45.53 -15.11
N GLY A 354 5.76 -44.90 -16.25
CA GLY A 354 5.52 -45.60 -17.51
C GLY A 354 6.73 -45.95 -18.34
N ASN A 355 7.92 -45.60 -17.88
CA ASN A 355 9.17 -45.82 -18.63
C ASN A 355 9.03 -45.31 -20.07
N LYS A 356 8.38 -44.16 -20.23
CA LYS A 356 8.21 -43.52 -21.53
C LYS A 356 8.30 -42.02 -21.32
N PRO A 357 9.52 -41.50 -21.22
CA PRO A 357 9.69 -40.09 -20.85
C PRO A 357 9.09 -39.16 -21.89
N ARG A 358 8.60 -38.02 -21.40
CA ARG A 358 7.85 -37.10 -22.24
C ARG A 358 7.77 -35.76 -21.52
N LYS A 359 7.98 -34.67 -22.25
CA LYS A 359 7.81 -33.34 -21.67
C LYS A 359 6.77 -32.56 -22.46
N THR A 360 6.04 -31.71 -21.74
CA THR A 360 5.00 -30.89 -22.35
C THR A 360 5.61 -29.82 -23.25
N ASP A 361 5.03 -29.64 -24.43
CA ASP A 361 5.41 -28.56 -25.33
C ASP A 361 4.54 -27.35 -25.00
N HIS A 362 5.15 -26.30 -24.47
CA HIS A 362 4.47 -25.06 -24.10
C HIS A 362 4.43 -24.05 -25.24
N THR A 363 4.86 -24.44 -26.43
CA THR A 363 4.77 -23.58 -27.61
C THR A 363 3.60 -24.01 -28.47
N ARG A 364 3.05 -23.04 -29.21
CA ARG A 364 2.02 -23.33 -30.21
C ARG A 364 0.77 -23.89 -29.56
N VAL A 365 0.47 -23.41 -28.35
CA VAL A 365 -0.74 -23.83 -27.64
C VAL A 365 -1.89 -22.97 -28.12
N ALA A 366 -2.92 -23.59 -28.64
CA ALA A 366 -4.13 -22.87 -29.02
C ALA A 366 -4.94 -22.51 -27.77
N SER A 367 -5.59 -21.35 -27.80
CA SER A 367 -6.38 -20.91 -26.65
C SER A 367 -7.45 -19.93 -27.12
N ALA A 368 -8.37 -19.58 -26.23
CA ALA A 368 -9.50 -18.74 -26.63
C ALA A 368 -9.81 -17.69 -25.57
N VAL A 369 -10.48 -16.62 -26.00
CA VAL A 369 -11.11 -15.68 -25.08
C VAL A 369 -12.58 -15.65 -25.43
N PHE A 370 -13.43 -15.98 -24.47
CA PHE A 370 -14.86 -15.95 -24.78
C PHE A 370 -15.47 -14.59 -24.51
N SER A 371 -14.83 -13.55 -25.04
CA SER A 371 -15.48 -12.28 -25.23
C SER A 371 -16.62 -12.43 -26.23
N ILE A 372 -17.41 -11.39 -26.36
CA ILE A 372 -18.47 -11.32 -27.37
C ILE A 372 -18.14 -10.19 -28.32
N PRO A 373 -17.68 -10.50 -29.54
CA PRO A 373 -17.42 -11.83 -30.11
C PRO A 373 -16.08 -12.40 -29.63
N PRO A 374 -15.83 -13.69 -29.81
CA PRO A 374 -14.68 -14.33 -29.16
C PRO A 374 -13.39 -14.32 -29.97
N ILE A 375 -12.30 -14.70 -29.30
CA ILE A 375 -10.95 -14.76 -29.85
C ILE A 375 -10.50 -16.21 -29.88
N GLY A 376 -9.81 -16.60 -30.94
CA GLY A 376 -9.07 -17.85 -30.95
C GLY A 376 -7.69 -17.60 -31.50
N THR A 377 -6.68 -18.17 -30.84
CA THR A 377 -5.29 -17.87 -31.18
C THR A 377 -4.40 -19.08 -30.96
N CYS A 378 -3.30 -19.13 -31.69
CA CYS A 378 -2.31 -20.19 -31.50
C CYS A 378 -0.97 -19.70 -32.01
N GLY A 379 0.05 -19.73 -31.16
CA GLY A 379 1.39 -19.33 -31.60
C GLY A 379 1.69 -17.87 -31.38
N LEU A 380 2.68 -17.37 -32.13
CA LEU A 380 3.29 -16.08 -31.83
C LEU A 380 2.54 -14.90 -32.43
N ILE A 381 2.49 -13.80 -31.66
CA ILE A 381 2.09 -12.52 -32.22
C ILE A 381 3.26 -11.93 -33.00
N GLU A 382 2.93 -11.03 -33.93
CA GLU A 382 3.92 -10.64 -34.94
C GLU A 382 5.08 -9.86 -34.33
N GLU A 383 4.83 -9.03 -33.30
CA GLU A 383 5.93 -8.26 -32.74
C GLU A 383 6.91 -9.16 -31.99
N VAL A 384 6.42 -10.27 -31.43
CA VAL A 384 7.33 -11.25 -30.83
C VAL A 384 8.12 -11.96 -31.92
N ALA A 385 7.43 -12.41 -32.97
CA ALA A 385 8.10 -13.08 -34.08
C ALA A 385 9.18 -12.21 -34.68
N ALA A 386 8.93 -10.90 -34.78
CA ALA A 386 9.85 -9.98 -35.42
C ALA A 386 11.17 -9.86 -34.66
N LYS A 387 11.17 -10.17 -33.36
CA LYS A 387 12.39 -10.15 -32.58
C LYS A 387 13.25 -11.38 -32.83
N GLU A 388 12.63 -12.49 -33.25
CA GLU A 388 13.35 -13.75 -33.41
C GLU A 388 13.73 -14.05 -34.85
N PHE A 389 12.97 -13.58 -35.82
CA PHE A 389 13.18 -13.93 -37.22
C PHE A 389 13.51 -12.70 -38.04
N GLU A 390 14.45 -12.87 -38.98
CA GLU A 390 14.92 -11.73 -39.75
C GLU A 390 13.82 -11.16 -40.64
N LYS A 391 12.99 -12.02 -41.23
CA LYS A 391 11.90 -11.56 -42.09
C LYS A 391 10.61 -12.24 -41.66
N VAL A 392 9.60 -11.43 -41.34
CA VAL A 392 8.30 -11.92 -40.92
C VAL A 392 7.26 -11.39 -41.89
N ALA A 393 6.34 -12.25 -42.32
CA ALA A 393 5.24 -11.83 -43.17
C ALA A 393 3.94 -11.94 -42.37
N VAL A 394 3.03 -10.98 -42.59
CA VAL A 394 1.72 -10.99 -41.96
C VAL A 394 0.66 -11.00 -43.05
N TYR A 395 -0.20 -12.01 -43.04
CA TYR A 395 -1.35 -12.12 -43.95
C TYR A 395 -2.60 -11.78 -43.14
N MET A 396 -3.40 -10.84 -43.62
CA MET A 396 -4.47 -10.28 -42.81
C MET A 396 -5.74 -10.05 -43.62
N SER A 397 -6.87 -10.54 -43.09
CA SER A 397 -8.19 -10.30 -43.68
C SER A 397 -9.09 -9.77 -42.58
N SER A 398 -9.76 -8.65 -42.84
CA SER A 398 -10.64 -8.05 -41.85
C SER A 398 -11.83 -7.42 -42.56
N PHE A 399 -13.04 -7.77 -42.14
CA PHE A 399 -14.24 -7.37 -42.84
C PHE A 399 -15.44 -7.73 -41.98
N THR A 400 -16.51 -6.96 -42.10
CA THR A 400 -17.79 -7.37 -41.50
C THR A 400 -18.42 -8.45 -42.37
N PRO A 401 -18.65 -9.65 -41.84
CA PRO A 401 -19.30 -10.70 -42.64
C PRO A 401 -20.69 -10.29 -43.08
N LEU A 402 -21.13 -10.86 -44.20
CA LEU A 402 -22.40 -10.48 -44.80
C LEU A 402 -23.57 -10.68 -43.84
N MET A 403 -23.55 -11.75 -43.04
CA MET A 403 -24.67 -11.97 -42.14
C MET A 403 -24.83 -10.83 -41.14
N HIS A 404 -23.73 -10.19 -40.72
CA HIS A 404 -23.87 -9.08 -39.79
C HIS A 404 -24.18 -7.75 -40.48
N ASN A 405 -24.18 -7.71 -41.80
CA ASN A 405 -24.80 -6.58 -42.48
C ASN A 405 -26.32 -6.69 -42.47
N ILE A 406 -26.86 -7.91 -42.40
CA ILE A 406 -28.30 -8.08 -42.25
C ILE A 406 -28.72 -7.99 -40.78
N SER A 407 -27.92 -8.57 -39.88
CA SER A 407 -28.28 -8.60 -38.47
C SER A 407 -28.30 -7.21 -37.87
N GLY A 408 -27.59 -6.24 -38.46
CA GLY A 408 -27.48 -4.92 -37.89
C GLY A 408 -26.27 -4.69 -37.02
N SER A 409 -25.50 -5.73 -36.72
CA SER A 409 -24.27 -5.61 -35.93
C SER A 409 -23.06 -5.40 -36.85
N LYS A 410 -23.12 -4.32 -37.63
CA LYS A 410 -22.06 -4.05 -38.58
C LYS A 410 -20.71 -3.80 -37.92
N TYR A 411 -20.70 -3.50 -36.61
CA TYR A 411 -19.42 -3.34 -35.90
C TYR A 411 -18.67 -4.67 -35.73
N LYS A 412 -19.29 -5.81 -36.04
CA LYS A 412 -18.66 -7.11 -35.77
C LYS A 412 -17.77 -7.52 -36.95
N LYS A 413 -16.62 -6.87 -37.03
CA LYS A 413 -15.62 -7.27 -38.01
C LYS A 413 -14.95 -8.59 -37.61
N PHE A 414 -14.89 -9.54 -38.54
CA PHE A 414 -14.09 -10.75 -38.36
C PHE A 414 -12.64 -10.46 -38.76
N VAL A 415 -11.68 -10.84 -37.91
CA VAL A 415 -10.26 -10.65 -38.19
C VAL A 415 -9.60 -12.02 -38.26
N ALA A 416 -8.87 -12.29 -39.35
CA ALA A 416 -8.02 -13.47 -39.45
C ALA A 416 -6.62 -13.01 -39.83
N LYS A 417 -5.62 -13.42 -39.04
CA LYS A 417 -4.24 -13.09 -39.33
C LYS A 417 -3.37 -14.33 -39.24
N ILE A 418 -2.45 -14.47 -40.20
CA ILE A 418 -1.45 -15.54 -40.19
C ILE A 418 -0.08 -14.88 -40.21
N VAL A 419 0.78 -15.26 -39.27
CA VAL A 419 2.13 -14.72 -39.13
C VAL A 419 3.11 -15.80 -39.55
N THR A 420 4.06 -15.46 -40.44
CA THR A 420 4.98 -16.45 -40.95
C THR A 420 6.43 -16.01 -40.79
N ASN A 421 7.31 -17.00 -40.80
CA ASN A 421 8.73 -16.81 -41.10
C ASN A 421 8.83 -16.76 -42.62
N HIS A 422 9.05 -15.56 -43.17
CA HIS A 422 8.98 -15.42 -44.62
C HIS A 422 10.13 -16.10 -45.32
N SER A 423 11.23 -16.38 -44.61
CA SER A 423 12.37 -17.03 -45.24
C SER A 423 12.04 -18.46 -45.66
N ASP A 424 11.10 -19.13 -44.99
CA ASP A 424 10.71 -20.46 -45.45
C ASP A 424 9.21 -20.71 -45.45
N GLY A 425 8.38 -19.71 -45.14
CA GLY A 425 6.94 -19.88 -45.16
C GLY A 425 6.32 -20.52 -43.92
N THR A 426 7.10 -20.96 -42.94
CA THR A 426 6.53 -21.62 -41.77
C THR A 426 5.55 -20.70 -41.03
N VAL A 427 4.38 -21.25 -40.66
CA VAL A 427 3.40 -20.49 -39.91
C VAL A 427 3.81 -20.40 -38.44
N LEU A 428 4.01 -19.18 -37.96
CA LEU A 428 4.43 -18.93 -36.59
C LEU A 428 3.27 -18.67 -35.64
N GLY A 429 2.17 -18.12 -36.15
CA GLY A 429 0.98 -17.84 -35.35
C GLY A 429 -0.27 -17.56 -36.16
N VAL A 430 -1.44 -17.86 -35.61
CA VAL A 430 -2.72 -17.59 -36.27
C VAL A 430 -3.63 -16.94 -35.23
N HIS A 431 -4.29 -15.83 -35.60
CA HIS A 431 -5.04 -15.02 -34.65
C HIS A 431 -6.39 -14.66 -35.24
N LEU A 432 -7.45 -14.99 -34.53
CA LEU A 432 -8.81 -14.86 -35.04
C LEU A 432 -9.68 -14.09 -34.07
N LEU A 433 -10.56 -13.25 -34.60
CA LEU A 433 -11.60 -12.59 -33.79
C LEU A 433 -12.92 -12.70 -34.54
N GLY A 434 -13.96 -13.19 -33.87
CA GLY A 434 -15.26 -13.36 -34.50
C GLY A 434 -15.95 -14.65 -34.11
N ASP A 435 -17.27 -14.70 -34.37
CA ASP A 435 -18.05 -15.89 -34.08
C ASP A 435 -17.37 -17.14 -34.63
N GLY A 436 -17.23 -18.15 -33.79
CA GLY A 436 -16.61 -19.41 -34.18
C GLY A 436 -15.10 -19.49 -34.01
N ALA A 437 -14.44 -18.38 -33.69
CA ALA A 437 -12.98 -18.39 -33.61
C ALA A 437 -12.42 -19.46 -32.68
N PRO A 438 -12.98 -19.72 -31.49
CA PRO A 438 -12.40 -20.78 -30.65
C PRO A 438 -12.55 -22.18 -31.25
N GLU A 439 -13.62 -22.44 -32.00
CA GLU A 439 -13.79 -23.73 -32.66
C GLU A 439 -12.87 -23.86 -33.88
N ILE A 440 -12.70 -22.77 -34.64
CA ILE A 440 -11.83 -22.80 -35.83
C ILE A 440 -10.39 -23.08 -35.45
N ILE A 441 -9.94 -22.52 -34.32
CA ILE A 441 -8.50 -22.53 -34.03
C ILE A 441 -8.00 -23.90 -33.56
N GLN A 442 -8.87 -24.83 -33.14
CA GLN A 442 -8.37 -26.09 -32.57
C GLN A 442 -7.53 -26.88 -33.57
N ALA A 443 -8.07 -27.12 -34.77
CA ALA A 443 -7.30 -27.89 -35.74
C ALA A 443 -6.10 -27.11 -36.25
N VAL A 444 -6.10 -25.78 -36.10
CA VAL A 444 -4.93 -24.97 -36.44
C VAL A 444 -3.75 -25.36 -35.55
N GLY A 445 -4.02 -25.68 -34.29
CA GLY A 445 -2.96 -26.15 -33.40
C GLY A 445 -2.31 -27.43 -33.88
N VAL A 446 -3.10 -28.32 -34.46
CA VAL A 446 -2.54 -29.55 -35.05
C VAL A 446 -1.65 -29.19 -36.23
N CYS A 447 -2.11 -28.28 -37.08
CA CYS A 447 -1.30 -27.80 -38.21
C CYS A 447 0.05 -27.26 -37.76
N LEU A 448 0.06 -26.41 -36.74
CA LEU A 448 1.33 -25.84 -36.31
C LEU A 448 2.25 -26.89 -35.68
N ARG A 449 1.67 -27.87 -34.97
CA ARG A 449 2.53 -28.94 -34.48
C ARG A 449 3.10 -29.79 -35.61
N LEU A 450 2.49 -29.75 -36.79
CA LEU A 450 3.03 -30.42 -37.96
C LEU A 450 3.85 -29.48 -38.84
N ASN A 451 4.23 -28.30 -38.32
CA ASN A 451 5.12 -27.37 -39.01
C ASN A 451 4.57 -26.92 -40.37
N ALA A 452 3.27 -26.66 -40.39
CA ALA A 452 2.62 -26.18 -41.61
C ALA A 452 3.24 -24.87 -42.09
N LYS A 453 3.30 -24.73 -43.42
CA LYS A 453 3.69 -23.49 -44.07
C LYS A 453 2.45 -22.79 -44.62
N ILE A 454 2.61 -21.52 -44.99
CA ILE A 454 1.48 -20.76 -45.52
C ILE A 454 0.95 -21.41 -46.80
N SER A 455 1.82 -22.06 -47.57
CA SER A 455 1.38 -22.71 -48.79
C SER A 455 0.50 -23.93 -48.51
N ASP A 456 0.70 -24.59 -47.36
CA ASP A 456 -0.17 -25.70 -46.99
C ASP A 456 -1.59 -25.20 -46.73
N PHE A 457 -1.72 -24.03 -46.09
CA PHE A 457 -3.04 -23.42 -45.91
C PHE A 457 -3.65 -23.03 -47.25
N TYR A 458 -2.88 -22.32 -48.09
CA TYR A 458 -3.45 -21.78 -49.31
C TYR A 458 -3.78 -22.87 -50.32
N ASN A 459 -3.04 -23.98 -50.33
CA ASN A 459 -3.35 -25.10 -51.22
C ASN A 459 -4.62 -25.83 -50.82
N THR A 460 -5.04 -25.70 -49.55
CA THR A 460 -6.22 -26.38 -49.07
C THR A 460 -7.47 -25.70 -49.63
N ILE A 461 -8.41 -26.50 -50.10
CA ILE A 461 -9.63 -25.96 -50.68
C ILE A 461 -10.59 -25.51 -49.58
N GLY A 462 -11.14 -24.31 -49.72
CA GLY A 462 -12.01 -23.77 -48.68
C GLY A 462 -13.33 -24.51 -48.57
N VAL A 463 -13.92 -24.46 -47.37
CA VAL A 463 -15.32 -24.80 -47.14
C VAL A 463 -16.12 -23.53 -47.23
N HIS A 464 -17.12 -23.50 -48.13
CA HIS A 464 -17.86 -22.28 -48.43
C HIS A 464 -19.36 -22.47 -48.18
N PRO A 465 -20.04 -21.50 -47.55
CA PRO A 465 -19.54 -20.24 -46.97
C PRO A 465 -19.21 -20.38 -45.51
N THR A 466 -17.99 -20.05 -45.10
CA THR A 466 -17.60 -20.06 -43.69
C THR A 466 -16.68 -18.86 -43.43
N SER A 467 -16.46 -18.56 -42.15
CA SER A 467 -15.40 -17.62 -41.81
C SER A 467 -14.04 -18.28 -41.92
N ALA A 468 -13.96 -19.57 -41.58
CA ALA A 468 -12.69 -20.28 -41.56
C ALA A 468 -11.99 -20.31 -42.91
N GLU A 469 -12.75 -20.28 -44.01
CA GLU A 469 -12.13 -20.37 -45.33
C GLU A 469 -11.22 -19.17 -45.62
N GLU A 470 -11.37 -18.07 -44.88
CA GLU A 470 -10.43 -16.95 -45.03
C GLU A 470 -8.99 -17.38 -44.77
N LEU A 471 -8.79 -18.40 -43.91
CA LEU A 471 -7.45 -18.88 -43.61
C LEU A 471 -6.81 -19.59 -44.79
N CYS A 472 -7.61 -20.04 -45.76
CA CYS A 472 -7.11 -20.83 -46.88
C CYS A 472 -7.14 -20.05 -48.18
N SER A 473 -7.32 -18.73 -48.11
CA SER A 473 -7.45 -17.89 -49.30
C SER A 473 -6.45 -16.73 -49.28
N MET A 474 -5.42 -16.79 -48.45
CA MET A 474 -4.44 -15.71 -48.35
C MET A 474 -3.09 -16.18 -48.89
N ARG A 475 -2.64 -15.52 -49.96
CA ARG A 475 -1.38 -15.88 -50.60
C ARG A 475 -0.38 -14.74 -50.67
N THR A 476 -0.81 -13.49 -50.47
CA THR A 476 0.11 -12.38 -50.55
C THR A 476 0.15 -11.64 -49.23
N PRO A 477 1.33 -11.41 -48.67
CA PRO A 477 1.43 -10.69 -47.40
C PRO A 477 0.78 -9.32 -47.48
N SER A 478 0.13 -8.96 -46.38
CA SER A 478 -0.32 -7.58 -46.22
C SER A 478 0.86 -6.66 -45.91
N TYR A 479 1.84 -7.13 -45.16
CA TYR A 479 3.03 -6.34 -44.83
C TYR A 479 4.06 -7.27 -44.19
N TYR A 480 5.20 -6.69 -43.83
CA TYR A 480 6.38 -7.44 -43.41
C TYR A 480 7.03 -6.78 -42.21
N TYR A 481 7.89 -7.56 -41.55
CA TYR A 481 8.89 -7.05 -40.63
C TYR A 481 10.25 -7.50 -41.14
N VAL A 482 11.15 -6.56 -41.39
CA VAL A 482 12.50 -6.87 -41.84
C VAL A 482 13.47 -6.35 -40.80
N LYS A 483 14.24 -7.25 -40.21
CA LYS A 483 15.07 -6.98 -39.04
C LYS A 483 14.32 -6.08 -38.04
N GLY A 484 13.11 -6.51 -37.68
CA GLY A 484 12.31 -5.83 -36.68
C GLY A 484 11.54 -4.61 -37.14
N GLU A 485 11.69 -4.20 -38.40
CA GLU A 485 11.08 -2.98 -38.90
C GLU A 485 9.86 -3.26 -39.76
N LYS A 486 8.74 -2.64 -39.43
CA LYS A 486 7.49 -2.87 -40.14
C LYS A 486 7.45 -2.09 -41.45
N MET A 487 7.02 -2.76 -42.52
CA MET A 487 7.01 -2.13 -43.84
C MET A 487 6.05 -2.87 -44.75
N GLU A 488 5.39 -2.13 -45.65
CA GLU A 488 4.41 -2.75 -46.54
C GLU A 488 5.07 -3.64 -47.59
N LYS A 489 6.28 -3.31 -48.00
CA LYS A 489 6.98 -4.03 -49.05
C LYS A 489 8.39 -4.39 -48.59
N LEU A 490 8.90 -5.50 -49.12
CA LEU A 490 10.30 -5.82 -48.98
C LEU A 490 11.14 -4.81 -49.76
N PRO A 491 12.38 -4.55 -49.34
CA PRO A 491 13.22 -3.55 -50.02
C PRO A 491 13.67 -3.98 -51.41
N SER B 5 -17.32 -8.56 -84.97
CA SER B 5 -16.42 -9.65 -84.63
C SER B 5 -15.24 -9.15 -83.80
N LYS B 6 -14.85 -9.91 -82.76
CA LYS B 6 -13.88 -9.45 -81.77
C LYS B 6 -12.96 -10.61 -81.37
N ALA B 7 -11.71 -10.28 -81.06
CA ALA B 7 -10.65 -11.28 -80.88
C ALA B 7 -10.17 -11.33 -79.44
N PHE B 8 -10.02 -12.55 -78.90
CA PHE B 8 -9.69 -12.75 -77.50
C PHE B 8 -8.74 -13.92 -77.33
N ASP B 9 -7.93 -13.84 -76.26
CA ASP B 9 -7.12 -15.00 -75.87
C ASP B 9 -8.00 -16.10 -75.29
N LEU B 10 -8.97 -15.72 -74.46
CA LEU B 10 -9.80 -16.67 -73.74
C LEU B 10 -11.24 -16.17 -73.75
N VAL B 11 -12.18 -17.04 -74.14
CA VAL B 11 -13.60 -16.76 -74.01
C VAL B 11 -14.20 -17.77 -73.04
N VAL B 12 -14.87 -17.27 -72.02
CA VAL B 12 -15.45 -18.06 -70.94
C VAL B 12 -16.96 -18.01 -71.08
N ILE B 13 -17.59 -19.17 -71.26
CA ILE B 13 -19.04 -19.27 -71.30
C ILE B 13 -19.51 -19.64 -69.89
N GLY B 14 -20.18 -18.70 -69.23
CA GLY B 14 -20.59 -18.83 -67.85
C GLY B 14 -19.80 -17.94 -66.90
N ALA B 15 -20.42 -16.89 -66.38
CA ALA B 15 -19.78 -15.98 -65.43
C ALA B 15 -19.99 -16.43 -63.98
N GLY B 16 -19.62 -17.68 -63.68
CA GLY B 16 -19.88 -18.28 -62.40
C GLY B 16 -18.65 -18.44 -61.54
N SER B 17 -18.76 -19.30 -60.52
CA SER B 17 -17.67 -19.50 -59.57
C SER B 17 -16.35 -19.78 -60.29
N GLY B 18 -16.32 -20.81 -61.12
CA GLY B 18 -15.08 -21.17 -61.80
C GLY B 18 -14.74 -20.24 -62.94
N GLY B 19 -15.76 -19.79 -63.67
CA GLY B 19 -15.52 -18.96 -64.84
C GLY B 19 -14.97 -17.58 -64.51
N LEU B 20 -15.47 -16.98 -63.42
CA LEU B 20 -14.95 -15.67 -63.01
C LEU B 20 -13.52 -15.79 -62.46
N GLU B 21 -13.24 -16.83 -61.67
CA GLU B 21 -11.87 -17.06 -61.22
C GLU B 21 -10.91 -17.19 -62.41
N ALA B 22 -11.29 -17.97 -63.42
CA ALA B 22 -10.43 -18.19 -64.57
C ALA B 22 -10.21 -16.91 -65.35
N GLY B 23 -11.29 -16.17 -65.61
CA GLY B 23 -11.18 -14.97 -66.42
C GLY B 23 -10.39 -13.88 -65.73
N TRP B 24 -10.71 -13.62 -64.46
CA TRP B 24 -9.97 -12.62 -63.70
C TRP B 24 -8.49 -12.97 -63.58
N ASN B 25 -8.17 -14.23 -63.32
CA ASN B 25 -6.77 -14.61 -63.20
C ASN B 25 -6.05 -14.50 -64.54
N ALA B 26 -6.69 -14.90 -65.64
CA ALA B 26 -6.05 -14.77 -66.95
C ALA B 26 -5.74 -13.31 -67.26
N ALA B 27 -6.70 -12.42 -67.02
CA ALA B 27 -6.50 -11.01 -67.37
C ALA B 27 -5.48 -10.35 -66.44
N THR B 28 -5.69 -10.42 -65.12
CA THR B 28 -4.84 -9.63 -64.22
C THR B 28 -3.49 -10.28 -63.95
N LEU B 29 -3.40 -11.60 -63.93
CA LEU B 29 -2.12 -12.24 -63.63
C LEU B 29 -1.28 -12.53 -64.86
N TYR B 30 -1.89 -12.65 -66.04
CA TYR B 30 -1.16 -13.02 -67.25
C TYR B 30 -1.35 -12.03 -68.39
N GLY B 31 -2.06 -10.92 -68.15
CA GLY B 31 -2.18 -9.87 -69.15
C GLY B 31 -2.93 -10.28 -70.40
N LYS B 32 -3.74 -11.32 -70.32
CA LYS B 32 -4.47 -11.83 -71.48
C LYS B 32 -5.76 -11.04 -71.71
N ARG B 33 -6.32 -11.22 -72.91
CA ARG B 33 -7.55 -10.57 -73.33
C ARG B 33 -8.67 -11.57 -73.16
N VAL B 34 -9.65 -11.24 -72.32
CA VAL B 34 -10.62 -12.21 -71.84
C VAL B 34 -12.03 -11.68 -72.07
N ALA B 35 -12.91 -12.53 -72.59
CA ALA B 35 -14.35 -12.25 -72.67
C ALA B 35 -15.12 -13.32 -71.89
N VAL B 36 -16.14 -12.89 -71.15
CA VAL B 36 -16.96 -13.77 -70.31
C VAL B 36 -18.41 -13.51 -70.67
N VAL B 37 -19.18 -14.59 -70.87
CA VAL B 37 -20.57 -14.51 -71.29
C VAL B 37 -21.46 -15.06 -70.17
N ASP B 38 -22.54 -14.34 -69.86
CA ASP B 38 -23.62 -14.90 -69.05
C ASP B 38 -24.96 -14.36 -69.55
N VAL B 39 -26.04 -15.08 -69.18
CA VAL B 39 -27.38 -14.81 -69.70
C VAL B 39 -28.15 -13.73 -68.95
N GLN B 40 -27.65 -13.25 -67.81
CA GLN B 40 -28.39 -12.33 -66.97
C GLN B 40 -27.41 -11.57 -66.08
N THR B 41 -27.67 -10.29 -65.84
CA THR B 41 -26.73 -9.46 -65.07
C THR B 41 -27.03 -9.46 -63.57
N SER B 42 -28.21 -9.89 -63.14
CA SER B 42 -28.52 -9.97 -61.71
C SER B 42 -29.48 -11.14 -61.47
N HIS B 43 -29.70 -11.43 -60.19
CA HIS B 43 -30.32 -12.68 -59.76
C HIS B 43 -31.81 -12.74 -60.07
N GLY B 44 -32.30 -13.96 -60.23
CA GLY B 44 -33.73 -14.20 -60.13
C GLY B 44 -34.41 -14.56 -61.44
N PRO B 45 -35.74 -14.65 -61.41
CA PRO B 45 -36.50 -14.97 -62.61
C PRO B 45 -36.15 -14.00 -63.74
N PRO B 46 -36.12 -14.46 -64.98
CA PRO B 46 -36.51 -15.80 -65.45
C PRO B 46 -35.41 -16.86 -65.47
N PHE B 47 -34.12 -16.50 -65.41
CA PHE B 47 -33.06 -17.48 -65.60
C PHE B 47 -32.34 -17.86 -64.31
N TYR B 48 -32.66 -17.19 -63.21
CA TYR B 48 -32.27 -17.52 -61.84
C TYR B 48 -30.78 -17.31 -61.57
N ALA B 49 -29.93 -18.17 -62.12
CA ALA B 49 -28.50 -17.91 -62.10
C ALA B 49 -28.17 -16.73 -63.01
N ALA B 50 -27.03 -16.11 -62.76
CA ALA B 50 -26.69 -14.86 -63.43
C ALA B 50 -25.22 -14.56 -63.15
N LEU B 51 -24.78 -13.40 -63.60
CA LEU B 51 -23.44 -12.89 -63.32
C LEU B 51 -23.10 -13.15 -61.85
N GLY B 52 -22.03 -13.89 -61.62
CA GLY B 52 -21.62 -14.34 -60.30
C GLY B 52 -21.79 -15.83 -60.11
N GLY B 53 -22.76 -16.43 -60.78
CA GLY B 53 -22.94 -17.87 -60.78
C GLY B 53 -24.10 -18.34 -59.92
N THR B 54 -24.20 -19.67 -59.85
CA THR B 54 -25.28 -20.30 -59.08
C THR B 54 -25.09 -20.06 -57.59
N CYS B 55 -23.86 -20.20 -57.10
CA CYS B 55 -23.59 -20.03 -55.68
C CYS B 55 -24.02 -18.63 -55.21
N VAL B 56 -23.60 -17.60 -55.94
CA VAL B 56 -23.93 -16.23 -55.57
C VAL B 56 -25.43 -15.97 -55.63
N ASN B 57 -26.07 -16.41 -56.72
CA ASN B 57 -27.43 -15.96 -57.02
C ASN B 57 -28.52 -16.86 -56.43
N VAL B 58 -28.39 -18.19 -56.57
CA VAL B 58 -29.42 -19.11 -56.10
C VAL B 58 -28.76 -20.34 -55.47
N GLY B 59 -27.76 -20.11 -54.62
CA GLY B 59 -26.96 -21.20 -54.11
C GLY B 59 -26.40 -20.94 -52.72
N CYS B 60 -25.11 -21.21 -52.52
CA CYS B 60 -24.52 -21.14 -51.19
C CYS B 60 -24.84 -19.84 -50.47
N VAL B 61 -24.61 -18.71 -51.13
CA VAL B 61 -24.69 -17.41 -50.46
C VAL B 61 -26.11 -17.17 -49.95
N PRO B 62 -27.16 -17.15 -50.79
CA PRO B 62 -28.50 -16.91 -50.23
C PRO B 62 -28.99 -18.02 -49.30
N LYS B 63 -28.68 -19.28 -49.61
CA LYS B 63 -29.17 -20.33 -48.72
C LYS B 63 -28.54 -20.24 -47.34
N LYS B 64 -27.27 -19.84 -47.24
CA LYS B 64 -26.65 -19.70 -45.92
C LYS B 64 -27.33 -18.61 -45.11
N LEU B 65 -27.70 -17.50 -45.77
CA LEU B 65 -28.41 -16.43 -45.07
C LEU B 65 -29.75 -16.92 -44.56
N MET B 66 -30.43 -17.75 -45.35
CA MET B 66 -31.74 -18.24 -44.95
C MET B 66 -31.64 -19.30 -43.86
N VAL B 67 -30.59 -20.13 -43.89
CA VAL B 67 -30.36 -21.06 -42.78
C VAL B 67 -30.05 -20.30 -41.50
N THR B 68 -29.23 -19.24 -41.60
CA THR B 68 -29.00 -18.40 -40.43
C THR B 68 -30.31 -17.87 -39.88
N GLY B 69 -31.19 -17.38 -40.76
CA GLY B 69 -32.49 -16.95 -40.30
C GLY B 69 -33.27 -18.06 -39.62
N ALA B 70 -33.23 -19.25 -40.18
CA ALA B 70 -34.00 -20.34 -39.59
C ALA B 70 -33.44 -20.76 -38.24
N GLN B 71 -32.13 -20.59 -38.00
CA GLN B 71 -31.58 -20.97 -36.69
C GLN B 71 -32.18 -20.18 -35.55
N TYR B 72 -32.76 -18.99 -35.82
CA TYR B 72 -33.28 -18.20 -34.71
C TYR B 72 -34.49 -18.86 -34.08
N MET B 73 -35.17 -19.77 -34.81
CA MET B 73 -36.26 -20.49 -34.16
C MET B 73 -35.74 -21.29 -32.99
N ASP B 74 -34.58 -21.92 -33.16
CA ASP B 74 -33.95 -22.65 -32.06
C ASP B 74 -33.42 -21.69 -31.00
N HIS B 75 -32.76 -20.60 -31.41
CA HIS B 75 -32.16 -19.69 -30.42
C HIS B 75 -33.23 -19.11 -29.48
N LEU B 76 -34.39 -18.74 -30.04
CA LEU B 76 -35.42 -18.13 -29.21
C LEU B 76 -35.94 -19.11 -28.16
N ARG B 77 -36.22 -20.35 -28.54
CA ARG B 77 -36.68 -21.35 -27.57
C ARG B 77 -35.59 -21.69 -26.57
N GLU B 78 -34.34 -21.87 -27.04
CA GLU B 78 -33.23 -22.29 -26.19
C GLU B 78 -32.77 -21.22 -25.21
N SER B 79 -32.96 -19.92 -25.53
CA SER B 79 -32.61 -18.85 -24.61
C SER B 79 -33.31 -19.01 -23.26
N ALA B 80 -34.47 -19.66 -23.22
CA ALA B 80 -35.22 -19.74 -21.98
C ALA B 80 -34.45 -20.49 -20.89
N GLY B 81 -33.75 -21.56 -21.26
CA GLY B 81 -32.96 -22.30 -20.27
C GLY B 81 -31.89 -21.46 -19.60
N PHE B 82 -31.42 -20.40 -20.27
CA PHE B 82 -30.41 -19.52 -19.72
C PHE B 82 -31.00 -18.28 -19.06
N GLY B 83 -32.31 -18.29 -18.78
CA GLY B 83 -32.93 -17.22 -18.03
C GLY B 83 -33.62 -16.14 -18.85
N TRP B 84 -33.66 -16.27 -20.17
CA TRP B 84 -34.31 -15.24 -20.97
C TRP B 84 -35.82 -15.48 -20.98
N GLU B 85 -36.57 -14.41 -20.73
CA GLU B 85 -38.02 -14.41 -20.67
C GLU B 85 -38.58 -13.41 -21.66
N PHE B 86 -39.62 -13.80 -22.38
CA PHE B 86 -40.36 -12.87 -23.24
C PHE B 86 -41.67 -13.54 -23.62
N ASP B 87 -42.50 -12.81 -24.36
CA ASP B 87 -43.85 -13.25 -24.69
C ASP B 87 -43.77 -14.18 -25.90
N GLY B 88 -43.77 -15.48 -25.64
CA GLY B 88 -43.65 -16.45 -26.72
C GLY B 88 -44.78 -16.38 -27.72
N SER B 89 -45.99 -16.05 -27.25
CA SER B 89 -47.15 -15.95 -28.14
C SER B 89 -47.02 -14.81 -29.14
N SER B 90 -46.08 -13.89 -28.94
CA SER B 90 -45.92 -12.77 -29.87
C SER B 90 -44.89 -13.05 -30.96
N VAL B 91 -44.26 -14.21 -30.97
CA VAL B 91 -43.20 -14.49 -31.94
C VAL B 91 -43.82 -14.83 -33.29
N LYS B 92 -43.31 -14.21 -34.35
CA LYS B 92 -43.64 -14.67 -35.69
C LYS B 92 -42.44 -14.48 -36.60
N ALA B 93 -42.38 -15.32 -37.63
CA ALA B 93 -41.27 -15.38 -38.58
C ALA B 93 -41.73 -14.75 -39.88
N ASN B 94 -41.22 -13.56 -40.19
CA ASN B 94 -41.61 -12.84 -41.40
C ASN B 94 -40.72 -13.26 -42.57
N TRP B 95 -41.22 -14.21 -43.36
CA TRP B 95 -40.53 -14.71 -44.56
C TRP B 95 -40.26 -13.60 -45.58
N LYS B 96 -41.26 -12.74 -45.83
CA LYS B 96 -41.07 -11.65 -46.79
C LYS B 96 -39.89 -10.78 -46.40
N LYS B 97 -39.73 -10.47 -45.11
CA LYS B 97 -38.58 -9.68 -44.69
C LYS B 97 -37.27 -10.43 -44.94
N LEU B 98 -37.26 -11.74 -44.65
CA LEU B 98 -36.07 -12.56 -44.95
C LEU B 98 -35.74 -12.50 -46.43
N ILE B 99 -36.73 -12.74 -47.30
CA ILE B 99 -36.48 -12.79 -48.73
C ILE B 99 -35.97 -11.43 -49.24
N ALA B 100 -36.53 -10.34 -48.70
CA ALA B 100 -36.12 -9.01 -49.16
C ALA B 100 -34.68 -8.69 -48.75
N ALA B 101 -34.31 -9.05 -47.52
CA ALA B 101 -32.93 -8.87 -47.09
C ALA B 101 -31.99 -9.72 -47.91
N LYS B 102 -32.39 -10.96 -48.20
CA LYS B 102 -31.57 -11.81 -49.06
C LYS B 102 -31.42 -11.19 -50.45
N ASN B 103 -32.52 -10.69 -51.02
CA ASN B 103 -32.47 -10.11 -52.37
C ASN B 103 -31.53 -8.92 -52.42
N GLU B 104 -31.53 -8.10 -51.37
CA GLU B 104 -30.67 -6.91 -51.37
C GLU B 104 -29.21 -7.30 -51.31
N ALA B 105 -28.87 -8.32 -50.51
CA ALA B 105 -27.48 -8.76 -50.41
C ALA B 105 -26.97 -9.35 -51.72
N VAL B 106 -27.80 -10.17 -52.38
CA VAL B 106 -27.37 -10.78 -53.64
C VAL B 106 -27.20 -9.69 -54.70
N LEU B 107 -28.17 -8.78 -54.79
CA LEU B 107 -28.10 -7.70 -55.77
C LEU B 107 -26.83 -6.87 -55.58
N ASP B 108 -26.47 -6.57 -54.33
CA ASP B 108 -25.21 -5.87 -54.05
C ASP B 108 -24.02 -6.62 -54.62
N ILE B 109 -24.02 -7.96 -54.51
CA ILE B 109 -22.93 -8.73 -55.08
C ILE B 109 -22.96 -8.64 -56.60
N ASN B 110 -24.14 -8.73 -57.21
CA ASN B 110 -24.25 -8.55 -58.67
C ASN B 110 -23.61 -7.25 -59.11
N LYS B 111 -24.01 -6.14 -58.46
CA LYS B 111 -23.46 -4.83 -58.81
C LYS B 111 -21.96 -4.77 -58.62
N SER B 112 -21.45 -5.42 -57.57
CA SER B 112 -20.01 -5.42 -57.33
C SER B 112 -19.26 -6.07 -58.50
N TYR B 113 -19.81 -7.17 -59.04
CA TYR B 113 -19.14 -7.85 -60.16
C TYR B 113 -19.19 -7.01 -61.43
N GLU B 114 -20.28 -6.27 -61.63
CA GLU B 114 -20.36 -5.33 -62.75
C GLU B 114 -19.19 -4.34 -62.71
N GLY B 115 -19.01 -3.68 -61.57
CA GLY B 115 -17.91 -2.74 -61.44
C GLY B 115 -16.55 -3.38 -61.57
N MET B 116 -16.43 -4.66 -61.20
CA MET B 116 -15.17 -5.36 -61.41
C MET B 116 -14.85 -5.43 -62.89
N PHE B 117 -15.85 -5.73 -63.72
CA PHE B 117 -15.62 -5.76 -65.17
C PHE B 117 -15.26 -4.37 -65.69
N ASN B 118 -15.97 -3.34 -65.24
CA ASN B 118 -15.67 -1.98 -65.69
C ASN B 118 -14.28 -1.50 -65.27
N ASP B 119 -13.67 -2.13 -64.28
CA ASP B 119 -12.43 -1.62 -63.70
C ASP B 119 -11.20 -2.41 -64.10
N THR B 120 -11.35 -3.53 -64.80
CA THR B 120 -10.25 -4.46 -65.03
C THR B 120 -9.87 -4.46 -66.52
N GLU B 121 -8.61 -4.18 -66.82
CA GLU B 121 -8.15 -4.20 -68.20
C GLU B 121 -8.21 -5.62 -68.77
N GLY B 122 -8.65 -5.71 -70.03
CA GLY B 122 -8.66 -6.98 -70.73
C GLY B 122 -9.66 -7.98 -70.21
N LEU B 123 -10.73 -7.53 -69.54
CA LEU B 123 -11.76 -8.41 -68.99
C LEU B 123 -13.11 -7.82 -69.39
N ASP B 124 -13.78 -8.44 -70.35
CA ASP B 124 -15.03 -7.91 -70.89
C ASP B 124 -16.17 -8.90 -70.68
N PHE B 125 -17.34 -8.35 -70.36
CA PHE B 125 -18.56 -9.11 -70.13
C PHE B 125 -19.49 -8.95 -71.32
N PHE B 126 -20.11 -10.06 -71.75
CA PHE B 126 -21.10 -10.04 -72.83
C PHE B 126 -22.38 -10.72 -72.35
N LEU B 127 -23.51 -10.05 -72.54
CA LEU B 127 -24.82 -10.57 -72.13
C LEU B 127 -25.45 -11.39 -73.23
N GLY B 128 -25.79 -12.64 -72.93
CA GLY B 128 -26.49 -13.49 -73.89
C GLY B 128 -26.17 -14.95 -73.67
N TRP B 129 -26.56 -15.76 -74.65
CA TRP B 129 -26.41 -17.21 -74.60
C TRP B 129 -25.26 -17.62 -75.52
N GLY B 130 -24.23 -18.20 -74.94
CA GLY B 130 -23.07 -18.64 -75.70
C GLY B 130 -23.19 -20.08 -76.17
N SER B 131 -22.72 -20.33 -77.39
CA SER B 131 -22.58 -21.67 -77.93
C SER B 131 -21.36 -21.72 -78.84
N LEU B 132 -20.96 -22.94 -79.19
CA LEU B 132 -19.80 -23.17 -80.03
C LEU B 132 -20.22 -23.17 -81.49
N GLU B 133 -19.74 -22.17 -82.25
CA GLU B 133 -19.96 -22.18 -83.69
C GLU B 133 -18.91 -23.02 -84.40
N SER B 134 -17.64 -22.83 -84.02
CA SER B 134 -16.54 -23.60 -84.58
C SER B 134 -15.46 -23.69 -83.52
N LYS B 135 -14.37 -24.38 -83.86
CA LYS B 135 -13.33 -24.71 -82.89
C LYS B 135 -12.71 -23.48 -82.24
N ASN B 136 -12.81 -22.31 -82.87
CA ASN B 136 -12.24 -21.08 -82.33
C ASN B 136 -13.22 -19.92 -82.41
N VAL B 137 -14.52 -20.20 -82.44
CA VAL B 137 -15.53 -19.14 -82.53
C VAL B 137 -16.67 -19.46 -81.57
N VAL B 138 -16.96 -18.52 -80.68
CA VAL B 138 -18.08 -18.58 -79.74
C VAL B 138 -19.11 -17.56 -80.15
N VAL B 139 -20.35 -17.99 -80.35
CA VAL B 139 -21.45 -17.12 -80.74
C VAL B 139 -22.32 -16.84 -79.53
N VAL B 140 -22.77 -15.59 -79.42
CA VAL B 140 -23.66 -15.13 -78.35
C VAL B 140 -24.98 -14.73 -79.00
N ARG B 141 -26.08 -15.35 -78.58
CA ARG B 141 -27.39 -15.10 -79.17
C ARG B 141 -28.36 -14.54 -78.13
N GLU B 142 -29.54 -14.13 -78.63
CA GLU B 142 -30.52 -13.45 -77.78
C GLU B 142 -31.17 -14.41 -76.79
N THR B 143 -31.41 -15.66 -77.19
CA THR B 143 -32.05 -16.64 -76.31
C THR B 143 -31.33 -17.98 -76.45
N ALA B 144 -31.75 -18.97 -75.65
CA ALA B 144 -31.19 -20.31 -75.74
C ALA B 144 -31.50 -20.98 -77.07
N ASP B 145 -32.47 -20.46 -77.82
CA ASP B 145 -32.80 -20.99 -79.15
C ASP B 145 -31.64 -20.79 -80.11
N PRO B 146 -31.13 -21.84 -80.73
CA PRO B 146 -29.96 -21.68 -81.61
C PRO B 146 -30.28 -20.98 -82.92
N LYS B 147 -31.50 -20.45 -83.06
CA LYS B 147 -31.89 -19.69 -84.24
C LYS B 147 -32.28 -18.26 -83.91
N SER B 148 -32.12 -17.83 -82.66
CA SER B 148 -32.37 -16.43 -82.31
C SER B 148 -31.20 -15.56 -82.81
N ALA B 149 -31.38 -14.25 -82.68
CA ALA B 149 -30.48 -13.29 -83.31
C ALA B 149 -29.07 -13.34 -82.73
N VAL B 150 -28.07 -13.32 -83.61
CA VAL B 150 -26.68 -13.23 -83.19
C VAL B 150 -26.41 -11.83 -82.64
N LYS B 151 -25.81 -11.76 -81.45
CA LYS B 151 -25.40 -10.51 -80.84
C LYS B 151 -23.90 -10.26 -80.98
N GLU B 152 -23.09 -11.31 -80.83
CA GLU B 152 -21.64 -11.19 -80.93
C GLU B 152 -21.10 -12.47 -81.54
N ARG B 153 -19.96 -12.33 -82.20
CA ARG B 153 -19.17 -13.46 -82.66
C ARG B 153 -17.77 -13.26 -82.11
N LEU B 154 -17.35 -14.17 -81.24
CA LEU B 154 -16.10 -14.03 -80.50
C LEU B 154 -15.15 -15.11 -80.97
N GLN B 155 -14.05 -14.70 -81.61
CA GLN B 155 -13.01 -15.66 -81.93
C GLN B 155 -12.06 -15.77 -80.76
N ALA B 156 -11.55 -16.97 -80.54
CA ALA B 156 -10.84 -17.27 -79.31
C ALA B 156 -9.70 -18.23 -79.59
N ASP B 157 -8.50 -17.91 -79.08
CA ASP B 157 -7.47 -18.93 -79.04
C ASP B 157 -7.89 -20.08 -78.15
N HIS B 158 -8.57 -19.77 -77.03
CA HIS B 158 -8.94 -20.75 -76.02
C HIS B 158 -10.38 -20.51 -75.58
N ILE B 159 -11.12 -21.60 -75.38
CA ILE B 159 -12.52 -21.54 -74.98
C ILE B 159 -12.68 -22.34 -73.68
N LEU B 160 -13.37 -21.77 -72.70
CA LEU B 160 -13.63 -22.43 -71.42
C LEU B 160 -15.13 -22.61 -71.24
N LEU B 161 -15.56 -23.86 -71.09
CA LEU B 161 -16.96 -24.17 -70.79
C LEU B 161 -17.14 -24.20 -69.27
N ALA B 162 -18.01 -23.34 -68.76
CA ALA B 162 -18.22 -23.21 -67.31
C ALA B 162 -19.67 -22.82 -67.03
N THR B 163 -20.61 -23.55 -67.61
CA THR B 163 -22.02 -23.19 -67.53
C THR B 163 -22.74 -23.83 -66.34
N GLY B 164 -22.05 -24.62 -65.52
CA GLY B 164 -22.64 -25.13 -64.29
C GLY B 164 -23.62 -26.27 -64.51
N SER B 165 -24.60 -26.38 -63.61
CA SER B 165 -25.61 -27.45 -63.62
C SER B 165 -27.00 -26.84 -63.50
N TRP B 166 -28.01 -27.71 -63.45
CA TRP B 166 -29.43 -27.32 -63.44
C TRP B 166 -30.20 -28.40 -62.69
N PRO B 167 -31.32 -28.05 -62.05
CA PRO B 167 -32.07 -29.06 -61.28
C PRO B 167 -32.65 -30.15 -62.18
N GLN B 168 -32.49 -31.39 -61.75
CA GLN B 168 -33.05 -32.53 -62.45
C GLN B 168 -34.50 -32.74 -62.03
N MET B 169 -35.38 -33.00 -63.00
CA MET B 169 -36.79 -33.20 -62.68
C MET B 169 -37.23 -34.55 -63.20
N PRO B 170 -37.84 -35.41 -62.36
CA PRO B 170 -38.21 -36.74 -62.84
C PRO B 170 -39.35 -36.67 -63.84
N ALA B 171 -39.43 -37.70 -64.69
CA ALA B 171 -40.44 -37.78 -65.74
C ALA B 171 -41.67 -38.47 -65.20
N ILE B 172 -42.44 -37.73 -64.38
CA ILE B 172 -43.66 -38.27 -63.79
C ILE B 172 -44.83 -37.38 -64.20
N PRO B 173 -46.05 -37.93 -64.29
CA PRO B 173 -47.21 -37.07 -64.55
C PRO B 173 -47.37 -35.99 -63.50
N GLY B 174 -47.55 -34.76 -63.95
CA GLY B 174 -47.74 -33.63 -63.06
C GLY B 174 -46.47 -32.99 -62.55
N ILE B 175 -45.32 -33.31 -63.12
CA ILE B 175 -44.05 -32.71 -62.71
C ILE B 175 -44.10 -31.21 -62.85
N GLU B 176 -44.92 -30.70 -63.77
CA GLU B 176 -45.01 -29.26 -63.99
C GLU B 176 -45.62 -28.52 -62.81
N HIS B 177 -46.26 -29.21 -61.86
CA HIS B 177 -46.80 -28.56 -60.67
C HIS B 177 -45.82 -28.55 -59.51
N CYS B 178 -44.57 -28.95 -59.76
CA CYS B 178 -43.50 -28.96 -58.78
C CYS B 178 -42.55 -27.80 -59.05
N ILE B 179 -41.78 -27.43 -58.02
CA ILE B 179 -40.75 -26.41 -58.16
C ILE B 179 -39.41 -27.07 -57.86
N SER B 180 -38.33 -26.31 -58.06
CA SER B 180 -36.98 -26.65 -57.62
C SER B 180 -36.49 -25.58 -56.66
N SER B 181 -35.24 -25.73 -56.19
CA SER B 181 -34.66 -24.72 -55.32
C SER B 181 -34.62 -23.34 -55.98
N ASN B 182 -34.54 -23.29 -57.32
CA ASN B 182 -34.55 -21.99 -58.00
C ASN B 182 -35.74 -21.15 -57.59
N GLU B 183 -36.95 -21.73 -57.70
CA GLU B 183 -38.18 -21.02 -57.34
C GLU B 183 -38.34 -20.87 -55.83
N ALA B 184 -37.83 -21.82 -55.05
CA ALA B 184 -37.95 -21.72 -53.59
C ALA B 184 -37.40 -20.41 -53.06
N PHE B 185 -36.31 -19.90 -53.68
CA PHE B 185 -35.71 -18.66 -53.24
C PHE B 185 -36.60 -17.44 -53.46
N TYR B 186 -37.75 -17.58 -54.15
CA TYR B 186 -38.55 -16.42 -54.50
C TYR B 186 -40.03 -16.59 -54.16
N LEU B 187 -40.39 -17.60 -53.38
CA LEU B 187 -41.79 -17.81 -53.03
C LEU B 187 -42.36 -16.58 -52.34
N PRO B 188 -43.55 -16.10 -52.73
CA PRO B 188 -44.10 -14.89 -52.11
C PRO B 188 -44.46 -15.10 -50.64
N GLU B 189 -44.84 -16.31 -50.26
CA GLU B 189 -45.27 -16.65 -48.91
C GLU B 189 -44.57 -17.93 -48.49
N PRO B 190 -44.27 -18.09 -47.20
CA PRO B 190 -43.73 -19.36 -46.73
C PRO B 190 -44.79 -20.44 -46.83
N PRO B 191 -44.50 -21.57 -47.46
CA PRO B 191 -45.51 -22.62 -47.58
C PRO B 191 -45.93 -23.16 -46.23
N ARG B 192 -47.24 -23.36 -46.07
CA ARG B 192 -47.74 -23.94 -44.83
C ARG B 192 -47.42 -25.43 -44.76
N ARG B 193 -47.68 -26.16 -45.84
CA ARG B 193 -47.33 -27.57 -45.93
C ARG B 193 -46.43 -27.73 -47.14
N VAL B 194 -45.25 -28.30 -46.96
CA VAL B 194 -44.32 -28.47 -48.07
C VAL B 194 -43.74 -29.88 -48.02
N LEU B 195 -43.58 -30.49 -49.20
CA LEU B 195 -42.87 -31.74 -49.38
C LEU B 195 -41.58 -31.43 -50.13
N THR B 196 -40.42 -31.74 -49.52
CA THR B 196 -39.14 -31.66 -50.23
C THR B 196 -38.73 -33.07 -50.64
N VAL B 197 -38.47 -33.24 -51.93
CA VAL B 197 -38.22 -34.56 -52.52
C VAL B 197 -36.73 -34.68 -52.75
N GLY B 198 -36.09 -35.60 -52.05
CA GLY B 198 -34.69 -35.92 -52.24
C GLY B 198 -34.01 -36.07 -50.89
N GLY B 199 -32.95 -36.87 -50.88
CA GLY B 199 -32.17 -37.15 -49.69
C GLY B 199 -30.87 -36.37 -49.56
N GLY B 200 -30.56 -35.50 -50.51
CA GLY B 200 -29.29 -34.81 -50.55
C GLY B 200 -29.33 -33.48 -49.80
N PHE B 201 -28.19 -32.77 -49.86
CA PHE B 201 -28.01 -31.61 -48.97
C PHE B 201 -29.01 -30.49 -49.27
N ILE B 202 -29.41 -30.32 -50.53
CA ILE B 202 -30.32 -29.23 -50.85
C ILE B 202 -31.71 -29.49 -50.26
N SER B 203 -32.20 -30.72 -50.41
CA SER B 203 -33.48 -31.07 -49.81
C SER B 203 -33.45 -30.88 -48.30
N VAL B 204 -32.39 -31.39 -47.66
CA VAL B 204 -32.26 -31.32 -46.21
C VAL B 204 -32.15 -29.88 -45.74
N GLU B 205 -31.36 -29.06 -46.42
CA GLU B 205 -31.21 -27.67 -45.98
C GLU B 205 -32.50 -26.89 -46.11
N PHE B 206 -33.24 -27.09 -47.21
CA PHE B 206 -34.50 -26.37 -47.35
C PHE B 206 -35.56 -26.88 -46.41
N ALA B 207 -35.54 -28.18 -46.07
CA ALA B 207 -36.47 -28.67 -45.06
C ALA B 207 -36.33 -27.87 -43.77
N GLY B 208 -35.10 -27.64 -43.32
CA GLY B 208 -34.90 -26.84 -42.10
C GLY B 208 -35.30 -25.38 -42.27
N ILE B 209 -35.10 -24.81 -43.47
CA ILE B 209 -35.50 -23.42 -43.70
C ILE B 209 -37.02 -23.29 -43.61
N PHE B 210 -37.74 -24.12 -44.37
CA PHE B 210 -39.20 -24.08 -44.34
C PHE B 210 -39.76 -24.41 -42.97
N ASN B 211 -39.08 -25.28 -42.22
CA ASN B 211 -39.58 -25.67 -40.91
C ASN B 211 -39.60 -24.49 -39.94
N ALA B 212 -38.64 -23.57 -40.05
CA ALA B 212 -38.61 -22.42 -39.15
C ALA B 212 -39.59 -21.32 -39.56
N TYR B 213 -39.83 -21.14 -40.85
CA TYR B 213 -40.66 -20.02 -41.30
C TYR B 213 -42.10 -20.43 -41.63
N LYS B 214 -42.51 -21.66 -41.36
CA LYS B 214 -43.87 -22.08 -41.71
C LYS B 214 -44.91 -21.39 -40.82
N PRO B 215 -46.05 -21.01 -41.38
CA PRO B 215 -47.10 -20.36 -40.59
C PRO B 215 -47.74 -21.33 -39.62
N PRO B 216 -48.62 -20.85 -38.73
CA PRO B 216 -49.22 -21.74 -37.72
C PRO B 216 -49.94 -22.93 -38.34
N GLY B 217 -49.81 -24.08 -37.68
CA GLY B 217 -50.37 -25.32 -38.17
C GLY B 217 -49.59 -25.98 -39.29
N GLY B 218 -48.42 -25.44 -39.67
CA GLY B 218 -47.69 -25.96 -40.80
C GLY B 218 -46.99 -27.27 -40.50
N LYS B 219 -46.41 -27.85 -41.56
CA LYS B 219 -45.74 -29.15 -41.48
C LYS B 219 -44.82 -29.31 -42.67
N VAL B 220 -43.55 -29.63 -42.41
CA VAL B 220 -42.59 -29.97 -43.46
C VAL B 220 -42.41 -31.48 -43.50
N THR B 221 -42.49 -32.05 -44.70
CA THR B 221 -42.19 -33.46 -44.98
C THR B 221 -41.06 -33.54 -45.99
N LEU B 222 -40.10 -34.41 -45.72
CA LEU B 222 -39.04 -34.75 -46.66
C LEU B 222 -39.18 -36.22 -47.01
N CYS B 223 -39.18 -36.54 -48.31
CA CYS B 223 -39.24 -37.93 -48.71
C CYS B 223 -37.98 -38.29 -49.50
N TYR B 224 -37.63 -39.57 -49.46
CA TYR B 224 -36.43 -40.04 -50.13
C TYR B 224 -36.63 -41.49 -50.53
N ARG B 225 -36.28 -41.82 -51.77
CA ARG B 225 -36.67 -43.10 -52.33
C ARG B 225 -35.97 -44.30 -51.69
N ASN B 226 -34.81 -44.11 -51.09
CA ASN B 226 -34.11 -45.21 -50.44
C ASN B 226 -34.25 -45.12 -48.93
N ASN B 227 -33.45 -45.91 -48.21
CA ASN B 227 -33.70 -46.19 -46.79
C ASN B 227 -33.15 -45.12 -45.84
N LEU B 228 -32.15 -44.34 -46.24
CA LEU B 228 -31.50 -43.43 -45.32
C LEU B 228 -30.98 -42.21 -46.09
N ILE B 229 -31.30 -41.00 -45.62
CA ILE B 229 -30.96 -39.77 -46.34
C ILE B 229 -29.45 -39.55 -46.35
N LEU B 230 -29.00 -38.64 -47.22
CA LEU B 230 -27.63 -38.12 -47.24
C LEU B 230 -26.60 -39.21 -47.56
N ARG B 231 -26.86 -39.94 -48.65
CA ARG B 231 -25.88 -40.91 -49.13
C ARG B 231 -24.55 -40.21 -49.40
N GLY B 232 -23.46 -40.91 -49.08
CA GLY B 232 -22.12 -40.39 -49.27
C GLY B 232 -21.52 -39.75 -48.03
N PHE B 233 -22.34 -39.45 -47.04
CA PHE B 233 -21.87 -38.93 -45.76
C PHE B 233 -21.74 -40.08 -44.76
N ASP B 234 -21.04 -39.81 -43.66
CA ASP B 234 -20.83 -40.80 -42.61
C ASP B 234 -22.17 -41.38 -42.13
N GLU B 235 -22.22 -42.71 -41.98
CA GLU B 235 -23.49 -43.37 -41.67
C GLU B 235 -24.02 -43.02 -40.29
N THR B 236 -23.14 -42.94 -39.28
CA THR B 236 -23.58 -42.50 -37.96
C THR B 236 -24.26 -41.14 -38.06
N ILE B 237 -23.68 -40.24 -38.84
CA ILE B 237 -24.20 -38.89 -38.94
C ILE B 237 -25.49 -38.85 -39.75
N ARG B 238 -25.60 -39.70 -40.78
CA ARG B 238 -26.85 -39.76 -41.52
C ARG B 238 -28.01 -40.18 -40.61
N GLU B 239 -27.75 -41.15 -39.73
CA GLU B 239 -28.79 -41.58 -38.80
C GLU B 239 -29.11 -40.50 -37.78
N GLU B 240 -28.08 -39.82 -37.25
CA GLU B 240 -28.31 -38.83 -36.19
C GLU B 240 -29.00 -37.58 -36.73
N VAL B 241 -28.62 -37.12 -37.92
CA VAL B 241 -29.32 -35.94 -38.43
C VAL B 241 -30.77 -36.28 -38.75
N THR B 242 -31.05 -37.52 -39.19
CA THR B 242 -32.43 -37.97 -39.34
C THR B 242 -33.18 -37.80 -38.04
N LYS B 243 -32.56 -38.22 -36.94
CA LYS B 243 -33.22 -38.20 -35.63
C LYS B 243 -33.43 -36.77 -35.15
N GLN B 244 -32.45 -35.90 -35.38
CA GLN B 244 -32.52 -34.53 -34.90
C GLN B 244 -33.44 -33.66 -35.75
N LEU B 245 -33.54 -33.94 -37.06
CA LEU B 245 -34.56 -33.28 -37.87
C LEU B 245 -35.95 -33.68 -37.40
N THR B 246 -36.14 -34.97 -37.12
CA THR B 246 -37.44 -35.43 -36.62
C THR B 246 -37.78 -34.77 -35.30
N ALA B 247 -36.80 -34.67 -34.40
CA ALA B 247 -37.01 -34.02 -33.10
C ALA B 247 -37.45 -32.56 -33.22
N ASN B 248 -37.16 -31.89 -34.34
CA ASN B 248 -37.58 -30.51 -34.54
C ASN B 248 -38.85 -30.41 -35.38
N GLY B 249 -39.58 -31.51 -35.58
CA GLY B 249 -40.89 -31.46 -36.20
C GLY B 249 -40.96 -31.77 -37.68
N ILE B 250 -39.86 -32.17 -38.30
CA ILE B 250 -39.85 -32.52 -39.70
C ILE B 250 -40.18 -34.00 -39.84
N GLU B 251 -41.07 -34.33 -40.77
CA GLU B 251 -41.42 -35.72 -41.06
C GLU B 251 -40.52 -36.27 -42.16
N ILE B 252 -39.77 -37.33 -41.85
CA ILE B 252 -38.92 -38.00 -42.83
C ILE B 252 -39.64 -39.24 -43.35
N MET B 253 -39.95 -39.25 -44.65
CA MET B 253 -40.54 -40.42 -45.32
C MET B 253 -39.45 -41.12 -46.13
N THR B 254 -38.89 -42.19 -45.59
CA THR B 254 -37.93 -42.95 -46.37
C THR B 254 -38.61 -44.09 -47.13
N ASN B 255 -37.89 -44.61 -48.13
CA ASN B 255 -38.40 -45.62 -49.06
C ASN B 255 -39.73 -45.19 -49.69
N GLU B 256 -39.83 -43.90 -50.03
CA GLU B 256 -41.01 -43.39 -50.72
C GLU B 256 -40.58 -42.47 -51.87
N ASN B 257 -41.33 -42.52 -52.97
CA ASN B 257 -41.00 -41.75 -54.17
C ASN B 257 -42.29 -41.29 -54.85
N PRO B 258 -42.42 -39.99 -55.16
CA PRO B 258 -43.62 -39.53 -55.86
C PRO B 258 -43.80 -40.24 -57.19
N ALA B 259 -45.03 -40.69 -57.46
CA ALA B 259 -45.40 -41.28 -58.74
C ALA B 259 -46.18 -40.32 -59.63
N LYS B 260 -46.90 -39.35 -59.05
CA LYS B 260 -47.58 -38.31 -59.81
C LYS B 260 -48.04 -37.22 -58.86
N VAL B 261 -48.31 -36.04 -59.44
CA VAL B 261 -48.80 -34.87 -58.73
C VAL B 261 -49.97 -34.29 -59.52
N SER B 262 -51.04 -33.91 -58.82
CA SER B 262 -52.22 -33.33 -59.47
C SER B 262 -52.67 -32.09 -58.72
N LEU B 263 -53.48 -31.28 -59.39
CA LEU B 263 -53.94 -30.00 -58.86
C LEU B 263 -55.23 -30.18 -58.07
N ASN B 264 -55.27 -29.62 -56.86
CA ASN B 264 -56.51 -29.58 -56.09
C ASN B 264 -57.25 -28.28 -56.39
N THR B 265 -58.57 -28.30 -56.17
CA THR B 265 -59.38 -27.13 -56.50
C THR B 265 -59.00 -25.89 -55.70
N ASP B 266 -58.36 -26.05 -54.54
CA ASP B 266 -57.94 -24.89 -53.76
C ASP B 266 -56.53 -24.42 -54.10
N GLY B 267 -55.92 -24.98 -55.14
CA GLY B 267 -54.58 -24.62 -55.52
C GLY B 267 -53.48 -25.46 -54.91
N SER B 268 -53.78 -26.23 -53.87
CA SER B 268 -52.74 -27.12 -53.34
C SER B 268 -52.53 -28.32 -54.26
N LYS B 269 -51.50 -29.11 -53.96
CA LYS B 269 -51.08 -30.24 -54.77
C LYS B 269 -51.36 -31.55 -54.06
N HIS B 270 -51.83 -32.54 -54.82
CA HIS B 270 -52.09 -33.89 -54.35
C HIS B 270 -50.99 -34.79 -54.90
N VAL B 271 -50.13 -35.29 -54.01
CA VAL B 271 -49.01 -36.17 -54.37
C VAL B 271 -49.43 -37.61 -54.15
N THR B 272 -49.20 -38.47 -55.14
CA THR B 272 -49.38 -39.91 -55.00
C THR B 272 -48.01 -40.58 -55.10
N PHE B 273 -47.68 -41.36 -54.10
CA PHE B 273 -46.40 -42.07 -54.06
C PHE B 273 -46.51 -43.43 -54.74
N GLU B 274 -45.36 -43.97 -55.14
CA GLU B 274 -45.32 -45.30 -55.76
C GLU B 274 -45.96 -46.35 -54.87
N SER B 275 -45.92 -46.17 -53.55
CA SER B 275 -46.48 -47.13 -52.61
C SER B 275 -48.00 -47.07 -52.52
N GLY B 276 -48.64 -46.05 -53.09
CA GLY B 276 -50.06 -45.86 -52.91
C GLY B 276 -50.43 -44.78 -51.90
N LYS B 277 -49.49 -44.41 -51.02
N LYS B 277 -49.49 -44.41 -51.03
N LYS B 277 -49.49 -44.41 -51.02
N LYS B 277 -49.49 -44.41 -51.03
CA LYS B 277 -49.75 -43.34 -50.07
CA LYS B 277 -49.76 -43.35 -50.06
CA LYS B 277 -49.75 -43.34 -50.07
CA LYS B 277 -49.75 -43.35 -50.07
C LYS B 277 -50.00 -42.03 -50.81
C LYS B 277 -49.96 -42.01 -50.79
C LYS B 277 -50.00 -42.03 -50.81
C LYS B 277 -49.98 -42.02 -50.80
N THR B 278 -50.73 -41.13 -50.16
CA THR B 278 -51.01 -39.82 -50.72
C THR B 278 -50.77 -38.74 -49.67
N LEU B 279 -50.50 -37.53 -50.15
CA LEU B 279 -50.18 -36.39 -49.29
C LEU B 279 -50.56 -35.11 -50.02
N ASP B 280 -51.33 -34.25 -49.35
CA ASP B 280 -51.70 -32.93 -49.87
C ASP B 280 -50.75 -31.89 -49.26
N VAL B 281 -50.09 -31.11 -50.13
CA VAL B 281 -49.19 -30.05 -49.68
C VAL B 281 -49.44 -28.81 -50.53
N ASP B 282 -48.95 -27.67 -50.04
CA ASP B 282 -49.03 -26.43 -50.80
C ASP B 282 -47.91 -26.28 -51.83
N VAL B 283 -46.74 -26.87 -51.59
CA VAL B 283 -45.58 -26.75 -52.46
C VAL B 283 -44.85 -28.10 -52.47
N VAL B 284 -44.46 -28.57 -53.66
CA VAL B 284 -43.61 -29.75 -53.83
C VAL B 284 -42.32 -29.27 -54.45
N MET B 285 -41.22 -29.33 -53.70
CA MET B 285 -39.90 -28.93 -54.21
C MET B 285 -39.09 -30.17 -54.53
N MET B 286 -38.72 -30.32 -55.81
CA MET B 286 -37.89 -31.43 -56.26
C MET B 286 -36.42 -31.10 -56.08
N ALA B 287 -35.70 -31.91 -55.32
CA ALA B 287 -34.26 -31.75 -55.09
C ALA B 287 -33.59 -33.10 -55.18
N ILE B 288 -33.81 -33.80 -56.31
CA ILE B 288 -33.32 -35.15 -56.47
C ILE B 288 -31.99 -35.20 -57.20
N GLY B 289 -31.43 -34.07 -57.56
CA GLY B 289 -30.14 -34.07 -58.23
C GLY B 289 -30.01 -32.86 -59.13
N ARG B 290 -28.77 -32.61 -59.56
CA ARG B 290 -28.47 -31.57 -60.53
C ARG B 290 -27.59 -32.17 -61.61
N ILE B 291 -27.82 -31.74 -62.86
CA ILE B 291 -27.15 -32.35 -64.01
C ILE B 291 -26.38 -31.30 -64.81
N PRO B 292 -25.28 -31.69 -65.47
CA PRO B 292 -24.47 -30.72 -66.23
C PRO B 292 -25.30 -29.97 -67.25
N ARG B 293 -25.03 -28.67 -67.38
CA ARG B 293 -25.79 -27.79 -68.25
C ARG B 293 -25.09 -27.70 -69.61
N THR B 294 -25.42 -28.65 -70.50
CA THR B 294 -24.71 -28.79 -71.76
C THR B 294 -25.56 -28.59 -73.00
N ASN B 295 -26.89 -28.55 -72.88
CA ASN B 295 -27.74 -28.62 -74.06
C ASN B 295 -27.63 -27.38 -74.94
N ASP B 296 -27.50 -26.21 -74.35
CA ASP B 296 -27.53 -25.00 -75.17
C ASP B 296 -26.19 -24.66 -75.81
N LEU B 297 -25.14 -25.43 -75.52
CA LEU B 297 -23.80 -25.10 -75.97
C LEU B 297 -23.51 -25.54 -77.41
N GLN B 298 -24.38 -26.36 -78.00
CA GLN B 298 -24.17 -26.87 -79.37
C GLN B 298 -22.83 -27.57 -79.49
N LEU B 299 -22.55 -28.46 -78.55
CA LEU B 299 -21.27 -29.17 -78.57
C LEU B 299 -21.12 -30.03 -79.83
N GLY B 300 -22.21 -30.28 -80.55
CA GLY B 300 -22.11 -31.07 -81.77
C GLY B 300 -21.40 -30.35 -82.89
N ASN B 301 -21.45 -29.01 -82.89
CA ASN B 301 -20.78 -28.25 -83.93
C ASN B 301 -19.28 -28.51 -83.97
N VAL B 302 -18.69 -28.88 -82.84
CA VAL B 302 -17.25 -29.06 -82.75
C VAL B 302 -16.85 -30.46 -82.30
N GLY B 303 -17.78 -31.27 -81.81
CA GLY B 303 -17.47 -32.64 -81.41
C GLY B 303 -16.90 -32.81 -80.02
N VAL B 304 -17.28 -31.95 -79.07
CA VAL B 304 -16.83 -32.14 -77.69
C VAL B 304 -17.53 -33.36 -77.11
N LYS B 305 -16.74 -34.29 -76.58
CA LYS B 305 -17.28 -35.56 -76.10
C LYS B 305 -17.84 -35.44 -74.69
N LEU B 306 -19.00 -36.06 -74.47
CA LEU B 306 -19.58 -36.20 -73.14
C LEU B 306 -19.33 -37.59 -72.59
N THR B 307 -19.37 -37.69 -71.25
CA THR B 307 -19.33 -38.98 -70.57
C THR B 307 -20.69 -39.64 -70.66
N PRO B 308 -20.78 -40.96 -70.39
CA PRO B 308 -22.11 -41.59 -70.38
C PRO B 308 -23.09 -40.88 -69.48
N LYS B 309 -22.61 -40.18 -68.45
CA LYS B 309 -23.50 -39.53 -67.50
C LYS B 309 -23.91 -38.12 -67.92
N GLY B 310 -23.32 -37.55 -68.96
CA GLY B 310 -23.72 -36.25 -69.45
C GLY B 310 -22.78 -35.11 -69.11
N GLY B 311 -21.74 -35.35 -68.31
CA GLY B 311 -20.72 -34.34 -68.13
C GLY B 311 -19.86 -34.18 -69.38
N VAL B 312 -19.29 -32.99 -69.54
CA VAL B 312 -18.21 -32.83 -70.51
C VAL B 312 -17.01 -33.63 -70.02
N GLN B 313 -16.49 -34.51 -70.87
CA GLN B 313 -15.35 -35.32 -70.46
C GLN B 313 -14.09 -34.46 -70.44
N VAL B 314 -13.28 -34.58 -69.38
CA VAL B 314 -12.04 -33.84 -69.24
C VAL B 314 -10.96 -34.77 -68.71
N ASP B 315 -9.70 -34.41 -68.98
CA ASP B 315 -8.56 -35.01 -68.30
C ASP B 315 -8.23 -34.22 -67.03
N GLU B 316 -7.18 -34.64 -66.33
CA GLU B 316 -6.83 -34.05 -65.04
C GLU B 316 -6.52 -32.55 -65.15
N PHE B 317 -6.26 -32.04 -66.36
CA PHE B 317 -5.96 -30.63 -66.55
C PHE B 317 -7.13 -29.90 -67.19
N SER B 318 -8.32 -30.47 -67.13
CA SER B 318 -9.56 -29.85 -67.59
C SER B 318 -9.64 -29.71 -69.10
N ARG B 319 -8.92 -30.54 -69.85
CA ARG B 319 -8.92 -30.46 -71.30
C ARG B 319 -9.95 -31.41 -71.89
N THR B 320 -10.76 -30.90 -72.82
CA THR B 320 -11.63 -31.78 -73.57
C THR B 320 -10.84 -32.52 -74.65
N ASN B 321 -11.55 -33.28 -75.48
CA ASN B 321 -10.91 -33.95 -76.61
C ASN B 321 -10.60 -33.01 -77.77
N VAL B 322 -11.23 -31.84 -77.80
CA VAL B 322 -10.98 -30.84 -78.83
C VAL B 322 -9.90 -29.90 -78.32
N PRO B 323 -8.77 -29.78 -79.02
CA PRO B 323 -7.69 -28.90 -78.55
C PRO B 323 -8.17 -27.46 -78.36
N ASN B 324 -7.69 -26.82 -77.29
CA ASN B 324 -7.96 -25.44 -76.94
C ASN B 324 -9.37 -25.20 -76.40
N ILE B 325 -10.13 -26.25 -76.11
CA ILE B 325 -11.43 -26.13 -75.47
C ILE B 325 -11.37 -26.86 -74.13
N TYR B 326 -11.79 -26.19 -73.06
CA TYR B 326 -11.64 -26.70 -71.70
C TYR B 326 -12.97 -26.65 -70.97
N ALA B 327 -13.08 -27.44 -69.90
CA ALA B 327 -14.28 -27.46 -69.09
C ALA B 327 -13.93 -27.60 -67.60
N ILE B 328 -14.61 -26.81 -66.76
CA ILE B 328 -14.40 -26.82 -65.32
C ILE B 328 -15.76 -26.69 -64.63
N GLY B 329 -15.78 -27.06 -63.34
CA GLY B 329 -16.96 -26.82 -62.52
C GLY B 329 -18.01 -27.91 -62.71
N ASP B 330 -19.26 -27.55 -62.42
CA ASP B 330 -20.33 -28.54 -62.36
C ASP B 330 -20.58 -29.19 -63.72
N ILE B 331 -20.21 -28.54 -64.82
CA ILE B 331 -20.44 -29.12 -66.13
C ILE B 331 -19.62 -30.39 -66.32
N THR B 332 -18.57 -30.60 -65.52
CA THR B 332 -17.80 -31.83 -65.59
C THR B 332 -18.35 -32.94 -64.70
N ASP B 333 -19.42 -32.66 -63.94
CA ASP B 333 -20.18 -33.68 -63.22
C ASP B 333 -19.30 -34.45 -62.24
N ARG B 334 -18.45 -33.74 -61.52
CA ARG B 334 -17.65 -34.38 -60.50
C ARG B 334 -18.08 -33.88 -59.12
N LEU B 335 -17.17 -33.23 -58.40
CA LEU B 335 -17.54 -32.57 -57.15
C LEU B 335 -18.23 -31.24 -57.46
N MET B 336 -19.50 -31.11 -57.09
CA MET B 336 -20.25 -29.90 -57.37
C MET B 336 -20.20 -28.96 -56.17
N LEU B 337 -19.03 -28.33 -56.01
CA LEU B 337 -18.77 -27.39 -54.94
C LEU B 337 -18.15 -26.13 -55.53
N THR B 338 -18.54 -24.96 -55.00
CA THR B 338 -17.96 -23.72 -55.51
C THR B 338 -16.44 -23.63 -55.33
N PRO B 339 -15.86 -23.90 -54.16
CA PRO B 339 -14.39 -23.79 -54.04
C PRO B 339 -13.61 -24.73 -54.96
N VAL B 340 -14.18 -25.88 -55.32
CA VAL B 340 -13.53 -26.76 -56.29
C VAL B 340 -13.55 -26.14 -57.68
N ALA B 341 -14.67 -25.54 -58.08
CA ALA B 341 -14.74 -24.91 -59.40
C ALA B 341 -13.76 -23.74 -59.51
N ILE B 342 -13.63 -22.97 -58.43
CA ILE B 342 -12.64 -21.90 -58.39
C ILE B 342 -11.24 -22.47 -58.56
N ASN B 343 -10.92 -23.52 -57.78
CA ASN B 343 -9.59 -24.11 -57.87
C ASN B 343 -9.30 -24.61 -59.28
N GLU B 344 -10.28 -25.25 -59.92
CA GLU B 344 -10.08 -25.76 -61.28
C GLU B 344 -9.83 -24.62 -62.27
N GLY B 345 -10.57 -23.52 -62.13
CA GLY B 345 -10.35 -22.39 -63.02
C GLY B 345 -8.96 -21.81 -62.90
N ALA B 346 -8.44 -21.71 -61.67
CA ALA B 346 -7.13 -21.12 -61.49
C ALA B 346 -6.04 -22.06 -61.95
N ALA B 347 -6.18 -23.36 -61.65
CA ALA B 347 -5.23 -24.34 -62.16
C ALA B 347 -5.16 -24.31 -63.68
N LEU B 348 -6.32 -24.21 -64.33
CA LEU B 348 -6.38 -24.21 -65.80
C LEU B 348 -5.61 -23.03 -66.38
N VAL B 349 -5.82 -21.83 -65.85
CA VAL B 349 -5.14 -20.64 -66.37
C VAL B 349 -3.63 -20.70 -66.09
N ASP B 350 -3.24 -21.11 -64.89
CA ASP B 350 -1.82 -21.29 -64.58
C ASP B 350 -1.16 -22.25 -65.58
N THR B 351 -1.90 -23.26 -66.04
CA THR B 351 -1.37 -24.25 -66.98
C THR B 351 -1.26 -23.66 -68.38
N VAL B 352 -2.33 -23.03 -68.85
CA VAL B 352 -2.38 -22.57 -70.23
C VAL B 352 -1.51 -21.34 -70.44
N PHE B 353 -1.58 -20.37 -69.53
CA PHE B 353 -0.95 -19.08 -69.75
C PHE B 353 0.26 -18.81 -68.88
N GLY B 354 0.60 -19.72 -67.96
CA GLY B 354 1.83 -19.64 -67.19
C GLY B 354 2.72 -20.81 -67.52
N ASN B 355 3.93 -20.78 -66.96
CA ASN B 355 4.88 -21.86 -67.20
C ASN B 355 4.99 -22.72 -65.94
N LYS B 356 3.88 -23.37 -65.61
CA LYS B 356 3.81 -24.37 -64.56
C LYS B 356 2.45 -25.06 -64.63
N PRO B 357 2.38 -26.25 -65.23
CA PRO B 357 1.12 -27.01 -65.20
C PRO B 357 0.68 -27.26 -63.77
N ARG B 358 -0.62 -27.16 -63.54
CA ARG B 358 -1.22 -27.39 -62.23
C ARG B 358 -2.53 -28.14 -62.42
N LYS B 359 -2.75 -29.17 -61.62
CA LYS B 359 -4.00 -29.92 -61.64
C LYS B 359 -4.64 -29.87 -60.26
N THR B 360 -5.98 -29.78 -60.25
CA THR B 360 -6.71 -29.74 -59.00
C THR B 360 -6.70 -31.11 -58.33
N ASP B 361 -6.57 -31.11 -57.01
CA ASP B 361 -6.64 -32.32 -56.20
C ASP B 361 -8.07 -32.45 -55.69
N HIS B 362 -8.79 -33.50 -56.14
CA HIS B 362 -10.18 -33.72 -55.76
C HIS B 362 -10.34 -34.63 -54.56
N THR B 363 -9.24 -35.03 -53.92
CA THR B 363 -9.31 -35.80 -52.69
C THR B 363 -9.24 -34.87 -51.49
N ARG B 364 -9.76 -35.35 -50.35
CA ARG B 364 -9.61 -34.66 -49.07
C ARG B 364 -10.12 -33.22 -49.14
N VAL B 365 -11.20 -33.03 -49.87
CA VAL B 365 -11.85 -31.72 -49.97
C VAL B 365 -12.84 -31.60 -48.83
N ALA B 366 -12.64 -30.61 -47.96
CA ALA B 366 -13.59 -30.40 -46.88
C ALA B 366 -14.87 -29.77 -47.41
N SER B 367 -16.01 -30.16 -46.83
CA SER B 367 -17.28 -29.59 -47.24
C SER B 367 -18.25 -29.62 -46.06
N ALA B 368 -19.46 -29.10 -46.28
CA ALA B 368 -20.42 -28.95 -45.21
C ALA B 368 -21.85 -29.15 -45.71
N VAL B 369 -22.74 -29.45 -44.76
CA VAL B 369 -24.19 -29.38 -44.97
C VAL B 369 -24.75 -28.46 -43.91
N PHE B 370 -25.46 -27.41 -44.32
CA PHE B 370 -26.04 -26.48 -43.36
C PHE B 370 -27.46 -26.89 -42.96
N SER B 371 -27.55 -28.16 -42.60
CA SER B 371 -28.67 -28.67 -41.86
C SER B 371 -28.68 -28.06 -40.46
N ILE B 372 -29.81 -28.21 -39.78
CA ILE B 372 -29.91 -27.77 -38.39
C ILE B 372 -30.05 -29.02 -37.53
N PRO B 373 -29.00 -29.45 -36.82
CA PRO B 373 -27.66 -28.85 -36.74
C PRO B 373 -26.82 -29.29 -37.93
N PRO B 374 -25.66 -28.66 -38.16
CA PRO B 374 -24.95 -28.86 -39.42
C PRO B 374 -23.87 -29.94 -39.39
N ILE B 375 -23.36 -30.25 -40.59
CA ILE B 375 -22.36 -31.29 -40.83
C ILE B 375 -21.09 -30.64 -41.38
N GLY B 376 -19.94 -31.14 -40.94
CA GLY B 376 -18.67 -30.79 -41.56
C GLY B 376 -17.86 -32.07 -41.73
N THR B 377 -17.25 -32.20 -42.91
CA THR B 377 -16.58 -33.47 -43.22
C THR B 377 -15.41 -33.22 -44.16
N CYS B 378 -14.39 -34.08 -44.05
CA CYS B 378 -13.26 -34.04 -44.97
C CYS B 378 -12.69 -35.43 -45.11
N GLY B 379 -12.59 -35.92 -46.35
CA GLY B 379 -11.95 -37.22 -46.58
C GLY B 379 -12.93 -38.38 -46.58
N LEU B 380 -12.39 -39.58 -46.39
CA LEU B 380 -13.12 -40.82 -46.65
C LEU B 380 -14.06 -41.20 -45.52
N ILE B 381 -15.26 -41.70 -45.88
CA ILE B 381 -16.09 -42.40 -44.90
C ILE B 381 -15.57 -43.82 -44.74
N GLU B 382 -15.93 -44.45 -43.61
CA GLU B 382 -15.27 -45.70 -43.23
C GLU B 382 -15.52 -46.83 -44.22
N GLU B 383 -16.70 -46.91 -44.85
CA GLU B 383 -16.96 -48.05 -45.74
C GLU B 383 -16.22 -47.91 -47.06
N VAL B 384 -15.92 -46.68 -47.48
CA VAL B 384 -15.07 -46.48 -48.64
C VAL B 384 -13.61 -46.77 -48.28
N ALA B 385 -13.18 -46.37 -47.09
CA ALA B 385 -11.82 -46.68 -46.64
C ALA B 385 -11.61 -48.18 -46.52
N ALA B 386 -12.62 -48.89 -46.02
CA ALA B 386 -12.48 -50.33 -45.79
C ALA B 386 -12.26 -51.10 -47.07
N LYS B 387 -12.66 -50.56 -48.22
CA LYS B 387 -12.39 -51.23 -49.49
C LYS B 387 -10.98 -50.97 -50.00
N GLU B 388 -10.35 -49.87 -49.57
CA GLU B 388 -9.03 -49.50 -50.05
C GLU B 388 -7.90 -49.91 -49.11
N PHE B 389 -8.19 -50.22 -47.85
CA PHE B 389 -7.16 -50.49 -46.86
C PHE B 389 -7.49 -51.76 -46.09
N GLU B 390 -6.45 -52.55 -45.78
CA GLU B 390 -6.65 -53.83 -45.10
C GLU B 390 -7.14 -53.64 -43.67
N LYS B 391 -6.62 -52.63 -42.96
CA LYS B 391 -7.02 -52.38 -41.59
C LYS B 391 -7.38 -50.90 -41.44
N VAL B 392 -8.63 -50.64 -41.04
CA VAL B 392 -9.17 -49.31 -40.80
C VAL B 392 -9.62 -49.25 -39.34
N ALA B 393 -9.29 -48.16 -38.65
CA ALA B 393 -9.81 -47.92 -37.31
C ALA B 393 -10.75 -46.74 -37.34
N VAL B 394 -11.80 -46.80 -36.52
CA VAL B 394 -12.78 -45.74 -36.37
C VAL B 394 -12.78 -45.29 -34.92
N TYR B 395 -12.56 -43.99 -34.70
CA TYR B 395 -12.59 -43.35 -33.40
C TYR B 395 -13.83 -42.49 -33.33
N MET B 396 -14.64 -42.69 -32.29
CA MET B 396 -15.97 -42.10 -32.26
C MET B 396 -16.30 -41.53 -30.89
N SER B 397 -16.88 -40.33 -30.90
CA SER B 397 -17.36 -39.65 -29.70
C SER B 397 -18.71 -39.03 -30.02
N SER B 398 -19.71 -39.30 -29.19
CA SER B 398 -21.07 -38.84 -29.47
C SER B 398 -21.79 -38.58 -28.15
N PHE B 399 -22.23 -37.33 -27.94
CA PHE B 399 -22.79 -36.95 -26.65
C PHE B 399 -23.58 -35.65 -26.83
N THR B 400 -24.50 -35.41 -25.92
CA THR B 400 -25.15 -34.10 -25.88
C THR B 400 -24.29 -33.12 -25.12
N PRO B 401 -23.86 -32.00 -25.73
CA PRO B 401 -23.06 -31.00 -25.02
C PRO B 401 -23.79 -30.41 -23.83
N LEU B 402 -23.02 -29.99 -22.82
CA LEU B 402 -23.62 -29.51 -21.59
C LEU B 402 -24.62 -28.38 -21.85
N MET B 403 -24.30 -27.46 -22.75
CA MET B 403 -25.20 -26.34 -23.00
C MET B 403 -26.58 -26.79 -23.48
N HIS B 404 -26.67 -27.94 -24.16
CA HIS B 404 -27.98 -28.38 -24.63
C HIS B 404 -28.72 -29.22 -23.63
N ASN B 405 -28.08 -29.64 -22.53
CA ASN B 405 -28.84 -30.09 -21.38
C ASN B 405 -29.52 -28.92 -20.68
N ILE B 406 -28.95 -27.73 -20.78
CA ILE B 406 -29.59 -26.56 -20.19
C ILE B 406 -30.58 -25.93 -21.15
N SER B 407 -30.23 -25.88 -22.43
CA SER B 407 -31.11 -25.27 -23.43
C SER B 407 -32.44 -26.00 -23.55
N GLY B 408 -32.46 -27.29 -23.23
CA GLY B 408 -33.62 -28.13 -23.44
C GLY B 408 -33.61 -28.91 -24.73
N SER B 409 -32.65 -28.67 -25.63
CA SER B 409 -32.56 -29.45 -26.87
C SER B 409 -31.67 -30.67 -26.65
N LYS B 410 -32.10 -31.55 -25.75
CA LYS B 410 -31.27 -32.69 -25.37
C LYS B 410 -31.05 -33.65 -26.52
N TYR B 411 -31.88 -33.57 -27.57
CA TYR B 411 -31.66 -34.38 -28.76
C TYR B 411 -30.42 -33.99 -29.56
N LYS B 412 -29.79 -32.85 -29.27
CA LYS B 412 -28.69 -32.36 -30.10
C LYS B 412 -27.36 -32.98 -29.66
N LYS B 413 -27.19 -34.25 -30.00
CA LYS B 413 -25.91 -34.93 -29.83
C LYS B 413 -24.86 -34.39 -30.83
N PHE B 414 -23.69 -34.04 -30.31
CA PHE B 414 -22.54 -33.77 -31.16
C PHE B 414 -21.85 -35.08 -31.51
N VAL B 415 -21.50 -35.26 -32.78
CA VAL B 415 -20.83 -36.47 -33.23
C VAL B 415 -19.49 -36.08 -33.84
N ALA B 416 -18.43 -36.77 -33.43
CA ALA B 416 -17.11 -36.59 -34.01
C ALA B 416 -16.51 -37.96 -34.30
N LYS B 417 -16.17 -38.22 -35.55
CA LYS B 417 -15.55 -39.49 -35.94
C LYS B 417 -14.27 -39.25 -36.73
N ILE B 418 -13.24 -40.02 -36.41
CA ILE B 418 -11.97 -40.01 -37.14
C ILE B 418 -11.74 -41.40 -37.72
N VAL B 419 -11.43 -41.46 -39.01
CA VAL B 419 -11.19 -42.72 -39.73
C VAL B 419 -9.71 -42.77 -40.09
N THR B 420 -9.02 -43.85 -39.70
CA THR B 420 -7.60 -43.95 -39.98
C THR B 420 -7.26 -45.24 -40.71
N ASN B 421 -6.14 -45.20 -41.43
CA ASN B 421 -5.42 -46.40 -41.82
C ASN B 421 -4.74 -46.95 -40.58
N HIS B 422 -5.26 -48.04 -40.03
CA HIS B 422 -4.71 -48.50 -38.76
C HIS B 422 -3.30 -49.07 -38.90
N SER B 423 -2.83 -49.34 -40.12
CA SER B 423 -1.47 -49.84 -40.28
C SER B 423 -0.43 -48.79 -39.91
N ASP B 424 -0.72 -47.50 -40.11
CA ASP B 424 0.26 -46.47 -39.80
C ASP B 424 -0.34 -45.24 -39.14
N GLY B 425 -1.61 -45.29 -38.70
CA GLY B 425 -2.23 -44.17 -38.03
C GLY B 425 -2.69 -43.03 -38.91
N THR B 426 -2.46 -43.06 -40.22
CA THR B 426 -2.78 -41.92 -41.08
C THR B 426 -4.27 -41.62 -41.05
N VAL B 427 -4.62 -40.35 -40.86
CA VAL B 427 -6.03 -39.96 -40.85
C VAL B 427 -6.54 -39.93 -42.28
N LEU B 428 -7.58 -40.71 -42.55
CA LEU B 428 -8.20 -40.79 -43.86
C LEU B 428 -9.46 -39.94 -43.98
N GLY B 429 -10.15 -39.69 -42.88
CA GLY B 429 -11.40 -38.94 -42.92
C GLY B 429 -11.75 -38.44 -41.54
N VAL B 430 -12.43 -37.30 -41.49
CA VAL B 430 -12.96 -36.72 -40.26
C VAL B 430 -14.37 -36.25 -40.55
N HIS B 431 -15.33 -36.58 -39.68
CA HIS B 431 -16.75 -36.36 -39.88
C HIS B 431 -17.40 -35.84 -38.61
N LEU B 432 -18.09 -34.70 -38.72
CA LEU B 432 -18.59 -33.94 -37.58
C LEU B 432 -20.05 -33.59 -37.77
N LEU B 433 -20.84 -33.70 -36.69
CA LEU B 433 -22.21 -33.21 -36.67
C LEU B 433 -22.44 -32.41 -35.39
N GLY B 434 -22.95 -31.20 -35.53
CA GLY B 434 -23.16 -30.33 -34.38
C GLY B 434 -22.85 -28.88 -34.68
N ASP B 435 -23.33 -27.98 -33.81
CA ASP B 435 -23.07 -26.55 -33.96
C ASP B 435 -21.59 -26.31 -34.18
N GLY B 436 -21.26 -25.50 -35.20
CA GLY B 436 -19.86 -25.16 -35.46
C GLY B 436 -19.11 -26.13 -36.35
N ALA B 437 -19.69 -27.27 -36.70
CA ALA B 437 -18.95 -28.27 -37.47
C ALA B 437 -18.38 -27.77 -38.79
N PRO B 438 -19.09 -26.96 -39.60
CA PRO B 438 -18.44 -26.43 -40.81
C PRO B 438 -17.21 -25.59 -40.53
N GLU B 439 -17.18 -24.85 -39.42
CA GLU B 439 -16.02 -24.03 -39.07
C GLU B 439 -14.89 -24.88 -38.53
N ILE B 440 -15.21 -25.90 -37.73
CA ILE B 440 -14.17 -26.76 -37.15
C ILE B 440 -13.40 -27.48 -38.25
N ILE B 441 -14.10 -27.90 -39.31
CA ILE B 441 -13.51 -28.83 -40.26
C ILE B 441 -12.47 -28.19 -41.17
N GLN B 442 -12.47 -26.85 -41.31
CA GLN B 442 -11.64 -26.22 -42.34
C GLN B 442 -10.16 -26.53 -42.14
N ALA B 443 -9.64 -26.35 -40.93
CA ALA B 443 -8.22 -26.59 -40.73
C ALA B 443 -7.88 -28.08 -40.68
N VAL B 444 -8.89 -28.93 -40.46
CA VAL B 444 -8.71 -30.37 -40.63
C VAL B 444 -8.33 -30.69 -42.07
N GLY B 445 -8.90 -29.94 -43.02
CA GLY B 445 -8.48 -30.10 -44.42
C GLY B 445 -7.03 -29.76 -44.65
N VAL B 446 -6.48 -28.80 -43.90
CA VAL B 446 -5.05 -28.54 -43.96
C VAL B 446 -4.26 -29.69 -43.34
N CYS B 447 -4.75 -30.23 -42.21
CA CYS B 447 -4.06 -31.35 -41.54
C CYS B 447 -3.88 -32.53 -42.48
N LEU B 448 -4.90 -32.85 -43.28
CA LEU B 448 -4.83 -34.00 -44.17
C LEU B 448 -3.82 -33.80 -45.29
N ARG B 449 -3.40 -32.57 -45.56
N ARG B 449 -3.39 -32.57 -45.54
N ARG B 449 -3.40 -32.57 -45.56
N ARG B 449 -3.40 -32.57 -45.54
CA ARG B 449 -2.32 -32.32 -46.51
CA ARG B 449 -2.33 -32.27 -46.49
CA ARG B 449 -2.32 -32.32 -46.51
CA ARG B 449 -2.33 -32.26 -46.49
C ARG B 449 -0.95 -32.44 -45.87
C ARG B 449 -0.95 -32.27 -45.85
C ARG B 449 -0.95 -32.44 -45.87
C ARG B 449 -0.95 -32.24 -45.84
N LEU B 450 -0.87 -32.55 -44.55
CA LEU B 450 0.39 -32.70 -43.84
C LEU B 450 0.58 -34.13 -43.36
N ASN B 451 -0.17 -35.05 -43.97
CA ASN B 451 -0.24 -36.46 -43.58
C ASN B 451 -0.29 -36.62 -42.05
N ALA B 452 -1.32 -36.00 -41.50
CA ALA B 452 -1.58 -36.09 -40.07
C ALA B 452 -1.96 -37.51 -39.68
N LYS B 453 -1.45 -37.95 -38.53
CA LYS B 453 -1.83 -39.22 -37.95
C LYS B 453 -2.71 -38.96 -36.73
N ILE B 454 -3.43 -40.01 -36.31
CA ILE B 454 -4.30 -39.87 -35.15
C ILE B 454 -3.51 -39.36 -33.94
N SER B 455 -2.25 -39.80 -33.80
CA SER B 455 -1.45 -39.35 -32.68
C SER B 455 -1.08 -37.87 -32.79
N ASP B 456 -1.01 -37.33 -34.00
CA ASP B 456 -0.81 -35.90 -34.15
C ASP B 456 -1.99 -35.11 -33.60
N PHE B 457 -3.20 -35.63 -33.79
CA PHE B 457 -4.38 -35.00 -33.19
C PHE B 457 -4.36 -35.13 -31.66
N TYR B 458 -4.17 -36.35 -31.17
CA TYR B 458 -4.26 -36.61 -29.73
C TYR B 458 -3.14 -35.94 -28.94
N ASN B 459 -1.95 -35.77 -29.54
CA ASN B 459 -0.86 -35.08 -28.84
C ASN B 459 -0.95 -33.56 -28.88
N THR B 460 -1.88 -32.99 -29.65
CA THR B 460 -2.09 -31.55 -29.67
C THR B 460 -2.89 -31.15 -28.44
N ILE B 461 -2.53 -30.03 -27.83
CA ILE B 461 -3.23 -29.57 -26.62
C ILE B 461 -4.56 -28.95 -27.00
N GLY B 462 -5.63 -29.32 -26.28
CA GLY B 462 -6.95 -28.86 -26.65
C GLY B 462 -7.22 -27.41 -26.25
N VAL B 463 -8.19 -26.80 -26.92
CA VAL B 463 -8.75 -25.52 -26.51
C VAL B 463 -10.03 -25.82 -25.76
N HIS B 464 -10.12 -25.32 -24.53
CA HIS B 464 -11.20 -25.73 -23.64
C HIS B 464 -11.92 -24.51 -23.09
N PRO B 465 -13.25 -24.54 -23.03
CA PRO B 465 -14.15 -25.59 -23.51
C PRO B 465 -14.65 -25.36 -24.94
N THR B 466 -14.49 -26.34 -25.82
CA THR B 466 -15.01 -26.28 -27.18
C THR B 466 -15.54 -27.64 -27.56
N SER B 467 -16.35 -27.68 -28.62
CA SER B 467 -16.66 -28.96 -29.23
C SER B 467 -15.46 -29.51 -29.99
N ALA B 468 -14.67 -28.63 -30.60
CA ALA B 468 -13.56 -29.05 -31.44
C ALA B 468 -12.52 -29.86 -30.67
N GLU B 469 -12.31 -29.59 -29.36
CA GLU B 469 -11.30 -30.32 -28.61
C GLU B 469 -11.59 -31.83 -28.55
N GLU B 470 -12.81 -32.26 -28.88
CA GLU B 470 -13.09 -33.69 -28.97
C GLU B 470 -12.14 -34.38 -29.93
N LEU B 471 -11.74 -33.69 -31.01
CA LEU B 471 -10.85 -34.26 -32.03
C LEU B 471 -9.46 -34.56 -31.50
N CYS B 472 -9.06 -33.93 -30.39
CA CYS B 472 -7.77 -34.16 -29.77
C CYS B 472 -7.87 -35.00 -28.50
N SER B 473 -9.01 -35.65 -28.26
CA SER B 473 -9.20 -36.43 -27.05
C SER B 473 -9.38 -37.92 -27.31
N MET B 474 -9.26 -38.36 -28.56
CA MET B 474 -9.56 -39.74 -28.92
C MET B 474 -8.29 -40.53 -29.17
N ARG B 475 -8.06 -41.55 -28.33
CA ARG B 475 -6.85 -42.35 -28.28
C ARG B 475 -7.07 -43.81 -28.68
N THR B 476 -8.27 -44.33 -28.48
CA THR B 476 -8.55 -45.76 -28.58
C THR B 476 -9.67 -45.98 -29.58
N PRO B 477 -9.48 -46.81 -30.61
CA PRO B 477 -10.55 -47.01 -31.59
C PRO B 477 -11.80 -47.57 -30.94
N SER B 478 -12.96 -47.20 -31.50
CA SER B 478 -14.21 -47.81 -31.11
C SER B 478 -14.42 -49.15 -31.80
N TYR B 479 -13.99 -49.27 -33.06
CA TYR B 479 -14.12 -50.52 -33.81
C TYR B 479 -13.22 -50.43 -35.04
N TYR B 480 -13.26 -51.48 -35.86
CA TYR B 480 -12.32 -51.65 -36.96
C TYR B 480 -13.03 -52.23 -38.17
N TYR B 481 -12.40 -52.08 -39.33
CA TYR B 481 -12.68 -52.88 -40.51
C TYR B 481 -11.40 -53.64 -40.88
N VAL B 482 -11.51 -54.95 -41.02
CA VAL B 482 -10.39 -55.79 -41.44
C VAL B 482 -10.80 -56.52 -42.71
N LYS B 483 -10.06 -56.30 -43.79
CA LYS B 483 -10.41 -56.87 -45.10
C LYS B 483 -11.88 -56.62 -45.42
N GLY B 484 -12.36 -55.44 -45.07
CA GLY B 484 -13.69 -55.01 -45.44
C GLY B 484 -14.79 -55.37 -44.46
N GLU B 485 -14.51 -56.12 -43.39
CA GLU B 485 -15.56 -56.55 -42.48
C GLU B 485 -15.44 -55.86 -41.13
N LYS B 486 -16.57 -55.35 -40.64
CA LYS B 486 -16.63 -54.54 -39.43
C LYS B 486 -16.57 -55.44 -38.20
N MET B 487 -15.76 -55.04 -37.21
CA MET B 487 -15.62 -55.83 -36.00
C MET B 487 -15.13 -54.94 -34.87
N GLU B 488 -15.53 -55.29 -33.65
CA GLU B 488 -15.20 -54.46 -32.49
C GLU B 488 -13.75 -54.61 -32.07
N LYS B 489 -13.15 -55.79 -32.29
CA LYS B 489 -11.80 -56.06 -31.85
C LYS B 489 -10.98 -56.61 -33.01
N LEU B 490 -9.68 -56.38 -32.97
CA LEU B 490 -8.80 -56.91 -33.98
C LEU B 490 -8.63 -58.42 -33.79
N PRO B 491 -8.44 -59.18 -34.88
CA PRO B 491 -8.22 -60.62 -34.82
C PRO B 491 -6.75 -61.07 -34.90
N LYS C 6 21.57 31.74 -12.11
CA LYS C 6 23.02 31.65 -12.15
C LYS C 6 23.50 30.33 -11.52
N ALA C 7 24.77 30.28 -11.12
CA ALA C 7 25.41 29.04 -10.70
C ALA C 7 25.99 29.21 -9.30
N PHE C 8 26.06 28.11 -8.55
CA PHE C 8 26.35 28.16 -7.13
C PHE C 8 27.22 26.99 -6.71
N ASP C 9 27.96 27.20 -5.63
CA ASP C 9 28.67 26.10 -4.98
C ASP C 9 27.70 25.13 -4.30
N LEU C 10 26.59 25.64 -3.78
CA LEU C 10 25.68 24.85 -2.98
C LEU C 10 24.26 25.34 -3.22
N VAL C 11 23.35 24.43 -3.53
CA VAL C 11 21.92 24.73 -3.58
C VAL C 11 21.24 23.86 -2.53
N VAL C 12 20.51 24.50 -1.62
CA VAL C 12 19.80 23.84 -0.54
C VAL C 12 18.30 23.93 -0.84
N ILE C 13 17.64 22.78 -0.94
CA ILE C 13 16.21 22.73 -1.08
C ILE C 13 15.63 22.51 0.31
N GLY C 14 15.02 23.56 0.86
CA GLY C 14 14.52 23.54 2.22
C GLY C 14 15.26 24.52 3.12
N ALA C 15 14.64 25.66 3.40
CA ALA C 15 15.25 26.69 4.25
C ALA C 15 14.85 26.52 5.71
N GLY C 16 15.15 25.34 6.26
CA GLY C 16 14.74 24.96 7.59
C GLY C 16 15.88 24.84 8.58
N SER C 17 15.65 24.05 9.62
CA SER C 17 16.63 23.91 10.71
C SER C 17 17.99 23.50 10.16
N GLY C 18 18.05 22.39 9.43
CA GLY C 18 19.31 21.91 8.90
C GLY C 18 19.75 22.67 7.68
N GLY C 19 18.81 22.98 6.79
CA GLY C 19 19.15 23.67 5.56
C GLY C 19 19.80 25.01 5.81
N LEU C 20 19.22 25.82 6.69
CA LEU C 20 19.79 27.15 6.95
C LEU C 20 21.13 27.05 7.68
N GLU C 21 21.31 26.05 8.54
CA GLU C 21 22.61 25.91 9.20
C GLU C 21 23.69 25.54 8.19
N ALA C 22 23.35 24.69 7.21
CA ALA C 22 24.32 24.35 6.17
C ALA C 22 24.61 25.54 5.26
N GLY C 23 23.58 26.28 4.89
CA GLY C 23 23.75 27.38 3.95
C GLY C 23 24.48 28.57 4.56
N TRP C 24 24.17 28.90 5.81
CA TRP C 24 24.90 29.98 6.47
C TRP C 24 26.34 29.58 6.75
N ASN C 25 26.57 28.31 7.10
CA ASN C 25 27.93 27.86 7.39
C ASN C 25 28.80 27.86 6.13
N ALA C 26 28.26 27.33 5.03
CA ALA C 26 29.01 27.31 3.79
C ALA C 26 29.38 28.72 3.33
N ALA C 27 28.43 29.65 3.43
CA ALA C 27 28.67 31.01 2.94
C ALA C 27 29.61 31.79 3.86
N THR C 28 29.40 31.74 5.17
CA THR C 28 30.14 32.62 6.06
C THR C 28 31.43 32.01 6.59
N LEU C 29 31.56 30.69 6.57
CA LEU C 29 32.79 30.06 7.05
C LEU C 29 33.69 29.60 5.93
N TYR C 30 33.19 29.54 4.70
CA TYR C 30 33.97 29.09 3.55
C TYR C 30 33.79 29.99 2.33
N GLY C 31 33.06 31.10 2.45
CA GLY C 31 32.92 32.03 1.36
C GLY C 31 32.31 31.47 0.09
N LYS C 32 31.61 30.34 0.19
CA LYS C 32 31.01 29.73 -0.98
C LYS C 32 29.73 30.47 -1.36
N ARG C 33 29.33 30.30 -2.61
CA ARG C 33 28.12 30.91 -3.14
C ARG C 33 26.96 29.94 -2.98
N VAL C 34 25.92 30.36 -2.28
CA VAL C 34 24.90 29.45 -1.77
C VAL C 34 23.53 29.95 -2.18
N ALA C 35 22.73 29.06 -2.78
CA ALA C 35 21.31 29.28 -3.01
C ALA C 35 20.50 28.43 -2.03
N VAL C 36 19.40 28.99 -1.53
CA VAL C 36 18.50 28.29 -0.61
C VAL C 36 17.07 28.54 -1.07
N VAL C 37 16.29 27.47 -1.18
CA VAL C 37 14.93 27.54 -1.72
C VAL C 37 13.93 27.15 -0.64
N ASP C 38 12.83 27.90 -0.55
CA ASP C 38 11.70 27.53 0.29
C ASP C 38 10.43 28.08 -0.37
N VAL C 39 9.27 27.53 0.06
CA VAL C 39 8.02 27.74 -0.65
C VAL C 39 7.22 28.94 -0.13
N GLN C 40 7.62 29.52 1.00
CA GLN C 40 6.87 30.62 1.61
C GLN C 40 7.88 31.45 2.40
N THR C 41 7.60 32.75 2.50
CA THR C 41 8.52 33.62 3.25
C THR C 41 8.11 33.80 4.71
N SER C 42 6.88 33.45 5.08
CA SER C 42 6.47 33.55 6.48
C SER C 42 5.42 32.50 6.79
N HIS C 43 5.15 32.33 8.08
CA HIS C 43 4.39 31.21 8.60
C HIS C 43 2.96 31.21 8.09
N GLY C 44 2.37 30.01 8.04
CA GLY C 44 0.93 29.90 8.01
C GLY C 44 0.38 29.33 6.72
N PRO C 45 -0.94 29.14 6.66
CA PRO C 45 -1.59 28.70 5.42
C PRO C 45 -1.14 29.57 4.25
N PRO C 46 -1.04 28.99 3.06
CA PRO C 46 -1.39 27.61 2.66
C PRO C 46 -0.34 26.54 2.94
N PHE C 47 0.95 26.85 3.05
CA PHE C 47 1.95 25.80 3.12
C PHE C 47 2.50 25.57 4.53
N TYR C 48 2.13 26.42 5.50
CA TYR C 48 2.40 26.25 6.93
C TYR C 48 3.87 26.40 7.28
N ALA C 49 4.70 25.40 6.94
CA ALA C 49 6.13 25.60 7.02
C ALA C 49 6.56 26.66 6.02
N ALA C 50 7.72 27.25 6.24
CA ALA C 50 8.15 28.40 5.46
C ALA C 50 9.62 28.67 5.80
N LEU C 51 10.13 29.78 5.29
CA LEU C 51 11.45 30.27 5.68
C LEU C 51 11.64 30.16 7.20
N GLY C 52 12.65 29.41 7.61
CA GLY C 52 12.86 29.12 9.01
C GLY C 52 12.70 27.65 9.33
N GLY C 53 11.78 26.98 8.64
CA GLY C 53 11.56 25.55 8.80
C GLY C 53 10.33 25.26 9.62
N THR C 54 10.12 23.96 9.84
CA THR C 54 8.93 23.50 10.57
C THR C 54 8.96 23.90 12.04
N CYS C 55 10.14 23.80 12.67
CA CYS C 55 10.27 24.12 14.08
C CYS C 55 9.89 25.57 14.34
N VAL C 56 10.44 26.49 13.54
CA VAL C 56 10.20 27.91 13.72
C VAL C 56 8.73 28.25 13.48
N ASN C 57 8.12 27.65 12.46
CA ASN C 57 6.84 28.13 11.97
C ASN C 57 5.65 27.39 12.56
N VAL C 58 5.72 26.05 12.61
CA VAL C 58 4.60 25.22 13.05
C VAL C 58 5.15 24.03 13.82
N GLY C 59 6.08 24.29 14.74
CA GLY C 59 6.78 23.24 15.47
C GLY C 59 7.25 23.67 16.86
N CYS C 60 8.51 23.37 17.19
CA CYS C 60 9.00 23.57 18.56
C CYS C 60 8.71 24.97 19.10
N VAL C 61 9.00 26.00 18.30
CA VAL C 61 8.94 27.38 18.78
C VAL C 61 7.50 27.77 19.15
N PRO C 62 6.52 27.73 18.22
CA PRO C 62 5.16 28.11 18.65
C PRO C 62 4.56 27.16 19.67
N LYS C 63 4.84 25.86 19.58
CA LYS C 63 4.22 24.97 20.54
C LYS C 63 4.75 25.23 21.95
N LYS C 64 6.04 25.55 22.09
CA LYS C 64 6.56 25.85 23.43
C LYS C 64 5.86 27.06 24.02
N LEU C 65 5.62 28.09 23.18
CA LEU C 65 4.93 29.28 23.66
C LEU C 65 3.52 28.92 24.09
N MET C 66 2.85 28.06 23.33
CA MET C 66 1.48 27.67 23.66
C MET C 66 1.43 26.78 24.91
N VAL C 67 2.39 25.87 25.07
CA VAL C 67 2.45 25.12 26.32
C VAL C 67 2.69 26.07 27.49
N THR C 68 3.55 27.08 27.30
CA THR C 68 3.76 28.04 28.36
C THR C 68 2.46 28.73 28.74
N GLY C 69 1.65 29.09 27.73
CA GLY C 69 0.33 29.64 28.01
C GLY C 69 -0.55 28.68 28.77
N ALA C 70 -0.54 27.40 28.37
CA ALA C 70 -1.36 26.40 29.05
C ALA C 70 -0.96 26.20 30.51
N GLN C 71 0.32 26.34 30.83
CA GLN C 71 0.78 26.17 32.21
C GLN C 71 0.10 27.14 33.18
N TYR C 72 -0.38 28.28 32.70
CA TYR C 72 -0.97 29.23 33.63
C TYR C 72 -2.29 28.72 34.21
N MET C 73 -2.97 27.78 33.55
CA MET C 73 -4.13 27.17 34.20
C MET C 73 -3.72 26.57 35.54
N ASP C 74 -2.58 25.85 35.55
CA ASP C 74 -2.06 25.28 36.78
C ASP C 74 -1.59 26.37 37.75
N HIS C 75 -0.82 27.36 37.25
CA HIS C 75 -0.29 28.39 38.14
C HIS C 75 -1.38 29.13 38.89
N LEU C 76 -2.47 29.48 38.18
CA LEU C 76 -3.52 30.28 38.82
C LEU C 76 -4.18 29.48 39.93
N ARG C 77 -4.42 28.20 39.70
CA ARG C 77 -5.06 27.37 40.72
C ARG C 77 -4.12 27.15 41.90
N GLU C 78 -2.86 26.85 41.62
CA GLU C 78 -1.87 26.51 42.63
C GLU C 78 -1.44 27.70 43.48
N SER C 79 -1.62 28.93 42.98
CA SER C 79 -1.25 30.13 43.74
C SER C 79 -2.02 30.24 45.05
N ALA C 80 -3.24 29.70 45.10
CA ALA C 80 -4.09 29.86 46.28
C ALA C 80 -3.47 29.24 47.53
N GLY C 81 -2.83 28.08 47.40
CA GLY C 81 -2.20 27.44 48.54
C GLY C 81 -1.04 28.23 49.13
N PHE C 82 -0.51 29.19 48.38
CA PHE C 82 0.53 30.10 48.85
C PHE C 82 -0.03 31.46 49.25
N GLY C 83 -1.35 31.57 49.40
CA GLY C 83 -1.95 32.77 49.91
C GLY C 83 -2.38 33.79 48.87
N TRP C 84 -2.50 33.41 47.60
CA TRP C 84 -3.01 34.35 46.61
C TRP C 84 -4.52 34.23 46.52
N GLU C 85 -5.19 35.39 46.55
CA GLU C 85 -6.64 35.52 46.54
C GLU C 85 -7.05 36.35 45.34
N PHE C 86 -8.03 35.86 44.58
CA PHE C 86 -8.65 36.66 43.54
C PHE C 86 -9.96 36.01 43.15
N ASP C 87 -10.74 36.72 42.34
CA ASP C 87 -12.05 36.25 41.90
C ASP C 87 -11.92 35.09 40.92
N GLY C 88 -11.98 33.85 41.42
CA GLY C 88 -11.83 32.71 40.52
C GLY C 88 -12.88 32.66 39.43
N SER C 89 -14.10 33.13 39.71
CA SER C 89 -15.15 33.09 38.72
C SER C 89 -14.88 34.02 37.54
N SER C 90 -13.91 34.94 37.66
CA SER C 90 -13.59 35.87 36.59
C SER C 90 -12.50 35.35 35.64
N VAL C 91 -11.95 34.15 35.86
CA VAL C 91 -10.84 33.66 35.04
C VAL C 91 -11.35 33.16 33.70
N LYS C 92 -10.72 33.60 32.62
CA LYS C 92 -10.99 33.09 31.27
C LYS C 92 -9.68 33.02 30.51
N ALA C 93 -9.53 31.99 29.68
CA ALA C 93 -8.36 31.81 28.83
C ALA C 93 -8.73 32.26 27.42
N ASN C 94 -8.11 33.34 26.94
CA ASN C 94 -8.44 33.90 25.64
C ASN C 94 -7.51 33.29 24.59
N TRP C 95 -8.01 32.28 23.90
CA TRP C 95 -7.23 31.60 22.85
C TRP C 95 -6.84 32.54 21.72
N LYS C 96 -7.74 33.44 21.31
CA LYS C 96 -7.40 34.33 20.21
C LYS C 96 -6.20 35.19 20.54
N LYS C 97 -6.11 35.67 21.80
CA LYS C 97 -4.94 36.44 22.20
C LYS C 97 -3.66 35.61 22.12
N LEU C 98 -3.72 34.35 22.59
CA LEU C 98 -2.54 33.50 22.53
C LEU C 98 -2.05 33.32 21.10
N ILE C 99 -2.97 33.01 20.18
CA ILE C 99 -2.59 32.73 18.79
C ILE C 99 -2.03 33.99 18.14
N ALA C 100 -2.64 35.13 18.44
CA ALA C 100 -2.15 36.39 17.89
C ALA C 100 -0.76 36.72 18.42
N ALA C 101 -0.52 36.53 19.73
CA ALA C 101 0.82 36.74 20.25
C ALA C 101 1.81 35.77 19.66
N LYS C 102 1.41 34.50 19.51
CA LYS C 102 2.28 33.52 18.87
C LYS C 102 2.59 33.92 17.41
N ASN C 103 1.58 34.36 16.68
CA ASN C 103 1.77 34.75 15.28
C ASN C 103 2.79 35.89 15.15
N GLU C 104 2.69 36.89 16.03
CA GLU C 104 3.61 38.01 15.94
C GLU C 104 5.05 37.58 16.22
N ALA C 105 5.23 36.68 17.19
CA ALA C 105 6.56 36.21 17.54
C ALA C 105 7.20 35.45 16.38
N VAL C 106 6.42 34.56 15.75
CA VAL C 106 6.94 33.79 14.63
C VAL C 106 7.23 34.69 13.43
N LEU C 107 6.32 35.62 13.15
CA LEU C 107 6.54 36.56 12.05
C LEU C 107 7.80 37.38 12.25
N ASP C 108 8.11 37.73 13.51
CA ASP C 108 9.36 38.44 13.77
C ASP C 108 10.56 37.57 13.42
N ILE C 109 10.47 36.25 13.66
CA ILE C 109 11.59 35.39 13.30
C ILE C 109 11.68 35.24 11.78
N ASN C 110 10.53 35.19 11.09
CA ASN C 110 10.56 35.14 9.62
C ASN C 110 11.26 36.38 9.05
N LYS C 111 10.80 37.57 9.45
CA LYS C 111 11.40 38.81 8.97
C LYS C 111 12.89 38.87 9.32
N SER C 112 13.27 38.31 10.47
CA SER C 112 14.68 38.26 10.83
C SER C 112 15.48 37.43 9.84
N TYR C 113 14.93 36.29 9.37
CA TYR C 113 15.66 35.48 8.40
C TYR C 113 15.76 36.20 7.06
N GLU C 114 14.72 36.96 6.68
CA GLU C 114 14.78 37.74 5.45
C GLU C 114 15.89 38.77 5.51
N GLY C 115 16.13 39.36 6.69
CA GLY C 115 17.26 40.27 6.82
C GLY C 115 18.59 39.57 6.73
N MET C 116 18.69 38.36 7.29
CA MET C 116 19.93 37.59 7.22
C MET C 116 20.36 37.38 5.78
N PHE C 117 19.41 37.14 4.87
CA PHE C 117 19.75 36.98 3.46
C PHE C 117 20.18 38.31 2.84
N ASN C 118 19.39 39.37 3.06
CA ASN C 118 19.69 40.65 2.43
C ASN C 118 21.02 41.21 2.89
N ASP C 119 21.56 40.75 4.02
CA ASP C 119 22.77 41.31 4.60
C ASP C 119 23.99 40.41 4.43
N THR C 120 23.82 39.22 3.85
CA THR C 120 24.93 38.28 3.70
C THR C 120 25.22 38.09 2.21
N GLU C 121 26.43 38.48 1.82
CA GLU C 121 26.89 38.28 0.44
C GLU C 121 27.23 36.82 0.23
N GLY C 122 26.83 36.30 -0.94
CA GLY C 122 27.02 34.89 -1.22
C GLY C 122 25.99 33.97 -0.62
N LEU C 123 24.86 34.50 -0.14
CA LEU C 123 23.78 33.69 0.41
C LEU C 123 22.47 34.29 -0.10
N ASP C 124 21.82 33.60 -1.04
CA ASP C 124 20.64 34.11 -1.73
C ASP C 124 19.45 33.20 -1.49
N PHE C 125 18.28 33.80 -1.32
CA PHE C 125 17.03 33.07 -1.12
C PHE C 125 16.21 33.09 -2.39
N PHE C 126 15.62 31.95 -2.73
CA PHE C 126 14.71 31.84 -3.87
C PHE C 126 13.38 31.27 -3.39
N LEU C 127 12.30 31.95 -3.77
CA LEU C 127 10.94 31.57 -3.41
C LEU C 127 10.36 30.67 -4.49
N GLY C 128 9.90 29.49 -4.09
CA GLY C 128 9.22 28.60 -5.01
C GLY C 128 9.46 27.15 -4.61
N TRP C 129 9.05 26.25 -5.48
CA TRP C 129 9.15 24.81 -5.23
C TRP C 129 10.37 24.24 -5.95
N GLY C 130 11.29 23.67 -5.17
CA GLY C 130 12.52 23.13 -5.72
C GLY C 130 12.40 21.66 -6.05
N SER C 131 13.01 21.27 -7.18
CA SER C 131 13.03 19.88 -7.59
C SER C 131 14.28 19.63 -8.43
N LEU C 132 14.66 18.36 -8.53
CA LEU C 132 15.86 17.94 -9.23
C LEU C 132 15.53 17.71 -10.71
N GLU C 133 16.09 18.54 -11.58
CA GLU C 133 15.94 18.32 -13.02
C GLU C 133 16.99 17.33 -13.53
N SER C 134 18.26 17.57 -13.17
CA SER C 134 19.35 16.70 -13.58
C SER C 134 20.47 16.81 -12.55
N LYS C 135 21.61 16.21 -12.89
CA LYS C 135 22.67 15.93 -11.91
C LYS C 135 23.11 17.18 -11.15
N ASN C 136 23.18 18.32 -11.84
CA ASN C 136 23.70 19.55 -11.23
C ASN C 136 22.77 20.72 -11.51
N VAL C 137 21.48 20.45 -11.68
CA VAL C 137 20.50 21.46 -12.04
C VAL C 137 19.32 21.32 -11.08
N VAL C 138 18.97 22.41 -10.41
CA VAL C 138 17.78 22.48 -9.56
C VAL C 138 16.81 23.46 -10.20
N VAL C 139 15.59 23.01 -10.46
CA VAL C 139 14.52 23.88 -10.96
C VAL C 139 13.73 24.40 -9.78
N VAL C 140 13.33 25.66 -9.87
CA VAL C 140 12.39 26.28 -8.94
C VAL C 140 11.15 26.62 -9.73
N ARG C 141 10.02 26.03 -9.36
CA ARG C 141 8.77 26.23 -10.07
C ARG C 141 7.77 27.00 -9.21
N GLU C 142 6.66 27.38 -9.86
CA GLU C 142 5.65 28.20 -9.21
C GLU C 142 4.89 27.43 -8.14
N THR C 143 4.54 26.17 -8.42
CA THR C 143 3.81 25.33 -7.47
C THR C 143 4.48 23.97 -7.36
N ALA C 144 3.96 23.12 -6.48
CA ALA C 144 4.46 21.75 -6.35
C ALA C 144 4.20 20.93 -7.60
N ASP C 145 3.27 21.36 -8.44
CA ASP C 145 2.98 20.70 -9.71
C ASP C 145 4.19 20.77 -10.64
N PRO C 146 4.79 19.64 -11.01
CA PRO C 146 5.99 19.70 -11.86
C PRO C 146 5.76 20.33 -13.21
N LYS C 147 4.49 20.50 -13.60
CA LYS C 147 4.11 21.11 -14.86
C LYS C 147 3.96 22.62 -14.74
N SER C 148 4.16 23.18 -13.55
CA SER C 148 3.98 24.60 -13.35
C SER C 148 5.18 25.37 -13.91
N ALA C 149 5.00 26.68 -14.01
CA ALA C 149 5.97 27.53 -14.68
C ALA C 149 7.33 27.50 -13.96
N VAL C 150 8.40 27.45 -14.76
CA VAL C 150 9.74 27.54 -14.21
C VAL C 150 10.03 28.98 -13.81
N LYS C 151 10.60 29.15 -12.62
CA LYS C 151 11.01 30.46 -12.11
C LYS C 151 12.52 30.65 -12.15
N GLU C 152 13.28 29.61 -11.80
CA GLU C 152 14.74 29.65 -11.88
C GLU C 152 15.24 28.26 -12.21
N ARG C 153 16.40 28.22 -12.88
CA ARG C 153 17.21 27.01 -12.99
C ARG C 153 18.56 27.34 -12.40
N LEU C 154 18.91 26.68 -11.31
CA LEU C 154 20.14 26.94 -10.60
C LEU C 154 21.14 25.83 -10.92
N GLN C 155 22.32 26.23 -11.41
CA GLN C 155 23.41 25.28 -11.58
C GLN C 155 24.11 25.11 -10.24
N ALA C 156 24.40 23.86 -9.88
CA ALA C 156 24.89 23.57 -8.54
C ALA C 156 26.00 22.54 -8.58
N ASP C 157 27.15 22.86 -7.96
CA ASP C 157 28.15 21.83 -7.73
C ASP C 157 27.63 20.78 -6.77
N HIS C 158 27.01 21.22 -5.68
CA HIS C 158 26.49 20.32 -4.64
C HIS C 158 25.05 20.70 -4.33
N ILE C 159 24.22 19.69 -4.11
CA ILE C 159 22.79 19.89 -3.87
C ILE C 159 22.43 19.20 -2.56
N LEU C 160 21.79 19.95 -1.66
CA LEU C 160 21.39 19.45 -0.35
C LEU C 160 19.87 19.32 -0.29
N LEU C 161 19.39 18.13 0.04
CA LEU C 161 17.98 17.88 0.25
C LEU C 161 17.67 18.06 1.74
N ALA C 162 16.78 19.00 2.06
CA ALA C 162 16.48 19.30 3.45
C ALA C 162 15.03 19.78 3.57
N THR C 163 14.11 19.00 3.01
CA THR C 163 12.71 19.37 2.91
C THR C 163 11.86 18.89 4.11
N GLY C 164 12.47 18.19 5.07
CA GLY C 164 11.77 17.85 6.30
C GLY C 164 10.72 16.76 6.12
N SER C 165 9.71 16.82 7.00
CA SER C 165 8.67 15.81 7.01
C SER C 165 7.28 16.44 6.92
N TRP C 166 6.24 15.63 7.03
CA TRP C 166 4.88 16.09 6.84
C TRP C 166 3.96 15.18 7.63
N PRO C 167 2.81 15.67 8.11
CA PRO C 167 1.93 14.83 8.92
C PRO C 167 1.43 13.61 8.15
N GLN C 168 1.48 12.46 8.79
CA GLN C 168 0.93 11.26 8.20
C GLN C 168 -0.57 11.17 8.51
N MET C 169 -1.39 10.87 7.51
CA MET C 169 -2.84 10.79 7.70
C MET C 169 -3.30 9.39 7.31
N PRO C 170 -3.99 8.66 8.19
CA PRO C 170 -4.43 7.30 7.82
C PRO C 170 -5.50 7.35 6.75
N ALA C 171 -5.50 6.34 5.88
CA ALA C 171 -6.43 6.30 4.76
C ALA C 171 -7.75 5.66 5.20
N ILE C 172 -8.45 6.36 6.09
CA ILE C 172 -9.75 5.89 6.58
C ILE C 172 -10.83 6.76 5.95
N PRO C 173 -12.07 6.28 5.82
CA PRO C 173 -13.13 7.13 5.30
C PRO C 173 -13.38 8.32 6.21
N GLY C 174 -13.51 9.50 5.59
CA GLY C 174 -13.67 10.74 6.34
C GLY C 174 -12.40 11.40 6.83
N ILE C 175 -11.23 10.95 6.38
CA ILE C 175 -9.98 11.55 6.84
C ILE C 175 -9.94 13.04 6.50
N GLU C 176 -10.62 13.45 5.44
CA GLU C 176 -10.64 14.86 5.03
C GLU C 176 -11.34 15.77 6.03
N HIS C 177 -12.10 15.20 6.97
CA HIS C 177 -12.70 16.00 8.02
C HIS C 177 -11.80 16.21 9.22
N CYS C 178 -10.59 15.67 9.20
CA CYS C 178 -9.64 15.76 10.28
C CYS C 178 -8.60 16.82 9.96
N ILE C 179 -7.90 17.27 10.99
CA ILE C 179 -6.78 18.19 10.79
C ILE C 179 -5.51 17.53 11.29
N SER C 180 -4.41 18.26 11.20
CA SER C 180 -3.13 17.84 11.79
C SER C 180 -2.62 18.99 12.64
N SER C 181 -1.40 18.87 13.19
CA SER C 181 -0.87 19.96 14.00
C SER C 181 -0.74 21.26 13.19
N ASN C 182 -0.51 21.17 11.88
CA ASN C 182 -0.43 22.37 11.04
C ASN C 182 -1.62 23.29 11.25
N GLU C 183 -2.83 22.73 11.10
CA GLU C 183 -4.04 23.54 11.20
C GLU C 183 -4.36 23.87 12.66
N ALA C 184 -3.90 23.03 13.60
CA ALA C 184 -4.14 23.32 15.02
C ALA C 184 -3.55 24.66 15.43
N PHE C 185 -2.41 25.04 14.85
CA PHE C 185 -1.77 26.32 15.16
C PHE C 185 -2.61 27.53 14.77
N TYR C 186 -3.67 27.33 13.97
CA TYR C 186 -4.44 28.46 13.45
C TYR C 186 -5.94 28.35 13.69
N LEU C 187 -6.39 27.48 14.58
CA LEU C 187 -7.82 27.38 14.82
C LEU C 187 -8.36 28.73 15.29
N PRO C 188 -9.49 29.21 14.75
CA PRO C 188 -9.97 30.54 15.13
C PRO C 188 -10.54 30.58 16.54
N GLU C 189 -11.04 29.46 17.04
CA GLU C 189 -11.63 29.29 18.36
C GLU C 189 -11.09 28.01 18.98
N PRO C 190 -10.93 27.97 20.30
CA PRO C 190 -10.48 26.74 20.93
C PRO C 190 -11.60 25.72 20.93
N PRO C 191 -11.33 24.47 20.58
CA PRO C 191 -12.41 23.49 20.48
C PRO C 191 -12.98 23.14 21.85
N ARG C 192 -14.32 23.03 21.91
CA ARG C 192 -14.94 22.58 23.15
C ARG C 192 -14.68 21.10 23.40
N ARG C 193 -14.86 20.27 22.38
CA ARG C 193 -14.52 18.86 22.44
C ARG C 193 -13.48 18.58 21.36
N VAL C 194 -12.36 17.96 21.74
CA VAL C 194 -11.32 17.63 20.77
C VAL C 194 -10.81 16.21 21.00
N LEU C 195 -10.62 15.47 19.90
CA LEU C 195 -9.93 14.19 19.92
C LEU C 195 -8.54 14.37 19.30
N THR C 196 -7.49 14.15 20.10
CA THR C 196 -6.14 14.01 19.54
C THR C 196 -5.84 12.52 19.34
N VAL C 197 -5.44 12.16 18.14
CA VAL C 197 -5.25 10.76 17.74
C VAL C 197 -3.75 10.49 17.69
N GLY C 198 -3.28 9.62 18.56
CA GLY C 198 -1.86 9.31 18.61
C GLY C 198 -1.32 9.29 20.02
N GLY C 199 -0.28 8.48 20.23
CA GLY C 199 0.28 8.35 21.55
C GLY C 199 1.62 9.03 21.76
N GLY C 200 2.11 9.73 20.73
CA GLY C 200 3.41 10.37 20.78
C GLY C 200 3.38 11.81 21.28
N PHE C 201 4.53 12.48 21.15
CA PHE C 201 4.74 13.74 21.85
C PHE C 201 3.85 14.85 21.31
N ILE C 202 3.59 14.88 20.00
CA ILE C 202 2.77 15.95 19.43
C ILE C 202 1.34 15.85 19.95
N SER C 203 0.79 14.63 19.95
CA SER C 203 -0.56 14.42 20.46
C SER C 203 -0.65 14.75 21.94
N VAL C 204 0.29 14.25 22.74
CA VAL C 204 0.28 14.52 24.18
C VAL C 204 0.43 16.02 24.45
N GLU C 205 1.29 16.69 23.68
CA GLU C 205 1.52 18.11 23.98
C GLU C 205 0.31 18.95 23.62
N PHE C 206 -0.35 18.65 22.50
CA PHE C 206 -1.53 19.42 22.12
C PHE C 206 -2.71 19.11 23.03
N ALA C 207 -2.85 17.87 23.48
CA ALA C 207 -3.89 17.56 24.48
C ALA C 207 -3.81 18.50 25.68
N GLY C 208 -2.59 18.78 26.14
CA GLY C 208 -2.44 19.68 27.28
C GLY C 208 -2.74 21.13 26.94
N ILE C 209 -2.39 21.55 25.72
CA ILE C 209 -2.72 22.92 25.27
C ILE C 209 -4.23 23.12 25.20
N PHE C 210 -4.93 22.22 24.49
CA PHE C 210 -6.38 22.31 24.36
C PHE C 210 -7.05 22.20 25.73
N ASN C 211 -6.48 21.41 26.63
CA ASN C 211 -7.10 21.22 27.94
C ASN C 211 -7.15 22.53 28.73
N ALA C 212 -6.15 23.38 28.55
CA ALA C 212 -6.09 24.65 29.28
C ALA C 212 -6.96 25.74 28.67
N TYR C 213 -7.11 25.76 27.35
CA TYR C 213 -7.83 26.85 26.69
C TYR C 213 -9.27 26.45 26.31
N LYS C 214 -9.73 25.27 26.69
CA LYS C 214 -11.08 24.85 26.32
C LYS C 214 -12.12 25.72 27.02
N PRO C 215 -13.27 25.94 26.38
CA PRO C 215 -14.36 26.71 27.00
C PRO C 215 -15.03 25.94 28.11
N PRO C 216 -15.90 26.58 28.90
CA PRO C 216 -16.56 25.88 30.02
C PRO C 216 -17.31 24.63 29.58
N GLY C 217 -17.13 23.55 30.34
CA GLY C 217 -17.75 22.28 30.03
C GLY C 217 -17.06 21.46 28.96
N GLY C 218 -15.95 21.96 28.41
CA GLY C 218 -15.27 21.24 27.35
C GLY C 218 -14.56 19.99 27.84
N LYS C 219 -13.99 19.25 26.90
CA LYS C 219 -13.36 17.98 27.23
C LYS C 219 -12.35 17.62 26.16
N VAL C 220 -11.13 17.27 26.57
CA VAL C 220 -10.09 16.77 25.68
C VAL C 220 -10.00 15.24 25.83
N THR C 221 -10.02 14.53 24.71
CA THR C 221 -9.82 13.09 24.67
C THR C 221 -8.64 12.78 23.76
N LEU C 222 -7.72 11.94 24.25
CA LEU C 222 -6.59 11.44 23.47
C LEU C 222 -6.79 9.95 23.29
N CYS C 223 -6.65 9.46 22.07
CA CYS C 223 -6.76 8.03 21.86
C CYS C 223 -5.47 7.50 21.25
N TYR C 224 -5.19 6.23 21.54
CA TYR C 224 -3.99 5.58 21.07
C TYR C 224 -4.33 4.10 20.88
N ARG C 225 -3.83 3.53 19.78
CA ARG C 225 -4.25 2.20 19.37
C ARG C 225 -3.68 1.10 20.26
N ASN C 226 -2.58 1.35 20.97
CA ASN C 226 -2.02 0.33 21.83
C ASN C 226 -2.32 0.62 23.30
N ASN C 227 -1.69 -0.14 24.19
N ASN C 227 -1.72 -0.15 24.21
N ASN C 227 -1.69 -0.14 24.19
N ASN C 227 -1.72 -0.15 24.21
CA ASN C 227 -2.10 -0.18 25.59
CA ASN C 227 -2.15 -0.14 25.60
CA ASN C 227 -2.10 -0.18 25.59
CA ASN C 227 -2.15 -0.14 25.60
C ASN C 227 -1.55 0.98 26.42
C ASN C 227 -1.60 1.04 26.39
C ASN C 227 -1.55 0.98 26.42
C ASN C 227 -1.61 1.05 26.39
N LEU C 228 -0.50 1.65 25.96
CA LEU C 228 0.14 2.68 26.77
C LEU C 228 0.84 3.74 25.91
N ILE C 229 0.59 5.02 26.20
CA ILE C 229 1.08 6.11 25.36
C ILE C 229 2.59 6.28 25.47
N LEU C 230 3.16 7.05 24.55
CA LEU C 230 4.56 7.48 24.58
C LEU C 230 5.51 6.29 24.50
N ARG C 231 5.18 5.34 23.63
CA ARG C 231 6.09 4.26 23.25
C ARG C 231 7.49 4.81 22.99
N GLY C 232 8.51 4.15 23.53
CA GLY C 232 9.88 4.58 23.37
C GLY C 232 10.45 5.36 24.54
N PHE C 233 9.60 5.84 25.45
CA PHE C 233 10.02 6.49 26.68
C PHE C 233 9.99 5.50 27.83
N ASP C 234 10.60 5.90 28.95
CA ASP C 234 10.64 5.08 30.14
C ASP C 234 9.24 4.65 30.58
N GLU C 235 9.10 3.36 30.90
CA GLU C 235 7.77 2.79 31.18
C GLU C 235 7.17 3.36 32.45
N THR C 236 7.96 3.55 33.51
CA THR C 236 7.45 4.21 34.71
C THR C 236 6.86 5.58 34.37
N ILE C 237 7.56 6.34 33.52
CA ILE C 237 7.13 7.69 33.17
C ILE C 237 5.92 7.66 32.23
N ARG C 238 5.87 6.69 31.32
CA ARG C 238 4.67 6.55 30.49
C ARG C 238 3.43 6.33 31.34
N GLU C 239 3.54 5.47 32.35
CA GLU C 239 2.40 5.22 33.23
C GLU C 239 2.09 6.45 34.08
N GLU C 240 3.12 7.15 34.53
CA GLU C 240 2.89 8.26 35.45
C GLU C 240 2.36 9.50 34.71
N VAL C 241 2.80 9.73 33.48
CA VAL C 241 2.26 10.88 32.77
C VAL C 241 0.80 10.62 32.36
N THR C 242 0.42 9.34 32.13
CA THR C 242 -0.98 8.99 31.92
C THR C 242 -1.84 9.33 33.14
N LYS C 243 -1.36 9.01 34.34
CA LYS C 243 -2.11 9.37 35.54
C LYS C 243 -2.21 10.88 35.69
N GLN C 244 -1.15 11.62 35.37
CA GLN C 244 -1.16 13.05 35.65
C GLN C 244 -1.92 13.84 34.59
N LEU C 245 -1.97 13.34 33.35
CA LEU C 245 -2.89 13.92 32.38
C LEU C 245 -4.33 13.64 32.79
N THR C 246 -4.60 12.41 33.25
CA THR C 246 -5.95 12.06 33.70
C THR C 246 -6.39 12.93 34.87
N ALA C 247 -5.47 13.19 35.81
CA ALA C 247 -5.80 13.99 37.00
C ALA C 247 -6.14 15.43 36.64
N ASN C 248 -5.65 15.92 35.52
CA ASN C 248 -5.94 17.27 35.08
C ASN C 248 -7.09 17.31 34.08
N GLY C 249 -7.85 16.22 33.96
CA GLY C 249 -9.12 16.23 33.26
C GLY C 249 -9.10 15.76 31.82
N ILE C 250 -7.95 15.29 31.32
CA ILE C 250 -7.87 14.73 29.98
C ILE C 250 -8.26 13.26 30.04
N GLU C 251 -9.10 12.82 29.10
CA GLU C 251 -9.48 11.41 29.01
C GLU C 251 -8.54 10.68 28.07
N ILE C 252 -7.96 9.58 28.52
CA ILE C 252 -7.00 8.82 27.73
C ILE C 252 -7.65 7.50 27.36
N MET C 253 -7.99 7.35 26.07
CA MET C 253 -8.62 6.16 25.49
C MET C 253 -7.56 5.28 24.86
N THR C 254 -7.08 4.27 25.57
CA THR C 254 -6.09 3.38 24.98
C THR C 254 -6.76 2.19 24.32
N ASN C 255 -6.00 1.50 23.47
CA ASN C 255 -6.49 0.34 22.72
C ASN C 255 -7.69 0.70 21.84
N GLU C 256 -7.68 1.90 21.26
CA GLU C 256 -8.75 2.36 20.39
C GLU C 256 -8.14 3.08 19.20
N ASN C 257 -8.80 2.96 18.04
CA ASN C 257 -8.30 3.56 16.81
C ASN C 257 -9.46 3.99 15.93
N PRO C 258 -9.46 5.21 15.41
CA PRO C 258 -10.53 5.63 14.49
C PRO C 258 -10.59 4.73 13.25
N ALA C 259 -11.81 4.31 12.91
CA ALA C 259 -12.07 3.59 11.68
C ALA C 259 -12.77 4.43 10.63
N LYS C 260 -13.53 5.45 11.05
CA LYS C 260 -14.31 6.28 10.15
C LYS C 260 -14.61 7.61 10.86
N VAL C 261 -14.64 8.70 10.09
CA VAL C 261 -15.06 10.01 10.59
C VAL C 261 -16.14 10.55 9.66
N SER C 262 -17.26 10.98 10.22
CA SER C 262 -18.30 11.59 9.39
C SER C 262 -18.61 12.99 9.89
N LEU C 263 -19.05 13.85 8.97
CA LEU C 263 -19.35 15.24 9.28
C LEU C 263 -20.84 15.40 9.61
N ASN C 264 -21.12 15.94 10.80
CA ASN C 264 -22.49 16.27 11.15
C ASN C 264 -22.89 17.58 10.48
N THR C 265 -24.19 17.79 10.31
CA THR C 265 -24.48 19.03 9.59
C THR C 265 -24.21 20.25 10.45
N ASP C 266 -24.13 20.12 11.80
CA ASP C 266 -23.74 21.28 12.60
C ASP C 266 -22.23 21.54 12.60
N GLY C 267 -21.47 20.81 11.80
CA GLY C 267 -20.04 21.01 11.70
C GLY C 267 -19.20 20.15 12.60
N SER C 268 -19.78 19.50 13.61
CA SER C 268 -18.98 18.61 14.43
C SER C 268 -18.71 17.30 13.69
N LYS C 269 -17.87 16.47 14.29
CA LYS C 269 -17.41 15.22 13.70
C LYS C 269 -17.90 14.03 14.55
N HIS C 270 -18.39 13.00 13.87
CA HIS C 270 -18.82 11.74 14.50
C HIS C 270 -17.75 10.69 14.20
N VAL C 271 -16.99 10.31 15.22
CA VAL C 271 -15.90 9.35 15.07
C VAL C 271 -16.41 7.96 15.44
N THR C 272 -16.18 6.98 14.57
CA THR C 272 -16.43 5.57 14.85
C THR C 272 -15.08 4.86 14.97
N PHE C 273 -14.89 4.16 16.08
CA PHE C 273 -13.65 3.44 16.35
C PHE C 273 -13.75 2.00 15.84
N GLU C 274 -12.57 1.37 15.69
CA GLU C 274 -12.55 -0.02 15.23
C GLU C 274 -13.36 -0.93 16.15
N SER C 275 -13.46 -0.56 17.43
CA SER C 275 -14.22 -1.33 18.40
C SER C 275 -15.72 -1.18 18.23
N GLY C 276 -16.19 -0.17 17.50
CA GLY C 276 -17.59 0.15 17.47
C GLY C 276 -18.00 1.28 18.38
N LYS C 277 -17.14 1.70 19.30
CA LYS C 277 -17.40 2.90 20.10
C LYS C 277 -17.52 4.12 19.18
N THR C 278 -18.29 5.11 19.63
CA THR C 278 -18.39 6.36 18.89
C THR C 278 -18.16 7.53 19.85
N LEU C 279 -17.75 8.66 19.27
CA LEU C 279 -17.51 9.89 20.02
C LEU C 279 -17.74 11.09 19.10
N ASP C 280 -18.47 12.08 19.58
CA ASP C 280 -18.70 13.33 18.86
C ASP C 280 -17.75 14.39 19.38
N VAL C 281 -17.01 15.06 18.49
CA VAL C 281 -16.12 16.13 18.87
C VAL C 281 -16.20 17.27 17.86
N ASP C 282 -15.67 18.43 18.26
CA ASP C 282 -15.61 19.57 17.35
C ASP C 282 -14.40 19.51 16.43
N VAL C 283 -13.29 18.92 16.89
CA VAL C 283 -12.05 18.84 16.13
C VAL C 283 -11.45 17.45 16.31
N VAL C 284 -11.00 16.83 15.20
CA VAL C 284 -10.18 15.61 15.24
C VAL C 284 -8.79 15.99 14.74
N MET C 285 -7.79 15.94 15.62
CA MET C 285 -6.41 16.23 15.24
C MET C 285 -5.63 14.92 15.12
N MET C 286 -5.19 14.61 13.91
CA MET C 286 -4.42 13.41 13.62
C MET C 286 -2.93 13.67 13.88
N ALA C 287 -2.33 12.93 14.83
CA ALA C 287 -0.91 13.06 15.16
C ALA C 287 -0.30 11.68 15.32
N ILE C 288 -0.48 10.81 14.32
CA ILE C 288 -0.03 9.42 14.38
C ILE C 288 1.36 9.21 13.82
N GLY C 289 1.98 10.24 13.30
CA GLY C 289 3.33 10.12 12.77
C GLY C 289 3.62 11.23 11.79
N ARG C 290 4.89 11.33 11.40
CA ARG C 290 5.33 12.25 10.36
C ARG C 290 6.25 11.51 9.39
N ILE C 291 6.10 11.80 8.10
CA ILE C 291 6.79 11.03 7.07
C ILE C 291 7.69 11.93 6.23
N PRO C 292 8.80 11.41 5.68
CA PRO C 292 9.71 12.27 4.92
C PRO C 292 9.03 12.88 3.71
N ARG C 293 9.41 14.12 3.40
CA ARG C 293 8.71 14.92 2.40
C ARG C 293 9.49 14.84 1.09
N THR C 294 9.26 13.75 0.35
CA THR C 294 10.06 13.44 -0.83
C THR C 294 9.30 13.54 -2.15
N ASN C 295 7.97 13.62 -2.12
CA ASN C 295 7.19 13.51 -3.35
C ASN C 295 7.50 14.62 -4.35
N ASP C 296 7.62 15.86 -3.88
CA ASP C 296 7.75 16.98 -4.80
C ASP C 296 9.14 17.14 -5.39
N LEU C 297 10.12 16.37 -4.92
CA LEU C 297 11.51 16.60 -5.32
C LEU C 297 11.86 16.03 -6.69
N GLN C 298 10.99 15.19 -7.29
CA GLN C 298 11.27 14.58 -8.59
C GLN C 298 12.55 13.77 -8.52
N LEU C 299 12.70 12.99 -7.45
CA LEU C 299 13.94 12.24 -7.24
C LEU C 299 14.21 11.24 -8.36
N GLY C 300 13.18 10.80 -9.07
CA GLY C 300 13.37 9.86 -10.16
C GLY C 300 14.13 10.42 -11.34
N ASN C 301 14.16 11.75 -11.49
CA ASN C 301 14.90 12.36 -12.58
C ASN C 301 16.40 12.13 -12.47
N VAL C 302 16.91 11.79 -11.28
CA VAL C 302 18.33 11.48 -11.10
C VAL C 302 18.56 10.19 -10.32
N GLY C 303 17.51 9.48 -9.94
CA GLY C 303 17.67 8.18 -9.31
C GLY C 303 18.16 8.16 -7.87
N VAL C 304 17.92 9.24 -7.10
CA VAL C 304 18.24 9.21 -5.67
C VAL C 304 17.37 8.14 -5.00
N LYS C 305 18.01 7.26 -4.23
CA LYS C 305 17.34 6.10 -3.67
C LYS C 305 16.65 6.41 -2.34
N LEU C 306 15.47 5.84 -2.15
CA LEU C 306 14.74 5.87 -0.90
C LEU C 306 14.85 4.51 -0.19
N THR C 307 14.84 4.55 1.15
CA THR C 307 14.73 3.36 1.96
C THR C 307 13.32 2.82 1.82
N PRO C 308 13.08 1.57 2.25
CA PRO C 308 11.69 1.06 2.19
C PRO C 308 10.73 1.88 3.04
N LYS C 309 11.26 2.56 4.06
CA LYS C 309 10.44 3.41 4.93
C LYS C 309 9.99 4.69 4.26
N GLY C 310 10.69 5.14 3.21
CA GLY C 310 10.35 6.37 2.52
C GLY C 310 11.37 7.48 2.66
N GLY C 311 12.37 7.33 3.54
CA GLY C 311 13.38 8.35 3.67
C GLY C 311 14.47 8.23 2.61
N VAL C 312 15.14 9.35 2.33
CA VAL C 312 16.30 9.31 1.45
C VAL C 312 17.41 8.50 2.14
N GLN C 313 17.87 7.45 1.46
CA GLN C 313 18.95 6.64 2.00
C GLN C 313 20.24 7.44 2.05
N VAL C 314 20.94 7.38 3.17
CA VAL C 314 22.19 8.11 3.36
C VAL C 314 23.17 7.25 4.14
N ASP C 315 24.46 7.50 3.93
CA ASP C 315 25.50 6.94 4.77
C ASP C 315 25.71 7.86 5.98
N GLU C 316 26.73 7.58 6.79
CA GLU C 316 26.98 8.35 8.00
C GLU C 316 27.42 9.79 7.73
N PHE C 317 27.76 10.12 6.48
CA PHE C 317 28.15 11.49 6.14
C PHE C 317 27.09 12.19 5.29
N SER C 318 25.85 11.69 5.36
CA SER C 318 24.69 12.30 4.73
C SER C 318 24.74 12.24 3.21
N ARG C 319 25.50 11.31 2.65
CA ARG C 319 25.64 11.21 1.20
C ARG C 319 24.64 10.21 0.66
N THR C 320 23.96 10.58 -0.43
CA THR C 320 23.07 9.67 -1.13
C THR C 320 23.90 8.81 -2.09
N ASN C 321 23.21 7.90 -2.80
CA ASN C 321 23.83 7.10 -3.84
C ASN C 321 24.27 7.92 -5.05
N VAL C 322 23.80 9.14 -5.19
CA VAL C 322 24.18 10.03 -6.28
C VAL C 322 25.26 10.97 -5.77
N PRO C 323 26.43 11.04 -6.42
CA PRO C 323 27.48 11.94 -5.93
C PRO C 323 27.01 13.39 -5.91
N ASN C 324 27.63 14.17 -5.05
N ASN C 324 27.67 14.20 -5.08
N ASN C 324 27.63 14.17 -5.05
N ASN C 324 27.66 14.19 -5.08
CA ASN C 324 27.38 15.60 -4.89
CA ASN C 324 27.39 15.63 -4.88
CA ASN C 324 27.38 15.60 -4.89
CA ASN C 324 27.38 15.62 -4.89
C ASN C 324 25.91 15.91 -4.57
C ASN C 324 25.92 15.91 -4.55
C ASN C 324 25.91 15.91 -4.57
C ASN C 324 25.92 15.91 -4.55
N ILE C 325 25.15 14.90 -4.15
CA ILE C 325 23.78 15.07 -3.68
C ILE C 325 23.68 14.48 -2.28
N TYR C 326 23.24 15.30 -1.32
CA TYR C 326 23.22 14.93 0.09
C TYR C 326 21.81 15.14 0.65
N ALA C 327 21.57 14.57 1.84
CA ALA C 327 20.29 14.73 2.51
C ALA C 327 20.51 14.75 4.01
N ILE C 328 19.90 15.72 4.70
CA ILE C 328 19.96 15.80 6.15
C ILE C 328 18.56 16.08 6.70
N GLY C 329 18.40 15.83 7.99
CA GLY C 329 17.19 16.22 8.69
C GLY C 329 16.12 15.16 8.60
N ASP C 330 14.87 15.62 8.80
CA ASP C 330 13.74 14.70 8.85
C ASP C 330 13.56 13.92 7.55
N ILE C 331 14.06 14.44 6.43
CA ILE C 331 13.91 13.72 5.17
C ILE C 331 14.65 12.39 5.20
N THR C 332 15.60 12.22 6.13
CA THR C 332 16.31 10.95 6.27
C THR C 332 15.64 9.98 7.22
N ASP C 333 14.66 10.42 8.01
CA ASP C 333 13.87 9.51 8.85
C ASP C 333 14.73 8.83 9.90
N ARG C 334 15.64 9.59 10.52
CA ARG C 334 16.47 9.09 11.61
C ARG C 334 15.92 9.56 12.96
N LEU C 335 16.51 10.61 13.52
CA LEU C 335 15.98 11.29 14.68
C LEU C 335 15.36 12.59 14.19
N MET C 336 14.04 12.74 14.35
CA MET C 336 13.37 13.94 13.86
C MET C 336 13.37 15.00 14.97
N LEU C 337 14.54 15.60 15.17
CA LEU C 337 14.73 16.68 16.14
C LEU C 337 15.47 17.83 15.47
N THR C 338 15.09 19.06 15.80
CA THR C 338 15.75 20.23 15.21
C THR C 338 17.24 20.29 15.49
N PRO C 339 17.73 20.06 16.72
CA PRO C 339 19.19 20.15 16.92
C PRO C 339 19.97 19.04 16.22
N VAL C 340 19.35 17.89 15.95
CA VAL C 340 20.02 16.87 15.14
C VAL C 340 20.14 17.33 13.70
N ALA C 341 19.07 17.89 13.13
CA ALA C 341 19.16 18.42 11.78
C ALA C 341 20.25 19.49 11.67
N ILE C 342 20.37 20.33 12.69
CA ILE C 342 21.39 21.38 12.69
C ILE C 342 22.78 20.76 12.74
N ASN C 343 22.97 19.76 13.61
CA ASN C 343 24.25 19.06 13.70
C ASN C 343 24.61 18.40 12.38
N GLU C 344 23.64 17.74 11.75
CA GLU C 344 23.88 17.08 10.46
C GLU C 344 24.24 18.09 9.38
N GLY C 345 23.58 19.26 9.39
CA GLY C 345 23.86 20.25 8.37
C GLY C 345 25.24 20.86 8.52
N ALA C 346 25.67 21.09 9.75
CA ALA C 346 27.01 21.62 9.97
C ALA C 346 28.07 20.59 9.65
N ALA C 347 27.83 19.33 10.02
CA ALA C 347 28.81 18.28 9.77
C ALA C 347 28.97 17.98 8.29
N LEU C 348 27.90 18.16 7.49
CA LEU C 348 28.00 17.92 6.06
C LEU C 348 28.84 18.99 5.38
N VAL C 349 28.64 20.26 5.74
CA VAL C 349 29.41 21.34 5.14
C VAL C 349 30.87 21.26 5.54
N ASP C 350 31.15 20.88 6.80
CA ASP C 350 32.53 20.66 7.22
C ASP C 350 33.19 19.51 6.48
N THR C 351 32.40 18.57 5.95
CA THR C 351 32.92 17.46 5.18
C THR C 351 33.11 17.80 3.70
N VAL C 352 32.16 18.52 3.12
CA VAL C 352 32.24 18.83 1.69
C VAL C 352 33.17 20.01 1.43
N PHE C 353 33.14 21.02 2.30
CA PHE C 353 33.90 22.24 2.08
C PHE C 353 34.98 22.47 3.14
N GLY C 354 35.30 21.46 3.94
CA GLY C 354 36.33 21.59 4.95
C GLY C 354 37.40 20.52 4.79
N ASN C 355 38.36 20.55 5.72
CA ASN C 355 39.44 19.56 5.72
C ASN C 355 38.94 18.21 6.21
N LYS C 356 38.63 18.11 7.50
CA LYS C 356 38.32 16.80 8.06
C LYS C 356 36.83 16.52 8.00
N PRO C 357 36.42 15.37 7.44
CA PRO C 357 35.00 15.00 7.47
C PRO C 357 34.52 14.78 8.90
N ARG C 358 33.22 14.97 9.10
CA ARG C 358 32.58 14.78 10.39
C ARG C 358 31.22 14.11 10.19
N LYS C 359 30.86 13.24 11.13
CA LYS C 359 29.59 12.53 11.12
C LYS C 359 28.82 12.80 12.41
N THR C 360 27.51 12.98 12.29
CA THR C 360 26.66 13.21 13.45
C THR C 360 26.51 11.94 14.28
N ASP C 361 26.64 12.07 15.59
CA ASP C 361 26.45 10.95 16.52
C ASP C 361 24.99 10.94 16.99
N HIS C 362 24.28 9.86 16.68
CA HIS C 362 22.85 9.77 16.91
C HIS C 362 22.50 9.06 18.22
N THR C 363 23.48 8.72 19.04
CA THR C 363 23.25 8.08 20.32
C THR C 363 23.37 9.09 21.45
N ARG C 364 22.69 8.80 22.56
CA ARG C 364 22.78 9.62 23.77
C ARG C 364 22.37 11.07 23.50
N VAL C 365 21.38 11.24 22.62
CA VAL C 365 20.84 12.56 22.29
C VAL C 365 19.76 12.89 23.32
N ALA C 366 19.90 14.02 24.00
CA ALA C 366 18.89 14.39 24.99
C ALA C 366 17.68 15.01 24.29
N SER C 367 16.49 14.77 24.84
CA SER C 367 15.28 15.33 24.25
C SER C 367 14.24 15.51 25.34
N ALA C 368 13.10 16.08 24.95
CA ALA C 368 12.08 16.44 25.92
C ALA C 368 10.69 16.28 25.31
N VAL C 369 9.71 16.15 26.20
CA VAL C 369 8.30 16.27 25.84
C VAL C 369 7.72 17.38 26.70
N PHE C 370 7.16 18.39 26.06
CA PHE C 370 6.59 19.49 26.83
C PHE C 370 5.13 19.22 27.15
N SER C 371 4.94 18.03 27.70
CA SER C 371 3.70 17.66 28.34
C SER C 371 3.56 18.45 29.64
N ILE C 372 2.37 18.44 30.19
CA ILE C 372 2.16 19.03 31.51
C ILE C 372 1.79 17.88 32.44
N PRO C 373 2.72 17.40 33.29
CA PRO C 373 4.10 17.89 33.52
C PRO C 373 5.07 17.36 32.46
N PRO C 374 6.26 17.93 32.32
CA PRO C 374 7.12 17.59 31.17
C PRO C 374 8.13 16.47 31.46
N ILE C 375 8.70 15.95 30.36
CA ILE C 375 9.67 14.84 30.36
C ILE C 375 11.01 15.32 29.84
N GLY C 376 12.10 14.81 30.42
CA GLY C 376 13.43 15.02 29.89
C GLY C 376 14.13 13.68 29.92
N THR C 377 14.82 13.32 28.84
CA THR C 377 15.41 11.99 28.79
C THR C 377 16.69 12.02 27.95
N CYS C 378 17.60 11.09 28.27
CA CYS C 378 18.82 10.93 27.48
C CYS C 378 19.31 9.50 27.61
N GLY C 379 19.54 8.82 26.49
CA GLY C 379 20.08 7.48 26.51
C GLY C 379 19.03 6.39 26.56
N LEU C 380 19.45 5.19 26.96
CA LEU C 380 18.65 3.98 26.81
C LEU C 380 17.61 3.81 27.91
N ILE C 381 16.42 3.33 27.52
CA ILE C 381 15.47 2.85 28.50
C ILE C 381 15.87 1.43 28.93
N GLU C 382 15.37 1.03 30.10
CA GLU C 382 15.90 -0.16 30.77
C GLU C 382 15.66 -1.43 29.95
N GLU C 383 14.53 -1.54 29.23
CA GLU C 383 14.28 -2.78 28.51
C GLU C 383 15.18 -2.91 27.28
N VAL C 384 15.60 -1.80 26.69
CA VAL C 384 16.58 -1.85 25.60
C VAL C 384 17.96 -2.18 26.16
N ALA C 385 18.34 -1.53 27.25
CA ALA C 385 19.61 -1.82 27.92
C ALA C 385 19.70 -3.28 28.32
N ALA C 386 18.60 -3.88 28.78
CA ALA C 386 18.64 -5.24 29.30
C ALA C 386 18.92 -6.28 28.23
N LYS C 387 18.69 -5.95 26.95
CA LYS C 387 18.98 -6.87 25.86
C LYS C 387 20.39 -6.72 25.32
N GLU C 388 21.07 -5.61 25.61
CA GLU C 388 22.43 -5.38 25.16
C GLU C 388 23.47 -5.56 26.26
N PHE C 389 23.07 -5.62 27.52
CA PHE C 389 23.99 -5.77 28.65
C PHE C 389 23.50 -6.87 29.57
N GLU C 390 24.44 -7.68 30.06
CA GLU C 390 24.08 -8.84 30.86
C GLU C 390 23.53 -8.45 32.23
N LYS C 391 24.06 -7.41 32.84
CA LYS C 391 23.58 -6.96 34.15
C LYS C 391 23.30 -5.46 34.10
N VAL C 392 22.06 -5.09 34.38
CA VAL C 392 21.60 -3.69 34.34
C VAL C 392 20.99 -3.36 35.69
N ALA C 393 21.34 -2.20 36.22
CA ALA C 393 20.77 -1.72 37.47
C ALA C 393 19.90 -0.49 37.18
N VAL C 394 18.79 -0.36 37.92
CA VAL C 394 17.88 0.77 37.77
C VAL C 394 17.78 1.48 39.11
N TYR C 395 18.10 2.76 39.13
CA TYR C 395 17.95 3.61 40.32
C TYR C 395 16.75 4.52 40.11
N MET C 396 15.84 4.55 41.09
CA MET C 396 14.54 5.19 40.92
C MET C 396 14.17 6.00 42.14
N SER C 397 13.72 7.22 41.93
CA SER C 397 13.15 8.06 42.99
C SER C 397 11.86 8.66 42.47
N SER C 398 10.79 8.56 43.25
CA SER C 398 9.47 9.03 42.83
C SER C 398 8.70 9.49 44.05
N PHE C 399 8.27 10.75 44.03
CA PHE C 399 7.73 11.45 45.20
C PHE C 399 7.06 12.73 44.73
N THR C 400 6.01 13.13 45.45
CA THR C 400 5.43 14.46 45.25
C THR C 400 6.29 15.50 45.95
N PRO C 401 6.86 16.48 45.22
CA PRO C 401 7.60 17.56 45.90
C PRO C 401 6.74 18.32 46.91
N LEU C 402 7.42 18.85 47.93
CA LEU C 402 6.75 19.55 49.02
C LEU C 402 5.87 20.68 48.53
N MET C 403 6.34 21.46 47.56
CA MET C 403 5.54 22.61 47.14
C MET C 403 4.18 22.20 46.60
N HIS C 404 4.07 20.99 46.04
CA HIS C 404 2.79 20.53 45.53
C HIS C 404 1.91 19.88 46.59
N ASN C 405 2.43 19.61 47.77
CA ASN C 405 1.54 19.32 48.89
C ASN C 405 0.82 20.61 49.30
N ILE C 406 1.51 21.74 49.24
CA ILE C 406 0.89 23.01 49.55
C ILE C 406 0.02 23.50 48.38
N SER C 407 0.49 23.33 47.13
CA SER C 407 -0.28 23.83 45.99
C SER C 407 -1.62 23.13 45.83
N GLY C 408 -1.77 21.93 46.37
CA GLY C 408 -2.94 21.14 46.13
C GLY C 408 -2.83 20.18 44.94
N SER C 409 -1.76 20.27 44.16
CA SER C 409 -1.56 19.35 43.04
C SER C 409 -0.80 18.09 43.48
N LYS C 410 -1.43 17.35 44.39
CA LYS C 410 -0.75 16.22 45.03
C LYS C 410 -0.45 15.10 44.04
N TYR C 411 -1.15 15.05 42.91
CA TYR C 411 -0.88 14.04 41.88
C TYR C 411 0.45 14.24 41.17
N LYS C 412 1.13 15.36 41.39
CA LYS C 412 2.30 15.70 40.59
C LYS C 412 3.56 15.07 41.19
N LYS C 413 3.72 13.77 40.96
CA LYS C 413 4.97 13.09 41.34
C LYS C 413 6.11 13.50 40.41
N PHE C 414 7.29 13.78 41.01
CA PHE C 414 8.53 13.86 40.26
C PHE C 414 9.19 12.48 40.20
N VAL C 415 9.60 12.07 39.00
CA VAL C 415 10.19 10.75 38.81
C VAL C 415 11.59 10.94 38.24
N ALA C 416 12.58 10.30 38.87
CA ALA C 416 13.95 10.36 38.40
C ALA C 416 14.49 8.94 38.35
N LYS C 417 14.97 8.53 37.18
CA LYS C 417 15.47 7.17 37.01
C LYS C 417 16.82 7.20 36.30
N ILE C 418 17.76 6.40 36.79
CA ILE C 418 19.07 6.24 36.18
C ILE C 418 19.26 4.76 35.86
N VAL C 419 19.67 4.46 34.63
CA VAL C 419 19.89 3.09 34.14
C VAL C 419 21.39 2.88 33.97
N THR C 420 21.94 1.84 34.60
CA THR C 420 23.37 1.59 34.46
C THR C 420 23.65 0.19 33.92
N ASN C 421 24.83 0.06 33.32
CA ASN C 421 25.48 -1.24 33.19
C ASN C 421 26.10 -1.54 34.56
N HIS C 422 25.53 -2.51 35.28
CA HIS C 422 25.96 -2.73 36.65
C HIS C 422 27.36 -3.31 36.75
N SER C 423 27.90 -3.85 35.65
CA SER C 423 29.22 -4.48 35.70
C SER C 423 30.32 -3.46 35.91
N ASP C 424 30.19 -2.25 35.36
CA ASP C 424 31.18 -1.22 35.57
C ASP C 424 30.60 0.12 36.02
N GLY C 425 29.29 0.23 36.19
CA GLY C 425 28.66 1.44 36.69
C GLY C 425 28.38 2.51 35.66
N THR C 426 28.66 2.27 34.38
CA THR C 426 28.43 3.27 33.34
C THR C 426 26.95 3.63 33.27
N VAL C 427 26.66 4.93 33.23
CA VAL C 427 25.27 5.37 33.08
C VAL C 427 24.84 5.21 31.62
N LEU C 428 23.79 4.43 31.39
CA LEU C 428 23.28 4.21 30.04
C LEU C 428 22.09 5.09 29.69
N GLY C 429 21.33 5.55 30.68
CA GLY C 429 20.18 6.39 30.41
C GLY C 429 19.74 7.10 31.67
N VAL C 430 19.16 8.29 31.50
CA VAL C 430 18.56 9.06 32.58
C VAL C 430 17.19 9.54 32.09
N HIS C 431 16.16 9.38 32.92
CA HIS C 431 14.78 9.68 32.52
C HIS C 431 14.06 10.41 33.64
N LEU C 432 13.47 11.57 33.31
CA LEU C 432 12.91 12.50 34.29
C LEU C 432 11.50 12.91 33.92
N LEU C 433 10.64 13.04 34.93
CA LEU C 433 9.29 13.56 34.76
C LEU C 433 8.99 14.53 35.89
N GLY C 434 8.60 15.74 35.53
CA GLY C 434 8.32 16.76 36.52
C GLY C 434 8.80 18.11 36.05
N ASP C 435 8.33 19.16 36.72
CA ASP C 435 8.70 20.53 36.38
C ASP C 435 10.21 20.68 36.31
N GLY C 436 10.68 21.30 35.23
CA GLY C 436 12.11 21.50 35.03
C GLY C 436 12.83 20.36 34.33
N ALA C 437 12.18 19.22 34.09
CA ALA C 437 12.90 18.07 33.53
C ALA C 437 13.60 18.38 32.21
N PRO C 438 13.04 19.17 31.28
CA PRO C 438 13.80 19.47 30.06
C PRO C 438 15.04 20.29 30.32
N GLU C 439 15.06 21.12 31.36
CA GLU C 439 16.25 21.91 31.65
C GLU C 439 17.30 21.07 32.38
N ILE C 440 16.83 20.18 33.27
CA ILE C 440 17.75 19.33 34.05
C ILE C 440 18.55 18.42 33.13
N ILE C 441 17.90 17.85 32.11
CA ILE C 441 18.53 16.79 31.33
C ILE C 441 19.67 17.26 30.43
N GLN C 442 19.76 18.57 30.12
CA GLN C 442 20.70 18.99 29.07
C GLN C 442 22.14 18.63 29.44
N ALA C 443 22.58 19.03 30.62
CA ALA C 443 23.96 18.73 31.01
C ALA C 443 24.16 17.26 31.30
N VAL C 444 23.08 16.49 31.51
CA VAL C 444 23.23 15.04 31.58
C VAL C 444 23.72 14.49 30.25
N GLY C 445 23.31 15.13 29.14
CA GLY C 445 23.83 14.72 27.84
C GLY C 445 25.33 14.89 27.75
N VAL C 446 25.87 15.92 28.40
CA VAL C 446 27.32 16.07 28.43
C VAL C 446 27.95 14.96 29.27
N CYS C 447 27.37 14.67 30.45
CA CYS C 447 27.88 13.60 31.30
C CYS C 447 28.00 12.28 30.55
N LEU C 448 27.02 11.96 29.70
CA LEU C 448 27.06 10.70 28.99
C LEU C 448 28.11 10.69 27.89
N ARG C 449 28.51 11.87 27.39
CA ARG C 449 29.65 11.91 26.46
C ARG C 449 30.97 11.72 27.18
N LEU C 450 31.01 11.94 28.48
CA LEU C 450 32.19 11.71 29.29
C LEU C 450 32.20 10.34 29.95
N ASN C 451 31.25 9.48 29.59
CA ASN C 451 31.14 8.11 30.12
C ASN C 451 31.02 8.10 31.64
N ALA C 452 30.17 8.99 32.15
CA ALA C 452 29.91 9.06 33.58
C ALA C 452 29.45 7.71 34.13
N LYS C 453 29.86 7.42 35.35
CA LYS C 453 29.36 6.29 36.11
C LYS C 453 28.40 6.78 37.18
N ILE C 454 27.63 5.83 37.74
CA ILE C 454 26.69 6.20 38.81
C ILE C 454 27.43 6.86 39.98
N SER C 455 28.63 6.39 40.31
CA SER C 455 29.34 7.00 41.43
C SER C 455 29.77 8.44 41.11
N ASP C 456 30.00 8.76 39.83
CA ASP C 456 30.24 10.15 39.47
C ASP C 456 29.03 11.03 39.82
N PHE C 457 27.82 10.53 39.58
CA PHE C 457 26.65 11.30 39.99
C PHE C 457 26.55 11.37 41.51
N TYR C 458 26.62 10.22 42.19
CA TYR C 458 26.36 10.19 43.63
C TYR C 458 27.41 10.95 44.43
N ASN C 459 28.64 11.04 43.93
CA ASN C 459 29.68 11.74 44.67
C ASN C 459 29.72 13.23 44.38
N THR C 460 28.91 13.72 43.43
CA THR C 460 28.74 15.15 43.22
C THR C 460 27.84 15.73 44.30
N ILE C 461 28.21 16.90 44.81
CA ILE C 461 27.43 17.52 45.89
C ILE C 461 26.18 18.17 45.30
N GLY C 462 25.04 17.98 45.98
CA GLY C 462 23.79 18.50 45.46
C GLY C 462 23.67 19.99 45.59
N VAL C 463 22.77 20.56 44.76
CA VAL C 463 22.24 21.92 44.90
C VAL C 463 20.90 21.82 45.61
N HIS C 464 20.73 22.55 46.71
CA HIS C 464 19.55 22.34 47.54
C HIS C 464 18.86 23.67 47.81
N PRO C 465 17.54 23.73 47.70
CA PRO C 465 16.59 22.67 47.30
C PRO C 465 16.24 22.71 45.82
N THR C 466 16.41 21.60 45.12
CA THR C 466 16.05 21.45 43.73
C THR C 466 15.44 20.07 43.53
N SER C 467 14.77 19.88 42.39
CA SER C 467 14.41 18.54 41.98
C SER C 467 15.63 17.80 41.46
N ALA C 468 16.53 18.53 40.80
CA ALA C 468 17.66 17.89 40.14
C ALA C 468 18.60 17.18 41.10
N GLU C 469 18.65 17.62 42.37
CA GLU C 469 19.57 17.00 43.31
C GLU C 469 19.22 15.54 43.56
N GLU C 470 18.03 15.09 43.14
CA GLU C 470 17.68 13.68 43.26
C GLU C 470 18.66 12.81 42.49
N LEU C 471 19.16 13.32 41.36
CA LEU C 471 20.08 12.59 40.51
C LEU C 471 21.40 12.29 41.20
N CYS C 472 21.73 13.05 42.26
CA CYS C 472 22.99 12.88 42.98
C CYS C 472 22.77 12.26 44.34
N SER C 473 21.61 11.67 44.58
CA SER C 473 21.26 11.10 45.88
C SER C 473 20.93 9.62 45.81
N MET C 474 21.21 8.96 44.69
CA MET C 474 20.84 7.57 44.49
C MET C 474 22.10 6.72 44.40
N ARG C 475 22.30 5.83 45.37
CA ARG C 475 23.46 4.97 45.37
C ARG C 475 23.13 3.49 45.52
N THR C 476 21.88 3.12 45.75
CA THR C 476 21.47 1.72 45.87
C THR C 476 20.43 1.41 44.81
N PRO C 477 20.67 0.43 43.93
CA PRO C 477 19.66 0.08 42.92
C PRO C 477 18.32 -0.27 43.53
N SER C 478 17.26 0.15 42.84
CA SER C 478 15.91 -0.28 43.17
C SER C 478 15.63 -1.71 42.70
N TYR C 479 16.18 -2.09 41.56
CA TYR C 479 16.02 -3.44 41.01
C TYR C 479 17.02 -3.58 39.88
N TYR C 480 17.07 -4.78 39.30
CA TYR C 480 18.08 -5.17 38.32
C TYR C 480 17.42 -5.88 37.14
N TYR C 481 18.20 -6.02 36.07
CA TYR C 481 17.94 -6.98 35.01
C TYR C 481 19.19 -7.84 34.86
N VAL C 482 19.01 -9.15 34.93
CA VAL C 482 20.12 -10.10 34.78
C VAL C 482 19.77 -11.04 33.63
N LYS C 483 20.56 -10.99 32.56
CA LYS C 483 20.29 -11.76 31.35
C LYS C 483 18.86 -11.51 30.85
N GLY C 484 18.44 -10.25 30.92
CA GLY C 484 17.13 -9.86 30.44
C GLY C 484 15.99 -10.06 31.40
N GLU C 485 16.25 -10.57 32.61
CA GLU C 485 15.22 -10.90 33.57
C GLU C 485 15.20 -9.87 34.70
N LYS C 486 14.06 -9.22 34.90
CA LYS C 486 13.88 -8.27 35.98
C LYS C 486 13.86 -8.96 37.33
N MET C 487 14.56 -8.39 38.31
CA MET C 487 14.58 -8.98 39.65
C MET C 487 14.99 -7.95 40.68
N GLU C 488 14.44 -8.10 41.88
CA GLU C 488 14.66 -7.11 42.94
C GLU C 488 16.09 -7.15 43.45
N LYS C 489 16.64 -8.35 43.67
CA LYS C 489 18.00 -8.50 44.15
C LYS C 489 18.83 -9.27 43.14
N LEU C 490 20.16 -9.10 43.23
CA LEU C 490 21.02 -9.96 42.41
C LEU C 490 21.09 -11.37 43.02
N PRO C 491 21.22 -12.40 42.18
CA PRO C 491 21.32 -13.75 42.75
C PRO C 491 22.70 -14.03 43.32
N GLY D 1 24.48 5.22 96.36
CA GLY D 1 25.73 5.28 95.63
C GLY D 1 25.55 5.83 94.24
N SER D 2 26.59 5.75 93.42
CA SER D 2 26.52 6.30 92.08
C SER D 2 25.98 5.24 91.12
N HIS D 3 25.64 5.67 89.90
CA HIS D 3 25.15 4.79 88.85
C HIS D 3 25.59 5.36 87.50
N MET D 4 25.58 4.51 86.48
CA MET D 4 26.33 4.80 85.26
C MET D 4 25.59 5.75 84.32
N SER D 5 26.35 6.64 83.68
CA SER D 5 25.84 7.50 82.62
C SER D 5 25.51 6.66 81.38
N LYS D 6 24.52 7.14 80.61
CA LYS D 6 24.31 6.63 79.26
C LYS D 6 25.59 6.81 78.44
N ALA D 7 26.01 5.78 77.68
CA ALA D 7 27.30 5.80 76.97
C ALA D 7 27.11 5.51 75.49
N PHE D 8 27.95 6.14 74.67
CA PHE D 8 27.75 6.15 73.22
C PHE D 8 29.08 6.06 72.48
N ASP D 9 29.04 5.42 71.30
CA ASP D 9 30.19 5.51 70.41
C ASP D 9 30.40 6.94 69.94
N LEU D 10 29.31 7.65 69.65
CA LEU D 10 29.37 8.98 69.06
C LEU D 10 28.30 9.85 69.70
N VAL D 11 28.68 11.04 70.14
CA VAL D 11 27.71 12.05 70.56
C VAL D 11 27.85 13.23 69.61
N VAL D 12 26.73 13.62 69.01
CA VAL D 12 26.68 14.72 68.06
C VAL D 12 25.97 15.88 68.75
N ILE D 13 26.61 17.04 68.80
CA ILE D 13 25.96 18.23 69.35
C ILE D 13 25.47 19.06 68.17
N GLY D 14 24.15 19.13 68.01
CA GLY D 14 23.54 19.79 66.87
C GLY D 14 22.89 18.79 65.93
N ALA D 15 21.56 18.74 65.94
CA ALA D 15 20.82 17.79 65.12
C ALA D 15 20.41 18.40 63.79
N GLY D 16 21.40 18.93 63.05
CA GLY D 16 21.12 19.64 61.81
C GLY D 16 21.56 18.90 60.56
N SER D 17 21.84 19.65 59.49
CA SER D 17 22.11 19.02 58.20
C SER D 17 23.27 18.04 58.31
N GLY D 18 24.38 18.48 58.86
CA GLY D 18 25.52 17.61 59.02
C GLY D 18 25.39 16.62 60.15
N GLY D 19 24.92 17.08 61.32
CA GLY D 19 24.84 16.21 62.47
C GLY D 19 23.89 15.04 62.28
N LEU D 20 22.77 15.27 61.59
CA LEU D 20 21.83 14.17 61.39
C LEU D 20 22.35 13.16 60.38
N GLU D 21 22.99 13.64 59.30
CA GLU D 21 23.59 12.72 58.35
C GLU D 21 24.63 11.84 59.03
N ALA D 22 25.53 12.47 59.81
CA ALA D 22 26.53 11.70 60.56
C ALA D 22 25.88 10.71 61.51
N GLY D 23 24.97 11.19 62.36
CA GLY D 23 24.35 10.31 63.36
C GLY D 23 23.60 9.14 62.74
N TRP D 24 22.74 9.45 61.76
CA TRP D 24 22.00 8.40 61.06
C TRP D 24 22.95 7.39 60.41
N ASN D 25 24.00 7.87 59.73
CA ASN D 25 24.88 6.92 59.04
C ASN D 25 25.65 6.06 60.05
N ALA D 26 26.19 6.68 61.11
CA ALA D 26 26.92 5.91 62.10
C ALA D 26 26.04 4.80 62.66
N ALA D 27 24.78 5.11 62.96
CA ALA D 27 23.91 4.11 63.59
C ALA D 27 23.44 3.03 62.60
N THR D 28 22.98 3.42 61.41
CA THR D 28 22.31 2.43 60.56
C THR D 28 23.25 1.71 59.60
N LEU D 29 24.35 2.35 59.20
CA LEU D 29 25.30 1.69 58.31
C LEU D 29 26.39 0.97 59.07
N TYR D 30 26.78 1.47 60.25
CA TYR D 30 27.94 0.93 60.94
C TYR D 30 27.60 0.39 62.33
N GLY D 31 26.32 0.34 62.67
CA GLY D 31 25.93 -0.29 63.92
C GLY D 31 26.33 0.42 65.18
N LYS D 32 26.65 1.71 65.11
CA LYS D 32 27.13 2.39 66.31
C LYS D 32 25.98 2.88 67.19
N ARG D 33 26.28 3.08 68.46
CA ARG D 33 25.36 3.70 69.41
C ARG D 33 25.61 5.21 69.39
N VAL D 34 24.59 5.99 69.04
CA VAL D 34 24.73 7.41 68.72
C VAL D 34 23.74 8.22 69.54
N ALA D 35 24.20 9.34 70.09
CA ALA D 35 23.34 10.32 70.74
C ALA D 35 23.39 11.62 69.94
N VAL D 36 22.24 12.28 69.79
CA VAL D 36 22.18 13.54 69.05
C VAL D 36 21.44 14.56 69.92
N VAL D 37 22.03 15.76 70.09
CA VAL D 37 21.52 16.78 71.00
C VAL D 37 21.02 17.98 70.19
N ASP D 38 19.82 18.49 70.52
CA ASP D 38 19.39 19.77 69.96
C ASP D 38 18.51 20.46 71.00
N VAL D 39 18.35 21.78 70.84
CA VAL D 39 17.75 22.64 71.85
C VAL D 39 16.22 22.73 71.75
N GLN D 40 15.63 22.27 70.64
CA GLN D 40 14.18 22.29 70.43
C GLN D 40 13.79 21.13 69.55
N THR D 41 12.57 20.60 69.78
CA THR D 41 12.08 19.48 68.98
C THR D 41 11.29 19.92 67.75
N SER D 42 10.86 21.18 67.66
CA SER D 42 10.20 21.67 66.45
C SER D 42 10.53 23.16 66.28
N HIS D 43 10.13 23.70 65.12
CA HIS D 43 10.64 24.99 64.65
C HIS D 43 10.11 26.17 65.47
N GLY D 44 10.84 27.28 65.41
CA GLY D 44 10.30 28.57 65.82
C GLY D 44 10.83 29.12 67.13
N PRO D 45 10.28 30.27 67.54
CA PRO D 45 10.77 30.89 68.79
C PRO D 45 10.53 29.97 69.96
N PRO D 46 11.39 30.02 70.97
CA PRO D 46 12.48 31.00 71.17
C PRO D 46 13.79 30.75 70.44
N PHE D 47 14.15 29.54 70.06
CA PHE D 47 15.50 29.27 69.57
C PHE D 47 15.57 29.09 68.06
N TYR D 48 14.41 29.11 67.37
CA TYR D 48 14.28 29.15 65.92
C TYR D 48 14.75 27.88 65.20
N ALA D 49 16.04 27.63 65.17
CA ALA D 49 16.49 26.32 64.70
C ALA D 49 16.12 25.25 65.73
N ALA D 50 16.16 24.00 65.28
CA ALA D 50 15.62 22.89 66.07
C ALA D 50 16.09 21.59 65.44
N LEU D 51 15.66 20.48 66.04
CA LEU D 51 15.74 19.17 65.40
C LEU D 51 15.48 19.28 63.90
N GLY D 52 16.45 18.86 63.09
CA GLY D 52 16.43 19.02 61.64
C GLY D 52 17.41 20.07 61.13
N GLY D 53 17.71 21.09 61.92
CA GLY D 53 18.75 22.03 61.59
C GLY D 53 18.21 23.36 61.09
N THR D 54 19.14 24.23 60.75
CA THR D 54 18.77 25.56 60.27
C THR D 54 18.08 25.48 58.92
N CYS D 55 18.48 24.55 58.06
CA CYS D 55 17.91 24.52 56.73
C CYS D 55 16.45 24.12 56.77
N VAL D 56 16.14 23.11 57.58
CA VAL D 56 14.77 22.60 57.69
C VAL D 56 13.87 23.63 58.35
N ASN D 57 14.34 24.26 59.43
CA ASN D 57 13.45 25.07 60.25
C ASN D 57 13.40 26.54 59.84
N VAL D 58 14.54 27.18 59.56
CA VAL D 58 14.58 28.62 59.30
C VAL D 58 15.60 28.89 58.22
N GLY D 59 15.57 28.10 57.15
CA GLY D 59 16.58 28.20 56.11
C GLY D 59 16.07 27.76 54.75
N CYS D 60 16.80 26.84 54.09
CA CYS D 60 16.51 26.52 52.69
C CYS D 60 15.06 26.09 52.48
N VAL D 61 14.53 25.23 53.34
CA VAL D 61 13.23 24.61 53.05
C VAL D 61 12.11 25.65 53.14
N PRO D 62 11.91 26.35 54.27
CA PRO D 62 10.87 27.39 54.29
C PRO D 62 11.10 28.55 53.34
N LYS D 63 12.35 28.99 53.17
CA LYS D 63 12.55 30.15 52.29
C LYS D 63 12.22 29.80 50.84
N LYS D 64 12.48 28.56 50.42
CA LYS D 64 12.13 28.20 49.05
C LYS D 64 10.63 28.21 48.86
N LEU D 65 9.87 27.72 49.86
CA LEU D 65 8.42 27.78 49.76
C LEU D 65 7.93 29.22 49.67
N MET D 66 8.57 30.13 50.40
CA MET D 66 8.18 31.53 50.39
C MET D 66 8.57 32.21 49.07
N VAL D 67 9.74 31.88 48.52
CA VAL D 67 10.07 32.39 47.18
C VAL D 67 9.07 31.88 46.14
N THR D 68 8.69 30.60 46.24
CA THR D 68 7.69 30.08 45.31
C THR D 68 6.38 30.86 45.40
N GLY D 69 5.94 31.14 46.63
CA GLY D 69 4.80 32.04 46.80
C GLY D 69 5.02 33.41 46.20
N ALA D 70 6.21 33.99 46.41
CA ALA D 70 6.51 35.30 45.85
C ALA D 70 6.47 35.31 44.33
N GLN D 71 6.84 34.20 43.69
CA GLN D 71 6.87 34.12 42.22
C GLN D 71 5.49 34.27 41.59
N TYR D 72 4.41 33.97 42.31
CA TYR D 72 3.09 34.12 41.71
C TYR D 72 2.76 35.57 41.38
N MET D 73 3.38 36.53 42.06
CA MET D 73 3.20 37.92 41.65
C MET D 73 3.59 38.07 40.18
N ASP D 74 4.73 37.48 39.80
CA ASP D 74 5.14 37.54 38.41
C ASP D 74 4.25 36.69 37.51
N HIS D 75 3.85 35.49 37.96
CA HIS D 75 3.03 34.63 37.11
C HIS D 75 1.69 35.29 36.79
N LEU D 76 1.05 35.91 37.77
CA LEU D 76 -0.26 36.50 37.50
C LEU D 76 -0.14 37.65 36.52
N ARG D 77 0.89 38.49 36.66
CA ARG D 77 1.08 39.57 35.70
C ARG D 77 1.42 39.05 34.31
N GLU D 78 2.39 38.13 34.23
CA GLU D 78 2.84 37.57 32.96
C GLU D 78 1.79 36.73 32.25
N SER D 79 0.79 36.18 32.98
CA SER D 79 -0.21 35.34 32.30
C SER D 79 -1.00 36.12 31.26
N ALA D 80 -1.12 37.45 31.43
CA ALA D 80 -1.95 38.24 30.53
C ALA D 80 -1.44 38.17 29.08
N GLY D 81 -0.12 38.19 28.90
CA GLY D 81 0.44 38.10 27.56
C GLY D 81 0.05 36.84 26.81
N PHE D 82 -0.24 35.76 27.53
CA PHE D 82 -0.65 34.50 26.92
C PHE D 82 -2.16 34.32 26.88
N GLY D 83 -2.91 35.40 27.13
CA GLY D 83 -4.35 35.38 26.96
C GLY D 83 -5.16 35.18 28.22
N TRP D 84 -4.54 35.11 29.39
CA TRP D 84 -5.31 34.88 30.62
C TRP D 84 -5.92 36.19 31.10
N GLU D 85 -7.21 36.14 31.41
CA GLU D 85 -7.98 37.29 31.81
C GLU D 85 -8.59 37.01 33.19
N PHE D 86 -8.55 38.01 34.06
CA PHE D 86 -9.25 37.94 35.34
C PHE D 86 -9.30 39.34 35.91
N ASP D 87 -10.05 39.50 37.00
CA ASP D 87 -10.24 40.79 37.66
C ASP D 87 -8.99 41.13 38.45
N GLY D 88 -8.09 41.90 37.82
CA GLY D 88 -6.87 42.30 38.48
C GLY D 88 -7.08 43.06 39.78
N SER D 89 -8.24 43.71 39.93
CA SER D 89 -8.47 44.49 41.14
C SER D 89 -8.81 43.63 42.34
N SER D 90 -9.12 42.35 42.14
CA SER D 90 -9.42 41.46 43.26
C SER D 90 -8.19 40.73 43.80
N VAL D 91 -7.01 40.99 43.24
CA VAL D 91 -5.81 40.23 43.61
C VAL D 91 -5.29 40.71 44.95
N LYS D 92 -5.12 39.77 45.90
CA LYS D 92 -4.54 40.06 47.20
C LYS D 92 -3.57 38.95 47.56
N ALA D 93 -2.42 39.33 48.13
CA ALA D 93 -1.42 38.39 48.61
C ALA D 93 -1.54 38.28 50.13
N ASN D 94 -1.92 37.09 50.60
CA ASN D 94 -2.21 36.87 52.02
C ASN D 94 -1.00 36.21 52.67
N TRP D 95 -0.21 37.05 53.34
CA TRP D 95 0.99 36.61 54.06
C TRP D 95 0.65 35.60 55.14
N LYS D 96 -0.46 35.83 55.86
CA LYS D 96 -0.79 34.95 56.97
C LYS D 96 -1.01 33.52 56.49
N LYS D 97 -1.67 33.36 55.36
CA LYS D 97 -1.89 32.03 54.83
C LYS D 97 -0.56 31.38 54.42
N LEU D 98 0.34 32.16 53.81
CA LEU D 98 1.64 31.63 53.43
C LEU D 98 2.39 31.11 54.65
N ILE D 99 2.46 31.92 55.71
CA ILE D 99 3.23 31.52 56.89
C ILE D 99 2.61 30.30 57.55
N ALA D 100 1.28 30.23 57.58
CA ALA D 100 0.63 29.06 58.16
C ALA D 100 0.94 27.81 57.36
N ALA D 101 0.93 27.91 56.02
CA ALA D 101 1.25 26.78 55.17
C ALA D 101 2.70 26.35 55.38
N LYS D 102 3.62 27.31 55.41
CA LYS D 102 5.03 27.01 55.67
C LYS D 102 5.20 26.35 57.04
N ASN D 103 4.54 26.90 58.07
CA ASN D 103 4.69 26.36 59.42
C ASN D 103 4.26 24.91 59.46
N GLU D 104 3.16 24.58 58.78
CA GLU D 104 2.68 23.20 58.79
C GLU D 104 3.64 22.28 58.07
N ALA D 105 4.18 22.71 56.92
CA ALA D 105 5.15 21.91 56.18
C ALA D 105 6.39 21.62 57.04
N VAL D 106 6.90 22.62 57.76
CA VAL D 106 8.08 22.41 58.60
C VAL D 106 7.74 21.53 59.81
N LEU D 107 6.59 21.76 60.44
CA LEU D 107 6.24 20.92 61.58
C LEU D 107 6.16 19.45 61.16
N ASP D 108 5.64 19.17 59.97
CA ASP D 108 5.58 17.79 59.49
C ASP D 108 6.97 17.16 59.39
N ILE D 109 7.96 17.92 58.92
CA ILE D 109 9.33 17.41 58.90
C ILE D 109 9.82 17.18 60.31
N ASN D 110 9.62 18.16 61.22
CA ASN D 110 10.02 17.96 62.62
C ASN D 110 9.47 16.66 63.16
N LYS D 111 8.16 16.44 63.00
CA LYS D 111 7.52 15.23 63.49
C LYS D 111 8.12 13.99 62.85
N SER D 112 8.41 14.07 61.55
CA SER D 112 9.01 12.93 60.85
C SER D 112 10.34 12.54 61.49
N TYR D 113 11.16 13.52 61.88
CA TYR D 113 12.43 13.20 62.52
C TYR D 113 12.24 12.59 63.90
N GLU D 114 11.22 13.02 64.64
CA GLU D 114 10.99 12.39 65.95
C GLU D 114 10.68 10.90 65.79
N GLY D 115 9.87 10.55 64.79
CA GLY D 115 9.58 9.14 64.56
C GLY D 115 10.78 8.35 64.07
N MET D 116 11.68 9.00 63.34
CA MET D 116 12.94 8.36 62.94
C MET D 116 13.75 7.95 64.16
N PHE D 117 13.82 8.83 65.16
CA PHE D 117 14.52 8.48 66.40
C PHE D 117 13.79 7.37 67.15
N ASN D 118 12.47 7.46 67.30
CA ASN D 118 11.76 6.43 68.06
C ASN D 118 11.90 5.05 67.42
N ASP D 119 12.06 4.99 66.12
CA ASP D 119 12.02 3.73 65.40
C ASP D 119 13.38 3.10 65.14
N THR D 120 14.48 3.85 65.32
CA THR D 120 15.80 3.41 64.93
C THR D 120 16.61 2.99 66.16
N GLU D 121 16.92 1.71 66.28
CA GLU D 121 17.69 1.25 67.43
C GLU D 121 19.11 1.80 67.37
N GLY D 122 19.63 2.24 68.51
CA GLY D 122 20.97 2.81 68.55
C GLY D 122 21.09 4.27 68.14
N LEU D 123 19.98 4.95 67.86
CA LEU D 123 19.98 6.38 67.56
C LEU D 123 19.05 7.09 68.54
N ASP D 124 19.62 7.86 69.48
CA ASP D 124 18.87 8.50 70.56
C ASP D 124 18.94 10.01 70.43
N PHE D 125 17.84 10.68 70.75
CA PHE D 125 17.79 12.15 70.74
C PHE D 125 17.76 12.68 72.17
N PHE D 126 18.48 13.79 72.42
CA PHE D 126 18.44 14.46 73.71
C PHE D 126 18.12 15.94 73.53
N LEU D 127 17.11 16.41 74.27
CA LEU D 127 16.67 17.79 74.21
C LEU D 127 17.46 18.62 75.23
N GLY D 128 18.15 19.65 74.76
CA GLY D 128 18.83 20.57 75.66
C GLY D 128 20.04 21.19 75.00
N TRP D 129 20.84 21.86 75.84
CA TRP D 129 22.03 22.59 75.40
C TRP D 129 23.25 21.74 75.71
N GLY D 130 23.96 21.32 74.67
CA GLY D 130 25.10 20.43 74.84
C GLY D 130 26.38 21.24 74.94
N SER D 131 27.30 20.77 75.78
CA SER D 131 28.61 21.40 75.90
C SER D 131 29.63 20.36 76.32
N LEU D 132 30.91 20.74 76.19
CA LEU D 132 32.03 19.84 76.44
C LEU D 132 32.49 20.00 77.89
N GLU D 133 32.19 19.00 78.73
CA GLU D 133 32.69 19.07 80.10
C GLU D 133 34.13 18.59 80.19
N SER D 134 34.45 17.50 79.50
CA SER D 134 35.82 17.02 79.35
C SER D 134 35.92 16.27 78.03
N LYS D 135 37.10 15.68 77.77
CA LYS D 135 37.40 15.15 76.44
C LYS D 135 36.44 14.07 75.98
N ASN D 136 35.79 13.36 76.90
CA ASN D 136 34.88 12.28 76.53
C ASN D 136 33.58 12.38 77.33
N VAL D 137 33.20 13.60 77.71
CA VAL D 137 31.99 13.86 78.48
C VAL D 137 31.27 15.04 77.85
N VAL D 138 30.07 14.79 77.33
CA VAL D 138 29.14 15.85 76.90
C VAL D 138 28.09 15.99 77.96
N VAL D 139 27.84 17.23 78.42
CA VAL D 139 26.75 17.51 79.34
C VAL D 139 25.64 18.20 78.56
N VAL D 140 24.41 17.89 78.93
CA VAL D 140 23.22 18.50 78.35
C VAL D 140 22.52 19.27 79.47
N ARG D 141 22.43 20.59 79.32
CA ARG D 141 21.85 21.45 80.35
C ARG D 141 20.50 22.01 79.90
N GLU D 142 19.83 22.61 80.89
CA GLU D 142 18.49 23.14 80.69
C GLU D 142 18.48 24.34 79.75
N THR D 143 19.44 25.25 79.88
CA THR D 143 19.53 26.43 79.02
C THR D 143 20.97 26.61 78.55
N ALA D 144 21.18 27.63 77.72
CA ALA D 144 22.53 27.96 77.26
C ALA D 144 23.42 28.46 78.39
N ASP D 145 22.83 28.89 79.49
CA ASP D 145 23.59 29.33 80.66
C ASP D 145 24.39 28.16 81.23
N PRO D 146 25.73 28.23 81.26
CA PRO D 146 26.54 27.11 81.77
C PRO D 146 26.31 26.82 83.25
N LYS D 147 25.57 27.65 83.95
CA LYS D 147 25.20 27.40 85.33
C LYS D 147 23.80 26.80 85.46
N SER D 148 23.09 26.61 84.35
CA SER D 148 21.78 25.95 84.42
C SER D 148 21.95 24.46 84.77
N ALA D 149 20.84 23.85 85.20
CA ALA D 149 20.88 22.47 85.70
C ALA D 149 21.32 21.49 84.62
N VAL D 150 22.15 20.53 85.01
CA VAL D 150 22.48 19.41 84.14
C VAL D 150 21.28 18.48 84.04
N LYS D 151 20.79 18.26 82.82
CA LYS D 151 19.77 17.24 82.59
C LYS D 151 20.39 15.86 82.47
N GLU D 152 21.44 15.73 81.65
CA GLU D 152 22.08 14.45 81.34
C GLU D 152 23.58 14.69 81.20
N ARG D 153 24.37 13.73 81.67
CA ARG D 153 25.80 13.69 81.44
C ARG D 153 26.09 12.43 80.63
N LEU D 154 26.68 12.58 79.44
CA LEU D 154 26.79 11.49 78.48
C LEU D 154 28.26 11.13 78.25
N GLN D 155 28.56 9.85 78.32
CA GLN D 155 29.90 9.33 78.04
C GLN D 155 30.04 9.14 76.54
N ALA D 156 31.11 9.70 75.95
CA ALA D 156 31.25 9.72 74.50
C ALA D 156 32.64 9.26 74.09
N ASP D 157 32.74 8.18 73.32
CA ASP D 157 34.03 7.83 72.74
C ASP D 157 34.49 8.89 71.75
N HIS D 158 33.59 9.37 70.90
CA HIS D 158 33.84 10.35 69.86
C HIS D 158 32.80 11.45 69.98
N ILE D 159 33.19 12.68 69.72
CA ILE D 159 32.29 13.83 69.83
C ILE D 159 32.33 14.59 68.51
N LEU D 160 31.15 14.93 67.99
CA LEU D 160 31.02 15.68 66.74
C LEU D 160 30.38 17.03 67.04
N LEU D 161 31.08 18.12 66.73
CA LEU D 161 30.52 19.45 66.89
C LEU D 161 29.83 19.85 65.59
N ALA D 162 28.53 20.13 65.65
CA ALA D 162 27.75 20.45 64.46
C ALA D 162 26.64 21.44 64.78
N THR D 163 26.99 22.52 65.48
CA THR D 163 26.00 23.48 65.97
C THR D 163 25.69 24.60 64.98
N GLY D 164 26.31 24.60 63.79
CA GLY D 164 25.95 25.53 62.74
C GLY D 164 26.45 26.95 62.96
N SER D 165 25.69 27.91 62.43
CA SER D 165 26.02 29.33 62.57
C SER D 165 24.83 30.14 63.09
N TRP D 166 24.97 31.46 63.11
CA TRP D 166 23.99 32.32 63.74
C TRP D 166 24.09 33.71 63.10
N PRO D 167 22.99 34.43 62.95
CA PRO D 167 23.06 35.77 62.33
C PRO D 167 24.00 36.71 63.08
N GLN D 168 24.84 37.39 62.32
CA GLN D 168 25.73 38.41 62.85
C GLN D 168 24.99 39.74 62.99
N MET D 169 25.10 40.37 64.15
CA MET D 169 24.41 41.63 64.38
C MET D 169 25.44 42.72 64.66
N PRO D 170 25.51 43.77 63.83
CA PRO D 170 26.51 44.82 64.05
C PRO D 170 26.29 45.56 65.36
N ALA D 171 27.39 45.99 65.98
CA ALA D 171 27.33 46.71 67.25
C ALA D 171 27.09 48.18 66.95
N ILE D 172 25.82 48.57 66.82
CA ILE D 172 25.42 49.95 66.55
C ILE D 172 24.32 50.32 67.54
N PRO D 173 24.18 51.61 67.85
CA PRO D 173 23.04 52.04 68.68
C PRO D 173 21.70 51.64 68.04
N GLY D 174 20.84 51.04 68.85
CA GLY D 174 19.51 50.65 68.40
C GLY D 174 19.45 49.32 67.70
N ILE D 175 20.48 48.48 67.82
CA ILE D 175 20.47 47.18 67.14
C ILE D 175 19.33 46.32 67.69
N GLU D 176 18.92 46.58 68.94
CA GLU D 176 17.79 45.86 69.53
C GLU D 176 16.47 46.14 68.84
N HIS D 177 16.38 47.20 68.01
CA HIS D 177 15.16 47.45 67.24
C HIS D 177 15.11 46.69 65.93
N CYS D 178 16.17 45.93 65.60
CA CYS D 178 16.29 45.22 64.33
C CYS D 178 16.01 43.72 64.52
N ILE D 179 15.86 43.00 63.41
CA ILE D 179 15.64 41.56 63.42
C ILE D 179 16.66 40.89 62.49
N SER D 180 16.63 39.56 62.47
CA SER D 180 17.40 38.73 61.54
C SER D 180 16.43 37.89 60.71
N SER D 181 16.99 37.05 59.82
CA SER D 181 16.12 36.14 59.06
C SER D 181 15.28 35.27 59.99
N ASN D 182 15.79 34.91 61.18
CA ASN D 182 15.04 34.07 62.13
C ASN D 182 13.65 34.63 62.37
N GLU D 183 13.58 35.91 62.75
CA GLU D 183 12.29 36.53 63.07
C GLU D 183 11.44 36.79 61.83
N ALA D 184 12.10 36.97 60.69
CA ALA D 184 11.36 37.24 59.45
C ALA D 184 10.43 36.09 59.09
N PHE D 185 10.79 34.85 59.45
CA PHE D 185 9.93 33.72 59.14
C PHE D 185 8.66 33.70 59.97
N TYR D 186 8.53 34.58 60.97
CA TYR D 186 7.39 34.52 61.89
C TYR D 186 6.66 35.84 62.05
N LEU D 187 6.98 36.86 61.25
CA LEU D 187 6.27 38.13 61.34
C LEU D 187 4.77 37.90 61.28
N PRO D 188 3.98 38.51 62.16
CA PRO D 188 2.52 38.31 62.09
C PRO D 188 1.90 38.92 60.84
N GLU D 189 2.44 40.03 60.35
CA GLU D 189 1.93 40.77 59.21
C GLU D 189 3.09 41.10 58.29
N PRO D 190 2.87 41.19 56.98
CA PRO D 190 3.94 41.55 56.07
C PRO D 190 4.24 43.03 56.18
N PRO D 191 5.52 43.41 56.27
CA PRO D 191 5.84 44.82 56.51
C PRO D 191 5.51 45.69 55.31
N ARG D 192 5.02 46.90 55.60
CA ARG D 192 4.77 47.87 54.54
C ARG D 192 6.08 48.35 53.94
N ARG D 193 7.01 48.78 54.78
CA ARG D 193 8.33 49.22 54.38
C ARG D 193 9.35 48.36 55.13
N VAL D 194 10.32 47.80 54.40
CA VAL D 194 11.36 46.99 55.02
C VAL D 194 12.69 47.35 54.39
N LEU D 195 13.71 47.42 55.23
CA LEU D 195 15.10 47.49 54.80
C LEU D 195 15.75 46.15 55.11
N THR D 196 16.27 45.48 54.09
CA THR D 196 17.13 44.31 54.29
C THR D 196 18.58 44.78 54.15
N VAL D 197 19.36 44.59 55.21
CA VAL D 197 20.74 45.07 55.27
C VAL D 197 21.67 43.93 54.87
N GLY D 198 22.40 44.09 53.78
CA GLY D 198 23.36 43.10 53.34
C GLY D 198 23.26 42.86 51.84
N GLY D 199 24.37 42.41 51.25
CA GLY D 199 24.41 42.12 49.83
C GLY D 199 24.46 40.65 49.49
N GLY D 200 24.33 39.77 50.50
CA GLY D 200 24.43 38.33 50.29
C GLY D 200 23.12 37.71 49.86
N PHE D 201 23.13 36.37 49.70
CA PHE D 201 21.97 35.68 49.13
C PHE D 201 20.75 35.80 50.03
N ILE D 202 20.92 35.85 51.35
CA ILE D 202 19.77 35.91 52.25
C ILE D 202 19.04 37.25 52.11
N SER D 203 19.79 38.36 52.13
CA SER D 203 19.18 39.67 51.93
C SER D 203 18.44 39.75 50.60
N VAL D 204 19.07 39.27 49.53
CA VAL D 204 18.50 39.35 48.18
C VAL D 204 17.24 38.51 48.09
N GLU D 205 17.27 37.29 48.65
CA GLU D 205 16.09 36.42 48.55
C GLU D 205 14.93 37.00 49.34
N PHE D 206 15.21 37.52 50.53
CA PHE D 206 14.10 38.06 51.33
C PHE D 206 13.54 39.35 50.74
N ALA D 207 14.38 40.17 50.10
CA ALA D 207 13.85 41.36 49.43
C ALA D 207 12.79 40.97 48.38
N GLY D 208 12.99 39.87 47.67
CA GLY D 208 11.99 39.41 46.71
C GLY D 208 10.74 38.91 47.40
N ILE D 209 10.90 38.21 48.52
CA ILE D 209 9.75 37.70 49.27
C ILE D 209 8.89 38.85 49.77
N PHE D 210 9.51 39.78 50.50
CA PHE D 210 8.79 40.95 51.01
C PHE D 210 8.15 41.75 49.89
N ASN D 211 8.84 41.86 48.74
CA ASN D 211 8.33 42.65 47.63
C ASN D 211 6.98 42.13 47.13
N ALA D 212 6.82 40.81 47.08
CA ALA D 212 5.59 40.22 46.56
C ALA D 212 4.43 40.30 47.55
N TYR D 213 4.70 40.29 48.85
CA TYR D 213 3.63 40.21 49.84
C TYR D 213 3.37 41.54 50.56
N LYS D 214 4.08 42.61 50.22
CA LYS D 214 3.89 43.89 50.89
C LYS D 214 2.49 44.44 50.61
N PRO D 215 1.89 45.13 51.59
CA PRO D 215 0.58 45.76 51.36
C PRO D 215 0.65 46.87 50.32
N PRO D 216 -0.49 47.39 49.85
CA PRO D 216 -0.44 48.42 48.80
C PRO D 216 0.34 49.65 49.23
N GLY D 217 1.07 50.22 48.29
CA GLY D 217 1.92 51.36 48.57
C GLY D 217 3.13 51.06 49.43
N GLY D 218 3.48 49.79 49.63
CA GLY D 218 4.67 49.46 50.38
C GLY D 218 5.92 49.58 49.52
N LYS D 219 7.09 49.46 50.18
CA LYS D 219 8.37 49.59 49.50
C LYS D 219 9.44 48.75 50.18
N VAL D 220 10.19 47.98 49.39
CA VAL D 220 11.34 47.21 49.89
C VAL D 220 12.62 47.92 49.48
N THR D 221 13.51 48.16 50.45
CA THR D 221 14.84 48.72 50.20
C THR D 221 15.89 47.72 50.67
N LEU D 222 16.92 47.51 49.85
CA LEU D 222 18.07 46.69 50.22
C LEU D 222 19.29 47.60 50.22
N CYS D 223 20.10 47.53 51.26
CA CYS D 223 21.33 48.32 51.30
C CYS D 223 22.54 47.41 51.44
N TYR D 224 23.66 47.85 50.85
CA TYR D 224 24.91 47.09 50.91
C TYR D 224 26.07 48.06 51.05
N ARG D 225 27.02 47.72 51.92
CA ARG D 225 28.07 48.66 52.29
C ARG D 225 29.06 48.89 51.15
N ASN D 226 29.17 47.97 50.20
CA ASN D 226 30.11 48.13 49.09
C ASN D 226 29.36 48.50 47.79
N ASN D 227 30.09 48.41 46.67
N ASN D 227 30.08 48.46 46.67
N ASN D 227 30.09 48.41 46.67
N ASN D 227 30.08 48.46 46.67
CA ASN D 227 29.65 49.01 45.42
CA ASN D 227 29.53 49.05 45.45
CA ASN D 227 29.65 49.01 45.42
CA ASN D 227 29.52 49.06 45.45
C ASN D 227 28.69 48.13 44.61
C ASN D 227 28.56 48.13 44.70
C ASN D 227 28.69 48.13 44.61
C ASN D 227 28.56 48.13 44.70
N LEU D 228 28.69 46.82 44.86
CA LEU D 228 27.89 45.88 44.07
C LEU D 228 27.50 44.64 44.87
N ILE D 229 26.20 44.33 44.92
CA ILE D 229 25.72 43.21 45.73
C ILE D 229 26.29 41.89 45.22
N LEU D 230 26.20 40.84 46.06
CA LEU D 230 26.47 39.45 45.67
C LEU D 230 27.95 39.21 45.34
N ARG D 231 28.83 39.79 46.16
CA ARG D 231 30.25 39.44 46.15
C ARG D 231 30.44 37.92 46.07
N GLY D 232 31.40 37.49 45.24
CA GLY D 232 31.67 36.08 45.06
C GLY D 232 30.97 35.44 43.87
N PHE D 233 29.93 36.07 43.35
CA PHE D 233 29.25 35.59 42.15
C PHE D 233 29.82 36.27 40.90
N ASP D 234 29.44 35.75 39.74
CA ASP D 234 29.90 36.29 38.47
C ASP D 234 29.52 37.75 38.35
N GLU D 235 30.43 38.56 37.80
CA GLU D 235 30.24 40.01 37.83
C GLU D 235 29.13 40.45 36.89
N THR D 236 29.06 39.86 35.68
CA THR D 236 27.93 40.16 34.80
C THR D 236 26.61 39.86 35.51
N ILE D 237 26.56 38.74 36.25
CA ILE D 237 25.32 38.34 36.90
C ILE D 237 24.98 39.29 38.05
N ARG D 238 25.99 39.69 38.84
CA ARG D 238 25.72 40.64 39.92
C ARG D 238 25.07 41.92 39.39
N GLU D 239 25.58 42.42 38.27
CA GLU D 239 25.03 43.65 37.70
C GLU D 239 23.65 43.43 37.12
N GLU D 240 23.41 42.25 36.56
CA GLU D 240 22.12 41.97 35.94
C GLU D 240 21.05 41.70 37.02
N VAL D 241 21.40 41.00 38.09
CA VAL D 241 20.45 40.80 39.18
C VAL D 241 20.05 42.15 39.78
N THR D 242 21.02 43.04 39.95
CA THR D 242 20.73 44.38 40.45
C THR D 242 19.67 45.08 39.62
N LYS D 243 19.85 45.06 38.29
CA LYS D 243 18.89 45.70 37.40
C LYS D 243 17.53 45.04 37.45
N GLN D 244 17.51 43.71 37.59
CA GLN D 244 16.23 43.01 37.55
C GLN D 244 15.47 43.15 38.87
N LEU D 245 16.17 43.29 40.00
CA LEU D 245 15.49 43.68 41.23
C LEU D 245 14.90 45.08 41.13
N THR D 246 15.68 46.03 40.60
CA THR D 246 15.18 47.39 40.39
C THR D 246 13.93 47.39 39.53
N ALA D 247 13.95 46.62 38.44
CA ALA D 247 12.81 46.60 37.52
C ALA D 247 11.56 46.06 38.20
N ASN D 248 11.71 45.24 39.24
CA ASN D 248 10.54 44.74 39.94
C ASN D 248 10.18 45.61 41.15
N GLY D 249 10.80 46.78 41.29
CA GLY D 249 10.37 47.77 42.25
C GLY D 249 11.15 47.86 43.54
N ILE D 250 12.27 47.15 43.65
CA ILE D 250 13.09 47.15 44.87
C ILE D 250 14.15 48.23 44.72
N GLU D 251 14.35 49.04 45.77
N GLU D 251 14.35 49.04 45.76
N GLU D 251 14.35 49.04 45.77
N GLU D 251 14.35 49.04 45.76
CA GLU D 251 15.35 50.09 45.77
CA GLU D 251 15.35 50.10 45.73
CA GLU D 251 15.35 50.09 45.77
CA GLU D 251 15.35 50.10 45.73
C GLU D 251 16.67 49.54 46.31
C GLU D 251 16.67 49.58 46.30
C GLU D 251 16.67 49.54 46.31
C GLU D 251 16.67 49.59 46.30
N ILE D 252 17.72 49.62 45.50
CA ILE D 252 19.05 49.14 45.88
C ILE D 252 19.92 50.33 46.31
N MET D 253 20.33 50.35 47.58
CA MET D 253 21.21 51.39 48.15
C MET D 253 22.62 50.84 48.35
N THR D 254 23.47 51.01 47.34
CA THR D 254 24.85 50.58 47.44
C THR D 254 25.73 51.68 48.07
N ASN D 255 26.89 51.25 48.59
CA ASN D 255 27.82 52.13 49.31
C ASN D 255 27.13 52.84 50.48
N GLU D 256 26.23 52.12 51.17
CA GLU D 256 25.54 52.64 52.36
C GLU D 256 25.55 51.61 53.46
N ASN D 257 25.64 52.08 54.69
CA ASN D 257 25.69 51.19 55.83
C ASN D 257 25.05 51.84 57.05
N PRO D 258 24.12 51.15 57.71
CA PRO D 258 23.48 51.74 58.90
C PRO D 258 24.47 52.06 60.01
N ALA D 259 24.32 53.25 60.59
CA ALA D 259 25.09 53.68 61.74
C ALA D 259 24.32 53.67 63.06
N LYS D 260 23.00 53.84 63.03
CA LYS D 260 22.16 53.70 64.22
C LYS D 260 20.70 53.57 63.81
N VAL D 261 19.91 53.03 64.73
CA VAL D 261 18.47 52.89 64.54
C VAL D 261 17.79 53.42 65.78
N SER D 262 16.75 54.24 65.60
CA SER D 262 15.95 54.67 66.72
C SER D 262 14.48 54.34 66.47
N LEU D 263 13.71 54.33 67.55
CA LEU D 263 12.28 54.02 67.49
C LEU D 263 11.49 55.31 67.38
N ASN D 264 10.68 55.43 66.33
CA ASN D 264 9.80 56.58 66.18
C ASN D 264 8.62 56.46 67.12
N THR D 265 7.96 57.59 67.37
CA THR D 265 6.84 57.56 68.29
C THR D 265 5.70 56.67 67.81
N ASP D 266 5.60 56.39 66.51
CA ASP D 266 4.57 55.47 66.04
C ASP D 266 5.03 54.02 65.99
N GLY D 267 6.26 53.73 66.44
CA GLY D 267 6.75 52.37 66.48
C GLY D 267 7.55 51.95 65.27
N SER D 268 7.57 52.75 64.20
CA SER D 268 8.45 52.47 63.09
C SER D 268 9.89 52.78 63.48
N LYS D 269 10.82 52.47 62.58
CA LYS D 269 12.25 52.58 62.83
C LYS D 269 12.85 53.67 61.97
N HIS D 270 13.71 54.48 62.59
CA HIS D 270 14.42 55.58 61.92
C HIS D 270 15.88 55.18 61.76
N VAL D 271 16.30 54.91 60.53
CA VAL D 271 17.65 54.44 60.24
C VAL D 271 18.49 55.62 59.78
N THR D 272 19.64 55.80 60.41
CA THR D 272 20.65 56.75 59.97
C THR D 272 21.82 55.96 59.42
N PHE D 273 22.21 56.25 58.19
CA PHE D 273 23.36 55.62 57.54
C PHE D 273 24.64 56.38 57.86
N GLU D 274 25.79 55.71 57.66
CA GLU D 274 27.08 56.36 57.89
C GLU D 274 27.24 57.63 57.06
N SER D 275 26.58 57.69 55.89
CA SER D 275 26.67 58.85 55.03
C SER D 275 25.81 60.02 55.52
N GLY D 276 24.98 59.82 56.53
CA GLY D 276 24.04 60.84 56.98
C GLY D 276 22.66 60.72 56.39
N LYS D 277 22.50 59.94 55.33
CA LYS D 277 21.18 59.65 54.79
C LYS D 277 20.32 58.98 55.86
N THR D 278 19.00 59.09 55.71
CA THR D 278 18.09 58.48 56.65
C THR D 278 16.98 57.75 55.91
N LEU D 279 16.31 56.84 56.61
CA LEU D 279 15.22 56.07 56.05
C LEU D 279 14.34 55.57 57.17
N ASP D 280 13.02 55.67 56.98
CA ASP D 280 12.07 55.13 57.93
C ASP D 280 11.43 53.87 57.34
N VAL D 281 11.42 52.80 58.14
CA VAL D 281 10.85 51.53 57.72
C VAL D 281 10.13 50.89 58.90
N ASP D 282 9.29 49.92 58.60
CA ASP D 282 8.60 49.17 59.64
C ASP D 282 9.42 47.99 60.17
N VAL D 283 10.33 47.45 59.37
CA VAL D 283 11.21 46.35 59.77
C VAL D 283 12.60 46.61 59.22
N VAL D 284 13.62 46.43 60.05
CA VAL D 284 15.01 46.39 59.61
C VAL D 284 15.50 44.96 59.80
N MET D 285 15.75 44.24 58.69
CA MET D 285 16.29 42.87 58.75
C MET D 285 17.77 42.88 58.44
N MET D 286 18.60 42.61 59.47
CA MET D 286 20.05 42.49 59.31
C MET D 286 20.39 41.14 58.72
N ALA D 287 21.09 41.14 57.59
CA ALA D 287 21.55 39.93 56.93
C ALA D 287 22.97 40.16 56.42
N ILE D 288 23.84 40.63 57.32
CA ILE D 288 25.19 41.01 56.91
C ILE D 288 26.19 39.86 57.00
N GLY D 289 25.77 38.71 57.52
CA GLY D 289 26.65 37.55 57.59
C GLY D 289 26.14 36.57 58.62
N ARG D 290 26.81 35.43 58.68
CA ARG D 290 26.53 34.42 59.69
C ARG D 290 27.84 33.94 60.30
N ILE D 291 27.85 33.80 61.62
CA ILE D 291 29.07 33.48 62.36
C ILE D 291 28.99 32.09 63.00
N PRO D 292 30.10 31.36 63.10
CA PRO D 292 30.04 30.02 63.70
C PRO D 292 29.54 30.07 65.13
N ARG D 293 28.77 29.05 65.50
CA ARG D 293 28.04 29.01 66.76
C ARG D 293 28.86 28.21 67.78
N THR D 294 29.87 28.87 68.35
CA THR D 294 30.85 28.24 69.22
C THR D 294 30.71 28.64 70.69
N ASN D 295 30.02 29.74 70.98
CA ASN D 295 30.06 30.33 72.32
C ASN D 295 29.55 29.38 73.40
N ASP D 296 28.52 28.60 73.12
CA ASP D 296 27.89 27.80 74.17
C ASP D 296 28.55 26.45 74.39
N LEU D 297 29.49 26.04 73.53
CA LEU D 297 30.08 24.72 73.63
C LEU D 297 31.10 24.57 74.76
N GLN D 298 31.53 25.67 75.39
CA GLN D 298 32.56 25.66 76.43
C GLN D 298 33.83 24.94 75.95
N LEU D 299 34.27 25.30 74.74
CA LEU D 299 35.43 24.63 74.15
C LEU D 299 36.70 24.82 74.97
N GLY D 300 36.75 25.84 75.83
CA GLY D 300 37.91 26.02 76.68
C GLY D 300 38.15 24.87 77.64
N ASN D 301 37.08 24.13 77.99
CA ASN D 301 37.24 23.00 78.91
C ASN D 301 38.17 21.93 78.37
N VAL D 302 38.29 21.81 77.04
CA VAL D 302 39.11 20.79 76.42
C VAL D 302 40.16 21.37 75.51
N GLY D 303 40.16 22.69 75.30
CA GLY D 303 41.17 23.31 74.46
C GLY D 303 41.00 23.12 72.96
N VAL D 304 39.76 23.01 72.47
CA VAL D 304 39.56 22.96 71.02
C VAL D 304 39.88 24.33 70.43
N LYS D 305 40.74 24.35 69.41
CA LYS D 305 41.28 25.56 68.84
C LYS D 305 40.34 26.15 67.80
N LEU D 306 40.15 27.47 67.87
CA LEU D 306 39.45 28.23 66.85
C LEU D 306 40.43 28.86 65.87
N THR D 307 39.95 29.14 64.66
CA THR D 307 40.70 29.96 63.72
C THR D 307 40.61 31.42 64.13
N PRO D 308 41.44 32.29 63.54
CA PRO D 308 41.31 33.72 63.83
C PRO D 308 39.95 34.27 63.45
N LYS D 309 39.33 33.74 62.39
CA LYS D 309 38.02 34.18 61.97
C LYS D 309 36.91 33.69 62.91
N GLY D 310 37.18 32.67 63.73
CA GLY D 310 36.27 32.25 64.78
C GLY D 310 35.64 30.88 64.60
N GLY D 311 35.88 30.18 63.49
CA GLY D 311 35.36 28.84 63.34
C GLY D 311 36.22 27.83 64.08
N VAL D 312 35.68 26.62 64.24
CA VAL D 312 36.50 25.55 64.78
C VAL D 312 37.51 25.12 63.72
N GLN D 313 38.78 25.10 64.09
CA GLN D 313 39.83 24.73 63.13
C GLN D 313 39.83 23.22 62.90
N VAL D 314 39.89 22.81 61.64
CA VAL D 314 39.90 21.39 61.30
C VAL D 314 40.85 21.13 60.15
N ASP D 315 41.33 19.88 60.08
CA ASP D 315 42.10 19.42 58.93
C ASP D 315 41.13 18.95 57.84
N GLU D 316 41.65 18.37 56.75
CA GLU D 316 40.79 17.97 55.64
C GLU D 316 39.86 16.82 55.97
N PHE D 317 40.09 16.12 57.08
CA PHE D 317 39.22 15.05 57.53
C PHE D 317 38.34 15.48 58.70
N SER D 318 38.20 16.79 58.92
CA SER D 318 37.30 17.38 59.91
C SER D 318 37.75 17.15 61.35
N ARG D 319 39.03 16.83 61.58
CA ARG D 319 39.55 16.63 62.93
C ARG D 319 40.01 17.94 63.54
N THR D 320 39.62 18.17 64.81
CA THR D 320 40.14 19.28 65.59
C THR D 320 41.55 18.91 66.10
N ASN D 321 42.14 19.78 66.93
CA ASN D 321 43.41 19.48 67.56
C ASN D 321 43.27 18.49 68.71
N VAL D 322 42.05 18.19 69.13
CA VAL D 322 41.79 17.29 70.25
C VAL D 322 41.39 15.94 69.68
N PRO D 323 42.03 14.85 70.08
CA PRO D 323 41.69 13.54 69.51
C PRO D 323 40.26 13.15 69.87
N ASN D 324 39.58 12.53 68.90
CA ASN D 324 38.21 12.06 69.00
C ASN D 324 37.19 13.20 69.08
N ILE D 325 37.59 14.44 68.78
CA ILE D 325 36.66 15.56 68.64
C ILE D 325 36.78 16.11 67.22
N TYR D 326 35.65 16.17 66.52
CA TYR D 326 35.56 16.56 65.12
C TYR D 326 34.56 17.70 64.99
N ALA D 327 34.56 18.35 63.82
CA ALA D 327 33.62 19.44 63.54
C ALA D 327 33.34 19.51 62.06
N ILE D 328 32.06 19.64 61.70
CA ILE D 328 31.60 19.74 60.32
C ILE D 328 30.57 20.85 60.22
N GLY D 329 30.26 21.26 58.98
CA GLY D 329 29.18 22.22 58.75
C GLY D 329 29.59 23.67 58.96
N ASP D 330 28.60 24.52 59.19
CA ASP D 330 28.86 25.96 59.31
C ASP D 330 29.78 26.31 60.47
N ILE D 331 29.95 25.45 61.48
CA ILE D 331 30.81 25.80 62.60
C ILE D 331 32.26 25.90 62.16
N THR D 332 32.61 25.32 61.00
CA THR D 332 33.97 25.38 60.46
C THR D 332 34.22 26.60 59.58
N ASP D 333 33.18 27.39 59.28
CA ASP D 333 33.34 28.69 58.62
C ASP D 333 33.94 28.57 57.22
N ARG D 334 33.65 27.45 56.56
N ARG D 334 33.64 27.47 56.52
N ARG D 334 33.65 27.45 56.56
N ARG D 334 33.64 27.47 56.52
CA ARG D 334 34.06 27.18 55.19
CA ARG D 334 34.07 27.35 55.13
CA ARG D 334 34.06 27.18 55.19
CA ARG D 334 34.07 27.36 55.13
C ARG D 334 32.95 27.58 54.22
C ARG D 334 32.90 27.63 54.20
C ARG D 334 32.95 27.58 54.22
C ARG D 334 32.89 27.63 54.20
N LEU D 335 32.40 26.60 53.51
CA LEU D 335 31.25 26.78 52.64
C LEU D 335 30.00 26.53 53.46
N MET D 336 29.19 27.57 53.64
CA MET D 336 27.99 27.44 54.48
C MET D 336 26.82 27.04 53.60
N LEU D 337 26.76 25.75 53.27
CA LEU D 337 25.71 25.15 52.45
C LEU D 337 25.28 23.83 53.06
N THR D 338 23.98 23.52 52.95
CA THR D 338 23.50 22.26 53.51
C THR D 338 24.10 21.03 52.84
N PRO D 339 24.18 20.92 51.52
CA PRO D 339 24.77 19.69 50.95
C PRO D 339 26.24 19.51 51.30
N VAL D 340 26.95 20.59 51.59
CA VAL D 340 28.35 20.47 52.00
C VAL D 340 28.44 19.91 53.42
N ALA D 341 27.62 20.42 54.34
CA ALA D 341 27.61 19.88 55.70
C ALA D 341 27.26 18.40 55.70
N ILE D 342 26.32 18.01 54.84
CA ILE D 342 25.92 16.61 54.73
C ILE D 342 27.07 15.76 54.24
N ASN D 343 27.74 16.23 53.19
CA ASN D 343 28.89 15.51 52.63
C ASN D 343 30.02 15.39 53.64
N GLU D 344 30.30 16.45 54.41
CA GLU D 344 31.33 16.36 55.45
C GLU D 344 30.97 15.35 56.52
N GLY D 345 29.69 15.29 56.91
CA GLY D 345 29.28 14.36 57.96
C GLY D 345 29.34 12.91 57.53
N ALA D 346 28.88 12.63 56.30
CA ALA D 346 29.02 11.29 55.73
C ALA D 346 30.48 10.89 55.61
N ALA D 347 31.33 11.81 55.16
CA ALA D 347 32.76 11.52 55.00
C ALA D 347 33.43 11.25 56.35
N LEU D 348 33.12 12.08 57.35
CA LEU D 348 33.69 11.88 58.68
C LEU D 348 33.32 10.50 59.23
N VAL D 349 32.06 10.10 59.11
CA VAL D 349 31.63 8.83 59.68
C VAL D 349 32.22 7.67 58.89
N ASP D 350 32.34 7.81 57.55
CA ASP D 350 33.04 6.80 56.77
C ASP D 350 34.49 6.67 57.24
N THR D 351 35.14 7.80 57.57
CA THR D 351 36.55 7.73 57.96
C THR D 351 36.73 7.15 59.35
N VAL D 352 35.87 7.53 60.30
CA VAL D 352 36.05 7.15 61.69
C VAL D 352 35.47 5.77 61.98
N PHE D 353 34.27 5.47 61.46
CA PHE D 353 33.58 4.22 61.78
C PHE D 353 33.46 3.27 60.61
N GLY D 354 33.67 3.75 59.39
CA GLY D 354 33.78 2.87 58.24
C GLY D 354 35.23 2.49 58.01
N ASN D 355 35.45 1.83 56.89
CA ASN D 355 36.79 1.39 56.52
C ASN D 355 37.20 2.07 55.23
N LYS D 356 36.65 3.26 55.00
CA LYS D 356 36.85 4.04 53.78
C LYS D 356 37.18 5.47 54.19
N PRO D 357 38.45 5.79 54.43
CA PRO D 357 38.83 7.19 54.63
C PRO D 357 38.42 8.03 53.42
N ARG D 358 37.92 9.23 53.69
CA ARG D 358 37.38 10.06 52.63
C ARG D 358 37.32 11.50 53.15
N LYS D 359 37.63 12.45 52.27
CA LYS D 359 37.55 13.86 52.60
C LYS D 359 36.66 14.58 51.59
N THR D 360 35.98 15.62 52.06
CA THR D 360 35.09 16.41 51.21
C THR D 360 35.90 17.30 50.26
N ASP D 361 35.47 17.33 49.00
CA ASP D 361 36.06 18.22 48.00
C ASP D 361 35.27 19.52 48.04
N HIS D 362 35.90 20.61 48.45
CA HIS D 362 35.19 21.88 48.59
C HIS D 362 35.24 22.72 47.32
N THR D 363 35.79 22.19 46.23
CA THR D 363 35.87 22.88 44.96
C THR D 363 34.78 22.37 44.02
N ARG D 364 34.39 23.23 43.09
CA ARG D 364 33.43 22.86 42.04
C ARG D 364 32.08 22.45 42.64
N VAL D 365 31.73 23.04 43.77
CA VAL D 365 30.43 22.80 44.38
C VAL D 365 29.39 23.69 43.70
N ALA D 366 28.35 23.07 43.15
CA ALA D 366 27.26 23.85 42.57
C ALA D 366 26.39 24.45 43.67
N SER D 367 25.86 25.64 43.41
CA SER D 367 25.00 26.33 44.38
C SER D 367 24.06 27.28 43.64
N ALA D 368 23.11 27.85 44.37
CA ALA D 368 22.06 28.66 43.75
C ALA D 368 21.71 29.85 44.64
N VAL D 369 21.13 30.88 44.02
CA VAL D 369 20.46 31.96 44.75
C VAL D 369 19.04 32.04 44.22
N PHE D 370 18.07 32.01 45.14
CA PHE D 370 16.67 32.04 44.71
C PHE D 370 16.12 33.46 44.70
N SER D 371 16.85 34.31 43.97
CA SER D 371 16.32 35.56 43.47
C SER D 371 15.29 35.28 42.39
N ILE D 372 14.60 36.33 41.94
CA ILE D 372 13.57 36.22 40.93
C ILE D 372 13.97 37.10 39.74
N PRO D 373 14.48 36.50 38.64
CA PRO D 373 14.81 35.08 38.41
C PRO D 373 16.06 34.65 39.18
N PRO D 374 16.33 33.35 39.26
CA PRO D 374 17.40 32.86 40.14
C PRO D 374 18.76 32.70 39.46
N ILE D 375 19.76 32.42 40.30
CA ILE D 375 21.15 32.16 39.86
C ILE D 375 21.46 30.68 40.10
N GLY D 376 22.17 30.08 39.15
CA GLY D 376 22.82 28.80 39.41
C GLY D 376 24.28 28.90 38.99
N THR D 377 25.18 28.37 39.83
CA THR D 377 26.61 28.51 39.53
C THR D 377 27.41 27.31 40.05
N CYS D 378 28.53 27.04 39.38
CA CYS D 378 29.47 26.00 39.77
C CYS D 378 30.87 26.40 39.32
N GLY D 379 31.84 26.38 40.24
CA GLY D 379 33.24 26.62 39.88
C GLY D 379 33.65 28.08 39.97
N LEU D 380 34.79 28.37 39.35
CA LEU D 380 35.46 29.65 39.53
C LEU D 380 34.84 30.76 38.70
N ILE D 381 34.78 31.96 39.28
CA ILE D 381 34.52 33.16 38.48
C ILE D 381 35.81 33.61 37.78
N GLU D 382 35.64 34.37 36.71
CA GLU D 382 36.75 34.57 35.77
C GLU D 382 37.90 35.34 36.40
N GLU D 383 37.62 36.30 37.28
CA GLU D 383 38.70 37.06 37.89
C GLU D 383 39.58 36.18 38.77
N VAL D 384 38.98 35.17 39.41
CA VAL D 384 39.74 34.22 40.21
C VAL D 384 40.52 33.27 39.30
N ALA D 385 39.91 32.85 38.19
CA ALA D 385 40.60 31.96 37.25
C ALA D 385 41.81 32.65 36.61
N ALA D 386 41.66 33.94 36.27
CA ALA D 386 42.75 34.65 35.60
C ALA D 386 43.98 34.80 36.48
N LYS D 387 43.82 34.79 37.81
CA LYS D 387 44.95 34.83 38.72
C LYS D 387 45.64 33.48 38.86
N GLU D 388 44.97 32.37 38.54
CA GLU D 388 45.54 31.05 38.74
C GLU D 388 45.95 30.35 37.45
N PHE D 389 45.52 30.87 36.29
CA PHE D 389 45.85 30.28 34.99
C PHE D 389 46.38 31.34 34.05
N GLU D 390 47.29 30.93 33.18
CA GLU D 390 47.94 31.89 32.29
C GLU D 390 46.99 32.40 31.23
N LYS D 391 46.17 31.52 30.66
CA LYS D 391 45.24 31.88 29.58
C LYS D 391 43.86 31.36 29.93
N VAL D 392 42.92 32.27 30.09
CA VAL D 392 41.52 31.95 30.42
C VAL D 392 40.64 32.42 29.28
N ALA D 393 39.67 31.59 28.88
CA ALA D 393 38.68 31.99 27.89
C ALA D 393 37.31 32.12 28.53
N VAL D 394 36.51 33.09 28.07
CA VAL D 394 35.17 33.33 28.61
C VAL D 394 34.18 33.28 27.45
N TYR D 395 33.22 32.35 27.53
CA TYR D 395 32.15 32.20 26.55
C TYR D 395 30.88 32.75 27.19
N MET D 396 30.23 33.69 26.52
CA MET D 396 29.10 34.39 27.12
C MET D 396 27.93 34.48 26.15
N SER D 397 26.72 34.22 26.65
CA SER D 397 25.48 34.45 25.92
C SER D 397 24.52 35.18 26.83
N SER D 398 23.81 36.17 26.28
CA SER D 398 22.88 36.95 27.09
C SER D 398 21.83 37.55 26.17
N PHE D 399 20.56 37.43 26.56
CA PHE D 399 19.43 37.78 25.70
C PHE D 399 18.14 37.63 26.48
N THR D 400 17.12 38.44 26.16
CA THR D 400 15.81 38.20 26.73
C THR D 400 15.20 36.98 26.04
N PRO D 401 14.84 35.92 26.76
CA PRO D 401 14.16 34.79 26.12
C PRO D 401 12.86 35.24 25.47
N LEU D 402 12.46 34.50 24.43
CA LEU D 402 11.28 34.88 23.64
C LEU D 402 10.02 34.93 24.50
N MET D 403 9.85 33.97 25.42
CA MET D 403 8.62 33.96 26.19
C MET D 403 8.44 35.24 26.99
N HIS D 404 9.54 35.86 27.44
CA HIS D 404 9.42 37.10 28.19
C HIS D 404 9.27 38.33 27.30
N ASN D 405 9.45 38.20 25.99
CA ASN D 405 8.92 39.22 25.10
C ASN D 405 7.39 39.22 25.15
N ILE D 406 6.79 38.04 25.08
CA ILE D 406 5.34 37.91 25.12
C ILE D 406 4.80 38.18 26.53
N SER D 407 5.54 37.78 27.55
CA SER D 407 5.08 37.95 28.93
C SER D 407 5.05 39.41 29.33
N GLY D 408 5.87 40.24 28.71
CA GLY D 408 6.01 41.64 29.09
C GLY D 408 7.19 41.92 30.00
N SER D 409 7.80 40.90 30.58
CA SER D 409 8.94 41.09 31.48
C SER D 409 10.25 41.13 30.70
N LYS D 410 10.36 42.15 29.82
CA LYS D 410 11.48 42.18 28.90
C LYS D 410 12.81 42.44 29.60
N TYR D 411 12.79 42.92 30.84
CA TYR D 411 14.00 43.10 31.63
C TYR D 411 14.65 41.79 32.07
N LYS D 412 13.99 40.65 31.86
CA LYS D 412 14.48 39.37 32.37
C LYS D 412 15.48 38.75 31.38
N LYS D 413 16.69 39.29 31.39
CA LYS D 413 17.75 38.78 30.54
C LYS D 413 18.31 37.49 31.11
N PHE D 414 18.37 36.45 30.26
CA PHE D 414 19.09 35.23 30.60
C PHE D 414 20.57 35.40 30.32
N VAL D 415 21.42 35.00 31.27
CA VAL D 415 22.87 35.06 31.11
C VAL D 415 23.45 33.67 31.29
N ALA D 416 24.28 33.24 30.33
CA ALA D 416 25.03 31.98 30.45
C ALA D 416 26.51 32.24 30.18
N LYS D 417 27.37 31.86 31.15
CA LYS D 417 28.81 32.08 30.99
C LYS D 417 29.58 30.81 31.33
N ILE D 418 30.55 30.47 30.48
CA ILE D 418 31.47 29.35 30.70
C ILE D 418 32.88 29.91 30.74
N VAL D 419 33.61 29.61 31.82
CA VAL D 419 35.01 30.04 32.01
C VAL D 419 35.90 28.82 31.84
N THR D 420 36.90 28.91 30.94
CA THR D 420 37.77 27.77 30.65
C THR D 420 39.24 28.11 30.91
N ASN D 421 40.02 27.05 31.10
CA ASN D 421 41.48 27.11 31.00
C ASN D 421 41.78 26.92 29.52
N HIS D 422 42.11 28.02 28.84
CA HIS D 422 42.22 27.97 27.37
C HIS D 422 43.42 27.16 26.89
N SER D 423 44.37 26.83 27.76
CA SER D 423 45.49 26.01 27.31
C SER D 423 45.05 24.60 26.96
N ASP D 424 44.03 24.04 27.63
CA ASP D 424 43.54 22.71 27.31
C ASP D 424 42.03 22.60 27.16
N GLY D 425 41.27 23.67 27.39
CA GLY D 425 39.82 23.66 27.24
C GLY D 425 39.04 23.23 28.47
N THR D 426 39.70 22.92 29.57
CA THR D 426 38.99 22.48 30.78
C THR D 426 38.04 23.56 31.26
N VAL D 427 36.79 23.18 31.52
CA VAL D 427 35.82 24.13 32.06
C VAL D 427 36.14 24.37 33.53
N LEU D 428 36.38 25.62 33.89
CA LEU D 428 36.70 25.98 35.26
C LEU D 428 35.50 26.50 36.03
N GLY D 429 34.48 27.02 35.35
CA GLY D 429 33.29 27.51 36.02
C GLY D 429 32.15 27.75 35.04
N VAL D 430 30.91 27.62 35.52
CA VAL D 430 29.71 27.90 34.72
C VAL D 430 28.78 28.76 35.57
N HIS D 431 28.21 29.80 34.97
CA HIS D 431 27.47 30.80 35.72
C HIS D 431 26.20 31.15 34.95
N LEU D 432 25.04 31.09 35.63
CA LEU D 432 23.74 31.17 34.98
C LEU D 432 22.80 32.07 35.77
N LEU D 433 22.06 32.92 35.06
CA LEU D 433 20.99 33.73 35.64
C LEU D 433 19.77 33.59 34.76
N GLY D 434 18.62 33.22 35.35
CA GLY D 434 17.39 33.06 34.58
C GLY D 434 16.55 31.91 35.08
N ASP D 435 15.30 31.82 34.62
CA ASP D 435 14.38 30.78 35.08
C ASP D 435 15.00 29.40 34.88
N GLY D 436 14.98 28.60 35.95
CA GLY D 436 15.47 27.25 35.91
C GLY D 436 16.96 27.09 36.13
N ALA D 437 17.69 28.18 36.34
CA ALA D 437 19.15 28.10 36.51
C ALA D 437 19.58 27.14 37.61
N PRO D 438 18.95 27.11 38.81
CA PRO D 438 19.38 26.12 39.81
C PRO D 438 19.19 24.67 39.36
N GLU D 439 18.13 24.39 38.59
CA GLU D 439 17.92 23.03 38.08
C GLU D 439 18.93 22.69 36.99
N ILE D 440 19.28 23.68 36.17
CA ILE D 440 20.21 23.43 35.06
C ILE D 440 21.59 23.08 35.59
N ILE D 441 22.02 23.75 36.66
CA ILE D 441 23.41 23.67 37.08
C ILE D 441 23.77 22.34 37.74
N GLN D 442 22.79 21.57 38.23
CA GLN D 442 23.15 20.40 39.03
C GLN D 442 23.99 19.41 38.24
N ALA D 443 23.53 19.03 37.03
CA ALA D 443 24.34 18.12 36.22
C ALA D 443 25.60 18.78 35.68
N VAL D 444 25.64 20.10 35.66
CA VAL D 444 26.91 20.78 35.35
C VAL D 444 27.94 20.44 36.43
N GLY D 445 27.51 20.35 37.69
CA GLY D 445 28.42 19.95 38.73
C GLY D 445 29.03 18.58 38.48
N VAL D 446 28.26 17.66 37.93
CA VAL D 446 28.80 16.35 37.58
C VAL D 446 29.83 16.49 36.45
N CYS D 447 29.53 17.33 35.46
CA CYS D 447 30.46 17.56 34.36
C CYS D 447 31.82 18.03 34.86
N LEU D 448 31.83 18.95 35.82
CA LEU D 448 33.11 19.52 36.23
C LEU D 448 33.90 18.52 37.07
N ARG D 449 33.22 17.66 37.82
CA ARG D 449 33.98 16.64 38.51
C ARG D 449 34.52 15.59 37.54
N LEU D 450 33.96 15.51 36.34
CA LEU D 450 34.50 14.70 35.26
C LEU D 450 35.51 15.46 34.39
N ASN D 451 35.93 16.65 34.82
CA ASN D 451 36.93 17.45 34.09
C ASN D 451 36.50 17.68 32.64
N ALA D 452 35.22 18.02 32.44
CA ALA D 452 34.71 18.32 31.12
C ALA D 452 35.45 19.50 30.49
N LYS D 453 35.61 19.45 29.16
CA LYS D 453 36.12 20.57 28.39
C LYS D 453 35.00 21.27 27.62
N ILE D 454 35.28 22.49 27.15
CA ILE D 454 34.27 23.24 26.40
C ILE D 454 33.86 22.48 25.16
N SER D 455 34.76 21.68 24.59
CA SER D 455 34.41 20.88 23.43
C SER D 455 33.43 19.76 23.79
N ASP D 456 33.47 19.26 25.03
CA ASP D 456 32.46 18.28 25.43
C ASP D 456 31.08 18.92 25.47
N PHE D 457 30.98 20.14 25.99
CA PHE D 457 29.72 20.88 25.96
C PHE D 457 29.26 21.12 24.53
N TYR D 458 30.13 21.70 23.69
CA TYR D 458 29.71 22.08 22.34
C TYR D 458 29.43 20.88 21.46
N ASN D 459 30.11 19.75 21.69
CA ASN D 459 29.83 18.56 20.90
C ASN D 459 28.50 17.91 21.25
N THR D 460 27.96 18.21 22.43
CA THR D 460 26.70 17.63 22.89
C THR D 460 25.53 18.29 22.18
N ILE D 461 24.56 17.49 21.74
CA ILE D 461 23.42 18.03 21.00
C ILE D 461 22.42 18.65 21.96
N GLY D 462 21.96 19.86 21.65
CA GLY D 462 21.09 20.57 22.57
C GLY D 462 19.69 19.98 22.61
N VAL D 463 19.00 20.25 23.74
CA VAL D 463 17.57 20.02 23.88
C VAL D 463 16.87 21.33 23.50
N HIS D 464 15.90 21.24 22.58
CA HIS D 464 15.31 22.45 22.03
C HIS D 464 13.79 22.38 22.13
N PRO D 465 13.14 23.46 22.56
CA PRO D 465 13.72 24.74 23.00
C PRO D 465 13.91 24.78 24.50
N THR D 466 15.12 25.04 25.00
CA THR D 466 15.35 25.26 26.42
C THR D 466 16.27 26.46 26.58
N SER D 467 16.40 26.93 27.82
CA SER D 467 17.49 27.83 28.15
C SER D 467 18.82 27.07 28.21
N ALA D 468 18.79 25.83 28.69
CA ALA D 468 20.03 25.11 28.96
C ALA D 468 20.84 24.87 27.69
N GLU D 469 20.18 24.78 26.53
CA GLU D 469 20.93 24.47 25.31
C GLU D 469 21.93 25.56 24.94
N GLU D 470 21.83 26.75 25.55
CA GLU D 470 22.83 27.78 25.34
C GLU D 470 24.23 27.27 25.71
N LEU D 471 24.34 26.41 26.73
CA LEU D 471 25.63 25.88 27.17
C LEU D 471 26.26 24.92 26.19
N CYS D 472 25.50 24.43 25.21
CA CYS D 472 26.01 23.51 24.22
C CYS D 472 26.13 24.15 22.84
N SER D 473 25.98 25.48 22.77
CA SER D 473 25.98 26.20 21.50
C SER D 473 27.07 27.26 21.42
N MET D 474 28.02 27.25 22.35
CA MET D 474 29.10 28.24 22.38
C MET D 474 30.43 27.57 22.02
N ARG D 475 31.02 27.98 20.90
CA ARG D 475 32.32 27.49 20.47
C ARG D 475 33.40 28.57 20.37
N THR D 476 33.04 29.85 20.31
CA THR D 476 34.01 30.93 20.13
C THR D 476 34.01 31.82 21.36
N PRO D 477 35.15 32.03 22.01
CA PRO D 477 35.18 32.87 23.21
C PRO D 477 34.72 34.29 22.90
N SER D 478 34.18 34.95 23.93
CA SER D 478 33.83 36.36 23.85
C SER D 478 35.05 37.23 24.14
N TYR D 479 35.89 36.80 25.07
CA TYR D 479 37.13 37.50 25.39
C TYR D 479 38.02 36.53 26.17
N TYR D 480 39.16 37.04 26.62
CA TYR D 480 40.22 36.24 27.23
C TYR D 480 40.83 37.00 28.38
N TYR D 481 41.55 36.28 29.24
CA TYR D 481 42.51 36.86 30.17
C TYR D 481 43.86 36.21 29.90
N VAL D 482 44.89 37.03 29.73
CA VAL D 482 46.26 36.55 29.52
C VAL D 482 47.15 37.16 30.60
N LYS D 483 47.81 36.32 31.37
CA LYS D 483 48.63 36.74 32.51
C LYS D 483 47.84 37.64 33.47
N GLY D 484 46.51 37.58 33.44
CA GLY D 484 45.66 38.36 34.31
C GLY D 484 44.97 39.54 33.67
N GLU D 485 45.13 39.74 32.36
CA GLU D 485 44.65 40.94 31.69
C GLU D 485 43.63 40.59 30.63
N LYS D 486 42.48 41.27 30.68
CA LYS D 486 41.39 41.06 29.74
C LYS D 486 41.76 41.58 28.35
N MET D 487 41.23 40.92 27.32
CA MET D 487 41.41 41.31 25.91
C MET D 487 40.54 40.41 25.04
N GLU D 488 40.23 40.89 23.83
CA GLU D 488 39.30 40.18 22.95
C GLU D 488 40.00 39.36 21.86
N LYS D 489 41.33 39.36 21.79
CA LYS D 489 41.98 38.83 20.59
C LYS D 489 42.91 37.65 20.83
N LEU D 490 43.71 37.67 21.89
CA LEU D 490 44.78 36.69 22.15
C LEU D 490 45.99 36.97 21.25
PA FAD E . -6.95 -26.29 -10.31
O1A FAD E . -7.13 -24.93 -9.77
O2A FAD E . -7.81 -26.82 -11.40
O5B FAD E . -7.02 -27.30 -9.05
C5B FAD E . -6.33 -26.99 -7.84
C4B FAD E . -7.14 -27.60 -6.68
O4B FAD E . -6.33 -27.59 -5.48
C3B FAD E . -8.44 -26.85 -6.33
O3B FAD E . -9.55 -27.75 -6.49
C2B FAD E . -8.20 -26.43 -4.86
O2B FAD E . -9.35 -26.50 -4.10
C1B FAD E . -7.17 -27.44 -4.36
N9A FAD E . -6.30 -27.08 -3.29
C8A FAD E . -5.62 -25.90 -3.15
N7A FAD E . -4.83 -25.89 -2.11
C5A FAD E . -4.98 -27.13 -1.54
C6A FAD E . -4.43 -27.75 -0.41
N6A FAD E . -3.53 -27.18 0.41
N1A FAD E . -4.82 -29.01 -0.14
C2A FAD E . -5.69 -29.61 -0.94
N3A FAD E . -6.27 -29.14 -2.03
C4A FAD E . -5.89 -27.88 -2.27
N1 FAD E . -8.56 -22.22 -18.56
C2 FAD E . -8.80 -22.65 -19.82
O2 FAD E . -8.07 -23.45 -20.40
N3 FAD E . -9.94 -22.17 -20.47
C4 FAD E . -10.86 -21.31 -19.97
O4 FAD E . -11.85 -20.95 -20.60
C4X FAD E . -10.56 -20.86 -18.59
N5 FAD E . -11.38 -20.04 -18.00
C5X FAD E . -11.10 -19.64 -16.73
C6 FAD E . -11.97 -18.74 -16.07
C7 FAD E . -11.74 -18.32 -14.78
C7M FAD E . -12.68 -17.37 -14.07
C8 FAD E . -10.58 -18.80 -14.10
C8M FAD E . -10.29 -18.36 -12.70
C9 FAD E . -9.72 -19.69 -14.73
C9A FAD E . -9.96 -20.12 -16.04
N10 FAD E . -9.12 -21.00 -16.70
C10 FAD E . -9.38 -21.40 -17.98
C1' FAD E . -7.89 -21.51 -16.04
C2' FAD E . -8.02 -22.88 -15.42
O2' FAD E . -9.10 -22.81 -14.50
C3' FAD E . -6.69 -23.27 -14.76
O3' FAD E . -5.63 -23.04 -15.69
C4' FAD E . -6.67 -24.76 -14.34
O4' FAD E . -7.82 -25.05 -13.57
C5' FAD E . -5.42 -25.04 -13.54
O5' FAD E . -5.41 -26.43 -13.22
P FAD E . -4.52 -26.95 -11.95
O1P FAD E . -4.60 -28.44 -12.05
O2P FAD E . -3.27 -26.17 -11.92
O3P FAD E . -5.37 -26.41 -10.66
N1 IMD F . -39.27 -6.45 -32.91
C2 IMD F . -38.63 -6.59 -31.75
N3 IMD F . -37.75 -7.56 -31.90
C4 IMD F . -37.82 -8.05 -33.18
C5 IMD F . -38.80 -7.35 -33.82
C1 PEG G . -13.11 -10.01 -0.91
O1 PEG G . -11.98 -9.27 -0.49
C2 PEG G . -12.74 -11.01 -1.98
O2 PEG G . -12.13 -12.14 -1.40
C3 PEG G . -10.79 -12.29 -1.81
C4 PEG G . -10.73 -12.97 -3.16
O4 PEG G . -9.38 -13.16 -3.53
C1 PEG H . 10.90 -23.17 0.82
O1 PEG H . 12.31 -23.18 0.95
C2 PEG H . 10.45 -21.99 -0.02
O2 PEG H . 9.76 -21.03 0.75
C3 PEG H . 8.57 -21.54 1.28
C4 PEG H . 7.48 -20.49 1.23
O4 PEG H . 6.29 -21.04 0.68
N1 NZD I . -13.34 -13.32 -48.73
N3 NZD I . -16.82 -9.94 -47.50
C4 NZD I . -15.47 -12.40 -47.93
C5 NZD I . -14.77 -13.19 -49.03
C6 NZD I . -15.50 -9.91 -47.85
C7 NZD I . -17.69 -8.85 -47.25
C8 NZD I . -19.04 -9.11 -47.03
C10 NZD I . -19.47 -6.77 -46.81
C1 NZD I . -12.67 -14.13 -49.75
C11 NZD I . -18.13 -6.50 -47.02
C12 NZD I . -17.24 -7.54 -47.24
C2 NZD I . -12.74 -12.00 -48.64
C3 NZD I . -13.39 -11.19 -47.53
C9 NZD I . -19.92 -8.07 -46.81
N2 NZD I . -14.84 -11.09 -47.76
O1 NZD I . -14.93 -8.90 -48.22
BR BR J . -32.72 -11.78 -11.97
BR BR K . 1.41 -20.13 -51.49
PA FAD L . -21.96 -21.65 -61.85
O1A FAD L . -23.27 -22.39 -61.85
O2A FAD L . -21.45 -20.90 -60.65
O5B FAD L . -22.15 -20.60 -63.09
C5B FAD L . -22.65 -21.05 -64.35
C4B FAD L . -23.16 -19.79 -65.03
O4B FAD L . -23.32 -20.04 -66.43
C3B FAD L . -24.49 -19.27 -64.52
O3B FAD L . -24.31 -17.93 -64.08
C2B FAD L . -25.40 -19.36 -65.76
O2B FAD L . -26.34 -18.32 -65.81
C1B FAD L . -24.40 -19.29 -66.91
N9A FAD L . -24.76 -19.92 -68.14
C8A FAD L . -25.30 -21.18 -68.29
N7A FAD L . -25.47 -21.50 -69.55
C5A FAD L . -25.03 -20.41 -70.27
C6A FAD L . -24.95 -20.13 -71.65
N6A FAD L . -25.34 -20.97 -72.62
N1A FAD L . -24.44 -18.94 -72.01
C2A FAD L . -24.05 -18.09 -71.08
N3A FAD L . -24.07 -18.25 -69.76
C4A FAD L . -24.57 -19.43 -69.41
N1 FAD L . -21.55 -25.24 -53.18
C2 FAD L . -20.73 -25.06 -52.11
O2 FAD L . -19.52 -25.20 -52.17
N3 FAD L . -21.28 -24.71 -50.89
C4 FAD L . -22.62 -24.54 -50.63
O4 FAD L . -23.01 -24.23 -49.55
C4X FAD L . -23.49 -24.73 -51.82
N5 FAD L . -24.77 -24.58 -51.70
C5X FAD L . -25.54 -24.74 -52.82
C6 FAD L . -26.93 -24.58 -52.71
C7 FAD L . -27.79 -24.72 -53.78
C7M FAD L . -29.29 -24.54 -53.60
C8 FAD L . -27.25 -25.05 -55.03
C8M FAD L . -28.15 -25.23 -56.21
C9 FAD L . -25.88 -25.24 -55.16
C9A FAD L . -25.00 -25.08 -54.08
N10 FAD L . -23.63 -25.25 -54.17
C10 FAD L . -22.85 -25.07 -53.06
C1' FAD L . -22.99 -25.61 -55.45
C2' FAD L . -22.38 -24.41 -56.20
O2' FAD L . -23.38 -23.43 -56.33
C3' FAD L . -21.82 -24.87 -57.56
O3' FAD L . -20.90 -25.97 -57.38
C4' FAD L . -21.07 -23.75 -58.30
O4' FAD L . -21.86 -22.57 -58.35
C5' FAD L . -20.71 -24.23 -59.71
O5' FAD L . -19.71 -23.37 -60.22
P FAD L . -19.48 -23.33 -61.84
O1P FAD L . -18.38 -22.39 -62.13
O2P FAD L . -19.53 -24.71 -62.40
O3P FAD L . -20.87 -22.69 -62.39
N1 IMD M . -40.62 -17.99 -24.21
C2 IMD M . -40.73 -17.75 -22.92
N3 IMD M . -39.53 -17.42 -22.48
C4 IMD M . -38.63 -17.45 -23.51
C5 IMD M . -39.32 -17.82 -24.62
N1 NZD N . -14.97 -35.02 -23.75
N3 NZD N . -19.70 -34.27 -22.40
C4 NZD N . -17.13 -33.91 -23.34
C5 NZD N . -15.67 -34.05 -22.91
C6 NZD N . -19.02 -35.40 -22.76
C7 NZD N . -20.72 -34.17 -21.43
C8 NZD N . -21.95 -33.62 -21.76
C10 NZD N . -22.69 -33.92 -19.50
C1 NZD N . -13.55 -35.11 -23.37
C11 NZD N . -21.47 -34.47 -19.16
C12 NZD N . -20.48 -34.60 -20.13
C2 NZD N . -15.62 -36.32 -23.61
C3 NZD N . -17.07 -36.24 -24.06
C9 NZD N . -22.93 -33.50 -20.79
N2 NZD N . -17.79 -35.21 -23.30
O1 NZD N . -19.49 -36.52 -22.60
BR BR O . -29.66 -45.82 -48.45
BR BR P . -35.63 -39.29 -53.88
PA FAD Q . 12.36 21.64 8.32
O1A FAD Q . 11.03 20.93 8.30
O2A FAD Q . 12.80 22.49 9.50
O5B FAD Q . 12.52 22.47 6.93
C5B FAD Q . 12.01 21.96 5.70
C4B FAD Q . 11.60 23.16 4.84
O4B FAD Q . 11.57 22.78 3.46
C3B FAD Q . 10.23 23.77 5.16
O3B FAD Q . 10.43 25.12 5.54
C2B FAD Q . 9.44 23.63 3.86
O2B FAD Q . 8.63 24.73 3.60
C1B FAD Q . 10.55 23.46 2.79
N9A FAD Q . 10.25 22.70 1.59
C8A FAD Q . 9.60 21.49 1.49
N7A FAD Q . 9.49 21.05 0.26
C5A FAD Q . 10.10 22.01 -0.50
C6A FAD Q . 10.34 22.14 -1.89
N6A FAD Q . 9.95 21.23 -2.79
N1A FAD Q . 10.98 23.22 -2.31
C2A FAD Q . 11.39 24.15 -1.43
N3A FAD Q . 11.22 24.14 -0.12
C4A FAD Q . 10.58 23.05 0.30
N1 FAD Q . 11.91 19.21 17.34
C2 FAD Q . 12.63 19.46 18.47
O2 FAD Q . 13.82 19.29 18.53
N3 FAD Q . 11.95 19.92 19.59
C4 FAD Q . 10.62 20.15 19.71
O4 FAD Q . 10.13 20.56 20.73
C4X FAD Q . 9.86 19.87 18.48
N5 FAD Q . 8.58 20.07 18.46
C5X FAD Q . 7.92 19.82 17.31
C6 FAD Q . 6.52 20.02 17.27
C7 FAD Q . 5.79 19.79 16.14
C7M FAD Q . 4.30 20.02 16.13
C8 FAD Q . 6.46 19.34 14.95
C8M FAD Q . 5.71 19.04 13.70
C9 FAD Q . 7.81 19.11 14.98
C9A FAD Q . 8.57 19.36 16.14
N10 FAD Q . 9.92 19.14 16.19
C10 FAD Q . 10.61 19.40 17.34
C1' FAD Q . 10.69 18.66 15.02
C2' FAD Q . 11.38 19.75 14.20
O2' FAD Q . 10.42 20.65 13.73
C3' FAD Q . 12.06 19.06 12.98
O3' FAD Q . 12.80 17.96 13.46
C4' FAD Q . 12.98 20.01 12.21
O4' FAD Q . 12.32 21.21 11.93
C5' FAD Q . 13.45 19.35 10.92
O5' FAD Q . 14.44 20.18 10.35
P FAD Q . 14.78 19.96 8.78
O1P FAD Q . 15.86 20.92 8.42
O2P FAD Q . 14.75 18.51 8.47
O3P FAD Q . 13.44 20.49 8.02
N1 IMD R . -9.57 32.05 43.81
C2 IMD R . -9.44 32.41 45.07
N3 IMD R . -8.18 32.27 45.40
C4 IMD R . -7.47 31.81 44.33
C5 IMD R . -8.35 31.66 43.31
C1 PEG S . -6.32 17.60 4.50
O1 PEG S . -7.23 18.07 3.53
C2 PEG S . -5.46 18.70 5.07
O2 PEG S . -4.88 18.29 6.29
C3 PEG S . -4.05 17.15 6.13
C4 PEG S . -2.71 17.56 5.62
O4 PEG S . -1.76 17.47 6.66
C1 PEG T . 19.90 -11.30 26.83
O1 PEG T . 18.52 -10.96 26.75
C2 PEG T . 20.66 -10.20 27.54
O2 PEG T . 21.89 -10.68 28.03
C3 PEG T . 22.86 -10.90 27.05
C4 PEG T . 23.65 -9.63 26.82
O4 PEG T . 24.81 -9.92 26.08
N1 IMD U . 27.47 4.33 43.65
C2 IMD U . 28.57 3.71 44.05
N3 IMD U . 29.29 4.59 44.73
C4 IMD U . 28.64 5.80 44.78
C5 IMD U . 27.49 5.63 44.09
N1 NZD V . 14.91 13.29 48.38
N3 NZD V . 10.23 13.84 49.66
C4 NZD V . 12.70 14.34 48.43
C5 NZD V . 14.10 14.32 49.03
C6 NZD V . 10.99 12.76 49.32
C7 NZD V . 8.84 13.86 49.93
C8 NZD V . 8.04 12.74 49.76
C10 NZD V . 6.11 13.98 50.48
C1 NZD V . 16.28 13.31 48.91
C11 NZD V . 6.90 15.10 50.66
C12 NZD V . 8.26 15.04 50.39
C2 NZD V . 14.30 11.99 48.58
C3 NZD V . 12.91 11.96 47.97
C9 NZD V . 6.68 12.81 50.04
N2 NZD V . 12.08 13.01 48.54
O1 NZD V . 10.72 11.62 49.68
PA FAD W . 22.52 23.40 61.26
O1A FAD W . 22.49 24.89 61.49
O2A FAD W . 21.78 22.77 60.12
O5B FAD W . 22.21 22.67 62.67
C5B FAD W . 22.78 23.13 63.88
C4B FAD W . 21.80 22.74 64.99
O4B FAD W . 22.47 22.81 66.25
C3B FAD W . 20.57 23.64 65.11
O3B FAD W . 19.38 22.84 64.98
C2B FAD W . 20.71 24.29 66.49
O2B FAD W . 19.46 24.45 67.09
C1B FAD W . 21.58 23.27 67.22
N9A FAD W . 22.41 23.73 68.29
C8A FAD W . 23.15 24.87 68.33
N7A FAD W . 23.84 24.97 69.44
C5A FAD W . 23.52 23.83 70.17
C6A FAD W . 23.93 23.32 71.43
N6A FAD W . 24.78 23.96 72.22
N1A FAD W . 23.43 22.16 71.84
C2A FAD W . 22.57 21.51 71.05
N3A FAD W . 22.13 21.87 69.85
C4A FAD W . 22.63 23.05 69.46
N1 FAD W . 21.95 26.32 52.32
C2 FAD W . 21.76 25.73 51.11
O2 FAD W . 22.46 24.83 50.70
N3 FAD W . 20.73 26.18 50.29
C4 FAD W . 19.84 27.18 50.58
O4 FAD W . 18.95 27.48 49.80
C4X FAD W . 20.06 27.78 51.92
N5 FAD W . 19.28 28.74 52.33
C5X FAD W . 19.47 29.29 53.55
C6 FAD W . 18.62 30.34 53.99
C7 FAD W . 18.77 30.93 55.23
C7M FAD W . 17.87 32.04 55.70
C8 FAD W . 19.82 30.50 56.08
C8M FAD W . 20.00 31.13 57.44
C9 FAD W . 20.66 29.48 55.68
C9A FAD W . 20.51 28.86 54.42
N10 FAD W . 21.34 27.85 53.97
C10 FAD W . 21.15 27.27 52.73
C1' FAD W . 22.45 27.38 54.82
C2' FAD W . 22.21 26.05 55.53
O2' FAD W . 21.08 26.28 56.34
C3' FAD W . 23.43 25.69 56.41
O3' FAD W . 24.62 25.65 55.61
C4' FAD W . 23.25 24.34 57.11
O4' FAD W . 22.01 24.30 57.82
C5' FAD W . 24.43 24.11 58.05
O5' FAD W . 24.30 22.76 58.50
P FAD W . 25.00 22.35 59.91
O1P FAD W . 24.85 20.87 59.99
O2P FAD W . 26.31 23.05 60.01
O3P FAD W . 24.10 23.10 61.05
N1 IMD X . 6.95 46.57 37.31
C2 IMD X . 7.08 45.27 37.56
N3 IMD X . 7.26 44.65 36.40
C4 IMD X . 7.24 45.58 35.39
C5 IMD X . 7.05 46.79 35.97
C1 PEG Y . 19.63 37.74 67.08
O1 PEG Y . 19.54 37.38 65.72
C2 PEG Y . 19.23 39.18 67.25
O2 PEG Y . 17.93 39.40 66.75
C3 PEG Y . 16.98 39.66 67.75
C4 PEG Y . 17.46 40.73 68.72
O4 PEG Y . 17.84 41.90 68.03
N1 NZD Z . -0.53 42.65 45.16
N3 NZD Z . 1.62 47.08 45.23
C4 NZD Z . 1.74 43.57 44.93
C5 NZD Z . 0.89 42.40 45.41
C6 NZD Z . 2.17 45.84 45.32
C7 NZD Z . 2.32 48.25 44.84
C8 NZD Z . 3.15 48.91 45.74
C10 NZD Z . 3.77 50.48 44.05
C1 NZD Z . -1.33 41.51 45.58
C11 NZD Z . 2.94 49.84 43.15
C12 NZD Z . 2.21 48.74 43.54
C2 NZD Z . -0.94 43.86 45.86
C3 NZD Z . -0.14 45.06 45.39
C9 NZD Z . 3.87 50.02 45.34
N2 NZD Z . 1.29 44.81 45.56
O1 NZD Z . 3.35 45.62 45.16
N1 NZD AA . 8.61 24.62 71.64
N3 NZD AA . 6.95 28.03 68.40
C4 NZD AA . 8.64 26.09 69.67
C5 NZD AA . 9.16 25.86 71.08
C6 NZD AA . 6.38 26.89 68.88
C7 NZD AA . 6.27 29.02 67.65
C8 NZD AA . 5.81 28.71 66.36
C10 NZD AA . 4.85 30.90 66.19
C1 NZD AA . 9.12 24.37 72.98
C11 NZD AA . 5.30 31.21 67.44
C12 NZD AA . 6.02 30.28 68.18
C2 NZD AA . 7.15 24.69 71.65
C3 NZD AA . 6.61 24.89 70.25
C9 NZD AA . 5.10 29.66 65.65
N2 NZD AA . 7.17 26.11 69.66
O1 NZD AA . 5.23 26.58 68.62
BR BR BA . 18.42 11.35 57.70
BR BR CA . 26.28 45.41 54.43
#